data_1N7F
# 
_entry.id   1N7F 
# 
_audit_conform.dict_name       mmcif_pdbx.dic 
_audit_conform.dict_version    5.387 
_audit_conform.dict_location   http://mmcif.pdb.org/dictionaries/ascii/mmcif_pdbx.dic 
# 
loop_
_database_2.database_id 
_database_2.database_code 
_database_2.pdbx_database_accession 
_database_2.pdbx_DOI 
PDB   1N7F         pdb_00001n7f 10.2210/pdb1n7f/pdb 
RCSB  RCSB017612   ?            ?                   
WWPDB D_1000017612 ?            ?                   
# 
loop_
_pdbx_audit_revision_history.ordinal 
_pdbx_audit_revision_history.data_content_type 
_pdbx_audit_revision_history.major_revision 
_pdbx_audit_revision_history.minor_revision 
_pdbx_audit_revision_history.revision_date 
1 'Structure model' 1 0 2003-08-12 
2 'Structure model' 1 1 2008-04-28 
3 'Structure model' 1 2 2011-07-13 
4 'Structure model' 1 3 2024-03-13 
# 
_pdbx_audit_revision_details.ordinal             1 
_pdbx_audit_revision_details.revision_ordinal    1 
_pdbx_audit_revision_details.data_content_type   'Structure model' 
_pdbx_audit_revision_details.provider            repository 
_pdbx_audit_revision_details.type                'Initial release' 
_pdbx_audit_revision_details.description         ? 
_pdbx_audit_revision_details.details             ? 
# 
loop_
_pdbx_audit_revision_group.ordinal 
_pdbx_audit_revision_group.revision_ordinal 
_pdbx_audit_revision_group.data_content_type 
_pdbx_audit_revision_group.group 
1 2 'Structure model' 'Version format compliance' 
2 3 'Structure model' 'Version format compliance' 
3 4 'Structure model' 'Data collection'           
4 4 'Structure model' 'Database references'       
# 
loop_
_pdbx_audit_revision_category.ordinal 
_pdbx_audit_revision_category.revision_ordinal 
_pdbx_audit_revision_category.data_content_type 
_pdbx_audit_revision_category.category 
1 4 'Structure model' chem_comp_atom 
2 4 'Structure model' chem_comp_bond 
3 4 'Structure model' database_2     
# 
loop_
_pdbx_audit_revision_item.ordinal 
_pdbx_audit_revision_item.revision_ordinal 
_pdbx_audit_revision_item.data_content_type 
_pdbx_audit_revision_item.item 
1 4 'Structure model' '_database_2.pdbx_DOI'                
2 4 'Structure model' '_database_2.pdbx_database_accession' 
# 
_pdbx_database_status.status_code                     REL 
_pdbx_database_status.entry_id                        1N7F 
_pdbx_database_status.recvd_initial_deposition_date   2002-11-14 
_pdbx_database_status.deposit_site                    RCSB 
_pdbx_database_status.process_site                    PDBJ 
_pdbx_database_status.status_code_sf                  REL 
_pdbx_database_status.SG_entry                        . 
_pdbx_database_status.pdb_format_compatible           Y 
_pdbx_database_status.status_code_mr                  ? 
_pdbx_database_status.status_code_cs                  ? 
_pdbx_database_status.status_code_nmr_data            ? 
_pdbx_database_status.methods_development_category    ? 
# 
_pdbx_database_related.db_name        PDB 
_pdbx_database_related.db_id          1N7E 
_pdbx_database_related.details        'the sixth PDZ domain of GRIP1' 
_pdbx_database_related.content_type   unspecified 
# 
loop_
_audit_author.name 
_audit_author.pdbx_ordinal 
'Im, Y.J.'   1 
'Park, S.H.' 2 
'Rho, S.H.'  3 
'Lee, J.H.'  4 
'Kang, G.B.' 5 
'Sheng, M.'  6 
'Kim, E.'    7 
'Eom, S.H.'  8 
# 
_citation.id                        primary 
_citation.title                     
;Crystal structure of GRIP1 PDZ6-peptide complex reveals the structural basis for class II PDZ target recognition and PDZ domain-mediated multimerization
;
_citation.journal_abbrev            J.BIOL.CHEM. 
_citation.journal_volume            278 
_citation.page_first                8501 
_citation.page_last                 8507 
_citation.year                      2003 
_citation.journal_id_ASTM           JBCHA3 
_citation.country                   US 
_citation.journal_id_ISSN           0021-9258 
_citation.journal_id_CSD            0071 
_citation.book_publisher            ? 
_citation.pdbx_database_id_PubMed   12493751 
_citation.pdbx_database_id_DOI      10.1074/jbc.M212263200 
# 
loop_
_citation_author.citation_id 
_citation_author.name 
_citation_author.ordinal 
_citation_author.identifier_ORCID 
primary 'Im, Y.J.'   1 ? 
primary 'Park, S.H.' 2 ? 
primary 'Rho, S.H.'  3 ? 
primary 'Lee, J.H.'  4 ? 
primary 'Kang, G.B.' 5 ? 
primary 'Sheng, M.'  6 ? 
primary 'Kim, E.'    7 ? 
primary 'Eom, S.H.'  8 ? 
# 
loop_
_entity.id 
_entity.type 
_entity.src_method 
_entity.pdbx_description 
_entity.formula_weight 
_entity.pdbx_number_of_molecules 
_entity.pdbx_ec 
_entity.pdbx_mutation 
_entity.pdbx_fragment 
_entity.details 
1 polymer man 'AMPA receptor interacting protein GRIP'          10142.639 2   ? ? 'sixth PDZ domain' ? 
2 polymer syn '8-mer peptide from interacting protein (liprin)' 901.020   2   ? ? ?                  ? 
3 water   nat water                                             18.015    236 ? ? ?                  ? 
# 
_entity_name_com.entity_id   1 
_entity_name_com.name        'glutamate receptor interacting protein 1' 
# 
loop_
_entity_poly.entity_id 
_entity_poly.type 
_entity_poly.nstd_linkage 
_entity_poly.nstd_monomer 
_entity_poly.pdbx_seq_one_letter_code 
_entity_poly.pdbx_seq_one_letter_code_can 
_entity_poly.pdbx_strand_id 
_entity_poly.pdbx_target_identifier 
1 'polypeptide(L)' no no 
;SSGAIIYTVELKRYGGPLGITISGTEEPFDPIIISSLTKGGLAERTGAIHIGDRILAINSSSLKGKPLSEAIHLLQMAGE
TVTLKIKKQTDAQPASS
;
;SSGAIIYTVELKRYGGPLGITISGTEEPFDPIIISSLTKGGLAERTGAIHIGDRILAINSSSLKGKPLSEAIHLLQMAGE
TVTLKIKKQTDAQPASS
;
A,B ? 
2 'polypeptide(L)' no no ATVRTYSC                                                                                             
ATVRTYSC                                                                                             C,D ? 
# 
_pdbx_entity_nonpoly.entity_id   3 
_pdbx_entity_nonpoly.name        water 
_pdbx_entity_nonpoly.comp_id     HOH 
# 
loop_
_entity_poly_seq.entity_id 
_entity_poly_seq.num 
_entity_poly_seq.mon_id 
_entity_poly_seq.hetero 
1 1  SER n 
1 2  SER n 
1 3  GLY n 
1 4  ALA n 
1 5  ILE n 
1 6  ILE n 
1 7  TYR n 
1 8  THR n 
1 9  VAL n 
1 10 GLU n 
1 11 LEU n 
1 12 LYS n 
1 13 ARG n 
1 14 TYR n 
1 15 GLY n 
1 16 GLY n 
1 17 PRO n 
1 18 LEU n 
1 19 GLY n 
1 20 ILE n 
1 21 THR n 
1 22 ILE n 
1 23 SER n 
1 24 GLY n 
1 25 THR n 
1 26 GLU n 
1 27 GLU n 
1 28 PRO n 
1 29 PHE n 
1 30 ASP n 
1 31 PRO n 
1 32 ILE n 
1 33 ILE n 
1 34 ILE n 
1 35 SER n 
1 36 SER n 
1 37 LEU n 
1 38 THR n 
1 39 LYS n 
1 40 GLY n 
1 41 GLY n 
1 42 LEU n 
1 43 ALA n 
1 44 GLU n 
1 45 ARG n 
1 46 THR n 
1 47 GLY n 
1 48 ALA n 
1 49 ILE n 
1 50 HIS n 
1 51 ILE n 
1 52 GLY n 
1 53 ASP n 
1 54 ARG n 
1 55 ILE n 
1 56 LEU n 
1 57 ALA n 
1 58 ILE n 
1 59 ASN n 
1 60 SER n 
1 61 SER n 
1 62 SER n 
1 63 LEU n 
1 64 LYS n 
1 65 GLY n 
1 66 LYS n 
1 67 PRO n 
1 68 LEU n 
1 69 SER n 
1 70 GLU n 
1 71 ALA n 
1 72 ILE n 
1 73 HIS n 
1 74 LEU n 
1 75 LEU n 
1 76 GLN n 
1 77 MET n 
1 78 ALA n 
1 79 GLY n 
1 80 GLU n 
1 81 THR n 
1 82 VAL n 
1 83 THR n 
1 84 LEU n 
1 85 LYS n 
1 86 ILE n 
1 87 LYS n 
1 88 LYS n 
1 89 GLN n 
1 90 THR n 
1 91 ASP n 
1 92 ALA n 
1 93 GLN n 
1 94 PRO n 
1 95 ALA n 
1 96 SER n 
1 97 SER n 
2 1  ALA n 
2 2  THR n 
2 3  VAL n 
2 4  ARG n 
2 5  THR n 
2 6  TYR n 
2 7  SER n 
2 8  CYS n 
# 
_entity_src_gen.entity_id                          1 
_entity_src_gen.pdbx_src_id                        1 
_entity_src_gen.pdbx_alt_source_flag               sample 
_entity_src_gen.pdbx_seq_type                      ? 
_entity_src_gen.pdbx_beg_seq_num                   ? 
_entity_src_gen.pdbx_end_seq_num                   ? 
_entity_src_gen.gene_src_common_name               'Norway rat' 
_entity_src_gen.gene_src_genus                     Rattus 
_entity_src_gen.pdbx_gene_src_gene                 grip1 
_entity_src_gen.gene_src_species                   ? 
_entity_src_gen.gene_src_strain                    ? 
_entity_src_gen.gene_src_tissue                    ? 
_entity_src_gen.gene_src_tissue_fraction           ? 
_entity_src_gen.gene_src_details                   ? 
_entity_src_gen.pdbx_gene_src_fragment             ? 
_entity_src_gen.pdbx_gene_src_scientific_name      'Rattus norvegicus' 
_entity_src_gen.pdbx_gene_src_ncbi_taxonomy_id     10116 
_entity_src_gen.pdbx_gene_src_variant              ? 
_entity_src_gen.pdbx_gene_src_cell_line            ? 
_entity_src_gen.pdbx_gene_src_atcc                 ? 
_entity_src_gen.pdbx_gene_src_organ                ? 
_entity_src_gen.pdbx_gene_src_organelle            ? 
_entity_src_gen.pdbx_gene_src_cell                 ? 
_entity_src_gen.pdbx_gene_src_cellular_location    ? 
_entity_src_gen.host_org_common_name               ? 
_entity_src_gen.pdbx_host_org_scientific_name      'Escherichia coli BL21(DE3)' 
_entity_src_gen.pdbx_host_org_ncbi_taxonomy_id     469008 
_entity_src_gen.host_org_genus                     Escherichia 
_entity_src_gen.pdbx_host_org_gene                 ? 
_entity_src_gen.pdbx_host_org_organ                ? 
_entity_src_gen.host_org_species                   'Escherichia coli' 
_entity_src_gen.pdbx_host_org_tissue               ? 
_entity_src_gen.pdbx_host_org_tissue_fraction      ? 
_entity_src_gen.pdbx_host_org_strain               'BL21(DE3)' 
_entity_src_gen.pdbx_host_org_variant              ? 
_entity_src_gen.pdbx_host_org_cell_line            ? 
_entity_src_gen.pdbx_host_org_atcc                 ? 
_entity_src_gen.pdbx_host_org_culture_collection   ? 
_entity_src_gen.pdbx_host_org_cell                 ? 
_entity_src_gen.pdbx_host_org_organelle            ? 
_entity_src_gen.pdbx_host_org_cellular_location    ? 
_entity_src_gen.pdbx_host_org_vector_type          Plasmid 
_entity_src_gen.pdbx_host_org_vector               ? 
_entity_src_gen.host_org_details                   ? 
_entity_src_gen.expression_system_id               ? 
_entity_src_gen.plasmid_name                       pGEX-4T 
_entity_src_gen.plasmid_details                    ? 
_entity_src_gen.pdbx_description                   ? 
# 
_pdbx_entity_src_syn.entity_id              2 
_pdbx_entity_src_syn.pdbx_src_id            1 
_pdbx_entity_src_syn.pdbx_alt_source_flag   sample 
_pdbx_entity_src_syn.pdbx_beg_seq_num       ? 
_pdbx_entity_src_syn.pdbx_end_seq_num       ? 
_pdbx_entity_src_syn.organism_scientific    ? 
_pdbx_entity_src_syn.organism_common_name   ? 
_pdbx_entity_src_syn.ncbi_taxonomy_id       ? 
_pdbx_entity_src_syn.details                
'The sequence of this chemically synthetized octa peptide occurs in the C-termiuns of human liprin alpha protein' 
# 
loop_
_chem_comp.id 
_chem_comp.type 
_chem_comp.mon_nstd_flag 
_chem_comp.name 
_chem_comp.pdbx_synonyms 
_chem_comp.formula 
_chem_comp.formula_weight 
ALA 'L-peptide linking' y ALANINE         ? 'C3 H7 N O2'     89.093  
ARG 'L-peptide linking' y ARGININE        ? 'C6 H15 N4 O2 1' 175.209 
ASN 'L-peptide linking' y ASPARAGINE      ? 'C4 H8 N2 O3'    132.118 
ASP 'L-peptide linking' y 'ASPARTIC ACID' ? 'C4 H7 N O4'     133.103 
CYS 'L-peptide linking' y CYSTEINE        ? 'C3 H7 N O2 S'   121.158 
GLN 'L-peptide linking' y GLUTAMINE       ? 'C5 H10 N2 O3'   146.144 
GLU 'L-peptide linking' y 'GLUTAMIC ACID' ? 'C5 H9 N O4'     147.129 
GLY 'peptide linking'   y GLYCINE         ? 'C2 H5 N O2'     75.067  
HIS 'L-peptide linking' y HISTIDINE       ? 'C6 H10 N3 O2 1' 156.162 
HOH non-polymer         . WATER           ? 'H2 O'           18.015  
ILE 'L-peptide linking' y ISOLEUCINE      ? 'C6 H13 N O2'    131.173 
LEU 'L-peptide linking' y LEUCINE         ? 'C6 H13 N O2'    131.173 
LYS 'L-peptide linking' y LYSINE          ? 'C6 H15 N2 O2 1' 147.195 
MET 'L-peptide linking' y METHIONINE      ? 'C5 H11 N O2 S'  149.211 
PHE 'L-peptide linking' y PHENYLALANINE   ? 'C9 H11 N O2'    165.189 
PRO 'L-peptide linking' y PROLINE         ? 'C5 H9 N O2'     115.130 
SER 'L-peptide linking' y SERINE          ? 'C3 H7 N O3'     105.093 
THR 'L-peptide linking' y THREONINE       ? 'C4 H9 N O3'     119.119 
TYR 'L-peptide linking' y TYROSINE        ? 'C9 H11 N O3'    181.189 
VAL 'L-peptide linking' y VALINE          ? 'C5 H11 N O2'    117.146 
# 
loop_
_pdbx_poly_seq_scheme.asym_id 
_pdbx_poly_seq_scheme.entity_id 
_pdbx_poly_seq_scheme.seq_id 
_pdbx_poly_seq_scheme.mon_id 
_pdbx_poly_seq_scheme.ndb_seq_num 
_pdbx_poly_seq_scheme.pdb_seq_num 
_pdbx_poly_seq_scheme.auth_seq_num 
_pdbx_poly_seq_scheme.pdb_mon_id 
_pdbx_poly_seq_scheme.auth_mon_id 
_pdbx_poly_seq_scheme.pdb_strand_id 
_pdbx_poly_seq_scheme.pdb_ins_code 
_pdbx_poly_seq_scheme.hetero 
A 1 1  SER 1  665 ?   ?   ?   A . n 
A 1 2  SER 2  666 ?   ?   ?   A . n 
A 1 3  GLY 3  667 ?   ?   ?   A . n 
A 1 4  ALA 4  668 668 ALA ALA A . n 
A 1 5  ILE 5  669 669 ILE ILE A . n 
A 1 6  ILE 6  670 670 ILE ILE A . n 
A 1 7  TYR 7  671 671 TYR TYR A . n 
A 1 8  THR 8  672 672 THR THR A . n 
A 1 9  VAL 9  673 673 VAL VAL A . n 
A 1 10 GLU 10 674 674 GLU GLU A . n 
A 1 11 LEU 11 675 675 LEU LEU A . n 
A 1 12 LYS 12 676 676 LYS LYS A . n 
A 1 13 ARG 13 677 677 ARG ARG A . n 
A 1 14 TYR 14 678 678 TYR TYR A . n 
A 1 15 GLY 15 679 679 GLY GLY A . n 
A 1 16 GLY 16 680 680 GLY GLY A . n 
A 1 17 PRO 17 681 681 PRO PRO A . n 
A 1 18 LEU 18 682 682 LEU LEU A . n 
A 1 19 GLY 19 683 683 GLY GLY A . n 
A 1 20 ILE 20 684 684 ILE ILE A . n 
A 1 21 THR 21 685 685 THR THR A . n 
A 1 22 ILE 22 686 686 ILE ILE A . n 
A 1 23 SER 23 687 687 SER SER A . n 
A 1 24 GLY 24 688 688 GLY GLY A . n 
A 1 25 THR 25 689 689 THR THR A . n 
A 1 26 GLU 26 690 690 GLU GLU A . n 
A 1 27 GLU 27 691 691 GLU GLU A . n 
A 1 28 PRO 28 692 692 PRO PRO A . n 
A 1 29 PHE 29 693 693 PHE PHE A . n 
A 1 30 ASP 30 694 694 ASP ASP A . n 
A 1 31 PRO 31 695 695 PRO PRO A . n 
A 1 32 ILE 32 696 696 ILE ILE A . n 
A 1 33 ILE 33 697 697 ILE ILE A . n 
A 1 34 ILE 34 698 698 ILE ILE A . n 
A 1 35 SER 35 699 699 SER SER A . n 
A 1 36 SER 36 700 700 SER SER A . n 
A 1 37 LEU 37 701 701 LEU LEU A . n 
A 1 38 THR 38 702 702 THR THR A . n 
A 1 39 LYS 39 703 703 LYS LYS A . n 
A 1 40 GLY 40 704 704 GLY GLY A . n 
A 1 41 GLY 41 705 705 GLY GLY A . n 
A 1 42 LEU 42 706 706 LEU LEU A . n 
A 1 43 ALA 43 707 707 ALA ALA A . n 
A 1 44 GLU 44 708 708 GLU GLU A . n 
A 1 45 ARG 45 709 709 ARG ARG A . n 
A 1 46 THR 46 710 710 THR THR A . n 
A 1 47 GLY 47 711 711 GLY GLY A . n 
A 1 48 ALA 48 712 712 ALA ALA A . n 
A 1 49 ILE 49 713 713 ILE ILE A . n 
A 1 50 HIS 50 714 714 HIS HIS A . n 
A 1 51 ILE 51 715 715 ILE ILE A . n 
A 1 52 GLY 52 716 716 GLY GLY A . n 
A 1 53 ASP 53 717 717 ASP ASP A . n 
A 1 54 ARG 54 718 718 ARG ARG A . n 
A 1 55 ILE 55 719 719 ILE ILE A . n 
A 1 56 LEU 56 720 720 LEU LEU A . n 
A 1 57 ALA 57 721 721 ALA ALA A . n 
A 1 58 ILE 58 722 722 ILE ILE A . n 
A 1 59 ASN 59 723 723 ASN ASN A . n 
A 1 60 SER 60 724 724 SER SER A . n 
A 1 61 SER 61 725 725 SER SER A . n 
A 1 62 SER 62 726 726 SER SER A . n 
A 1 63 LEU 63 727 727 LEU LEU A . n 
A 1 64 LYS 64 728 728 LYS LYS A . n 
A 1 65 GLY 65 729 729 GLY GLY A . n 
A 1 66 LYS 66 730 730 LYS LYS A . n 
A 1 67 PRO 67 731 731 PRO PRO A . n 
A 1 68 LEU 68 732 732 LEU LEU A . n 
A 1 69 SER 69 733 733 SER SER A . n 
A 1 70 GLU 70 734 734 GLU GLU A . n 
A 1 71 ALA 71 735 735 ALA ALA A . n 
A 1 72 ILE 72 736 736 ILE ILE A . n 
A 1 73 HIS 73 737 737 HIS HIS A . n 
A 1 74 LEU 74 738 738 LEU LEU A . n 
A 1 75 LEU 75 739 739 LEU LEU A . n 
A 1 76 GLN 76 740 740 GLN GLN A . n 
A 1 77 MET 77 741 741 MET MET A . n 
A 1 78 ALA 78 742 742 ALA ALA A . n 
A 1 79 GLY 79 743 743 GLY GLY A . n 
A 1 80 GLU 80 744 744 GLU GLU A . n 
A 1 81 THR 81 745 745 THR THR A . n 
A 1 82 VAL 82 746 746 VAL VAL A . n 
A 1 83 THR 83 747 747 THR THR A . n 
A 1 84 LEU 84 748 748 LEU LEU A . n 
A 1 85 LYS 85 749 749 LYS LYS A . n 
A 1 86 ILE 86 750 750 ILE ILE A . n 
A 1 87 LYS 87 751 751 LYS LYS A . n 
A 1 88 LYS 88 752 752 LYS LYS A . n 
A 1 89 GLN 89 753 753 GLN GLN A . n 
A 1 90 THR 90 754 ?   ?   ?   A . n 
A 1 91 ASP 91 755 ?   ?   ?   A . n 
A 1 92 ALA 92 756 ?   ?   ?   A . n 
A 1 93 GLN 93 757 ?   ?   ?   A . n 
A 1 94 PRO 94 758 ?   ?   ?   A . n 
A 1 95 ALA 95 759 ?   ?   ?   A . n 
A 1 96 SER 96 760 ?   ?   ?   A . n 
A 1 97 SER 97 761 ?   ?   ?   A . n 
B 1 1  SER 1  665 ?   ?   ?   B . n 
B 1 2  SER 2  666 ?   ?   ?   B . n 
B 1 3  GLY 3  667 ?   ?   ?   B . n 
B 1 4  ALA 4  668 668 ALA ALA B . n 
B 1 5  ILE 5  669 669 ILE ILE B . n 
B 1 6  ILE 6  670 670 ILE ILE B . n 
B 1 7  TYR 7  671 671 TYR TYR B . n 
B 1 8  THR 8  672 672 THR THR B . n 
B 1 9  VAL 9  673 673 VAL VAL B . n 
B 1 10 GLU 10 674 674 GLU GLU B . n 
B 1 11 LEU 11 675 675 LEU LEU B . n 
B 1 12 LYS 12 676 676 LYS LYS B . n 
B 1 13 ARG 13 677 677 ARG ARG B . n 
B 1 14 TYR 14 678 678 TYR TYR B . n 
B 1 15 GLY 15 679 679 GLY GLY B . n 
B 1 16 GLY 16 680 680 GLY GLY B . n 
B 1 17 PRO 17 681 681 PRO PRO B . n 
B 1 18 LEU 18 682 682 LEU LEU B . n 
B 1 19 GLY 19 683 683 GLY GLY B . n 
B 1 20 ILE 20 684 684 ILE ILE B . n 
B 1 21 THR 21 685 685 THR THR B . n 
B 1 22 ILE 22 686 686 ILE ILE B . n 
B 1 23 SER 23 687 687 SER SER B . n 
B 1 24 GLY 24 688 688 GLY GLY B . n 
B 1 25 THR 25 689 689 THR THR B . n 
B 1 26 GLU 26 690 690 GLU GLU B . n 
B 1 27 GLU 27 691 691 GLU GLU B . n 
B 1 28 PRO 28 692 692 PRO PRO B . n 
B 1 29 PHE 29 693 693 PHE PHE B . n 
B 1 30 ASP 30 694 694 ASP ASP B . n 
B 1 31 PRO 31 695 695 PRO PRO B . n 
B 1 32 ILE 32 696 696 ILE ILE B . n 
B 1 33 ILE 33 697 697 ILE ILE B . n 
B 1 34 ILE 34 698 698 ILE ILE B . n 
B 1 35 SER 35 699 699 SER SER B . n 
B 1 36 SER 36 700 700 SER SER B . n 
B 1 37 LEU 37 701 701 LEU LEU B . n 
B 1 38 THR 38 702 702 THR THR B . n 
B 1 39 LYS 39 703 703 LYS LYS B . n 
B 1 40 GLY 40 704 704 GLY GLY B . n 
B 1 41 GLY 41 705 705 GLY GLY B . n 
B 1 42 LEU 42 706 706 LEU LEU B . n 
B 1 43 ALA 43 707 707 ALA ALA B . n 
B 1 44 GLU 44 708 708 GLU GLU B . n 
B 1 45 ARG 45 709 709 ARG ARG B . n 
B 1 46 THR 46 710 710 THR THR B . n 
B 1 47 GLY 47 711 711 GLY GLY B . n 
B 1 48 ALA 48 712 712 ALA ALA B . n 
B 1 49 ILE 49 713 713 ILE ILE B . n 
B 1 50 HIS 50 714 714 HIS HIS B . n 
B 1 51 ILE 51 715 715 ILE ILE B . n 
B 1 52 GLY 52 716 716 GLY GLY B . n 
B 1 53 ASP 53 717 717 ASP ASP B . n 
B 1 54 ARG 54 718 718 ARG ARG B . n 
B 1 55 ILE 55 719 719 ILE ILE B . n 
B 1 56 LEU 56 720 720 LEU LEU B . n 
B 1 57 ALA 57 721 721 ALA ALA B . n 
B 1 58 ILE 58 722 722 ILE ILE B . n 
B 1 59 ASN 59 723 723 ASN ASN B . n 
B 1 60 SER 60 724 724 SER SER B . n 
B 1 61 SER 61 725 725 SER SER B . n 
B 1 62 SER 62 726 726 SER SER B . n 
B 1 63 LEU 63 727 727 LEU LEU B . n 
B 1 64 LYS 64 728 728 LYS LYS B . n 
B 1 65 GLY 65 729 729 GLY GLY B . n 
B 1 66 LYS 66 730 730 LYS LYS B . n 
B 1 67 PRO 67 731 731 PRO PRO B . n 
B 1 68 LEU 68 732 732 LEU LEU B . n 
B 1 69 SER 69 733 733 SER SER B . n 
B 1 70 GLU 70 734 734 GLU GLU B . n 
B 1 71 ALA 71 735 735 ALA ALA B . n 
B 1 72 ILE 72 736 736 ILE ILE B . n 
B 1 73 HIS 73 737 737 HIS HIS B . n 
B 1 74 LEU 74 738 738 LEU LEU B . n 
B 1 75 LEU 75 739 739 LEU LEU B . n 
B 1 76 GLN 76 740 740 GLN GLN B . n 
B 1 77 MET 77 741 741 MET MET B . n 
B 1 78 ALA 78 742 742 ALA ALA B . n 
B 1 79 GLY 79 743 743 GLY GLY B . n 
B 1 80 GLU 80 744 744 GLU GLU B . n 
B 1 81 THR 81 745 745 THR THR B . n 
B 1 82 VAL 82 746 746 VAL VAL B . n 
B 1 83 THR 83 747 747 THR THR B . n 
B 1 84 LEU 84 748 748 LEU LEU B . n 
B 1 85 LYS 85 749 749 LYS LYS B . n 
B 1 86 ILE 86 750 750 ILE ILE B . n 
B 1 87 LYS 87 751 751 LYS LYS B . n 
B 1 88 LYS 88 752 752 LYS LYS B . n 
B 1 89 GLN 89 753 753 GLN GLN B . n 
B 1 90 THR 90 754 ?   ?   ?   B . n 
B 1 91 ASP 91 755 ?   ?   ?   B . n 
B 1 92 ALA 92 756 ?   ?   ?   B . n 
B 1 93 GLN 93 757 ?   ?   ?   B . n 
B 1 94 PRO 94 758 ?   ?   ?   B . n 
B 1 95 ALA 95 759 ?   ?   ?   B . n 
B 1 96 SER 96 760 ?   ?   ?   B . n 
B 1 97 SER 97 761 ?   ?   ?   B . n 
C 2 1  ALA 1  1   1   ALA ALA C . n 
C 2 2  THR 2  2   2   THR THR C . n 
C 2 3  VAL 3  3   3   VAL VAL C . n 
C 2 4  ARG 4  4   4   ARG ARG C . n 
C 2 5  THR 5  5   5   THR THR C . n 
C 2 6  TYR 6  6   6   TYR TYR C . n 
C 2 7  SER 7  7   7   SER SER C . n 
C 2 8  CYS 8  8   8   CYS CYS C . n 
D 2 1  ALA 1  1   1   ALA ALA D . n 
D 2 2  THR 2  2   2   THR THR D . n 
D 2 3  VAL 3  3   3   VAL VAL D . n 
D 2 4  ARG 4  4   4   ARG ARG D . n 
D 2 5  THR 5  5   5   THR THR D . n 
D 2 6  TYR 6  6   6   TYR TYR D . n 
D 2 7  SER 7  7   7   SER SER D . n 
D 2 8  CYS 8  8   8   CYS CYS D . n 
# 
loop_
_pdbx_nonpoly_scheme.asym_id 
_pdbx_nonpoly_scheme.entity_id 
_pdbx_nonpoly_scheme.mon_id 
_pdbx_nonpoly_scheme.ndb_seq_num 
_pdbx_nonpoly_scheme.pdb_seq_num 
_pdbx_nonpoly_scheme.auth_seq_num 
_pdbx_nonpoly_scheme.pdb_mon_id 
_pdbx_nonpoly_scheme.auth_mon_id 
_pdbx_nonpoly_scheme.pdb_strand_id 
_pdbx_nonpoly_scheme.pdb_ins_code 
E 3 HOH 1   1   1   HOH TIP A . 
E 3 HOH 2   2   2   HOH TIP A . 
E 3 HOH 3   3   3   HOH TIP A . 
E 3 HOH 4   4   4   HOH TIP A . 
E 3 HOH 5   6   6   HOH TIP A . 
E 3 HOH 6   9   9   HOH TIP A . 
E 3 HOH 7   14  14  HOH TIP A . 
E 3 HOH 8   15  15  HOH TIP A . 
E 3 HOH 9   16  16  HOH TIP A . 
E 3 HOH 10  17  17  HOH TIP A . 
E 3 HOH 11  19  19  HOH TIP A . 
E 3 HOH 12  20  20  HOH TIP A . 
E 3 HOH 13  21  21  HOH TIP A . 
E 3 HOH 14  24  24  HOH TIP A . 
E 3 HOH 15  25  25  HOH TIP A . 
E 3 HOH 16  27  27  HOH TIP A . 
E 3 HOH 17  28  28  HOH TIP A . 
E 3 HOH 18  38  38  HOH TIP A . 
E 3 HOH 19  39  39  HOH TIP A . 
E 3 HOH 20  40  40  HOH TIP A . 
E 3 HOH 21  41  41  HOH TIP A . 
E 3 HOH 22  42  42  HOH TIP A . 
E 3 HOH 23  46  46  HOH TIP A . 
E 3 HOH 24  49  49  HOH TIP A . 
E 3 HOH 25  53  53  HOH TIP A . 
E 3 HOH 26  56  56  HOH TIP A . 
E 3 HOH 27  59  59  HOH TIP A . 
E 3 HOH 28  60  60  HOH TIP A . 
E 3 HOH 29  61  61  HOH TIP A . 
E 3 HOH 30  63  63  HOH TIP A . 
E 3 HOH 31  65  65  HOH TIP A . 
E 3 HOH 32  66  66  HOH TIP A . 
E 3 HOH 33  67  67  HOH TIP A . 
E 3 HOH 34  68  68  HOH TIP A . 
E 3 HOH 35  69  69  HOH TIP A . 
E 3 HOH 36  70  70  HOH TIP A . 
E 3 HOH 37  73  73  HOH TIP A . 
E 3 HOH 38  75  75  HOH TIP A . 
E 3 HOH 39  77  77  HOH TIP A . 
E 3 HOH 40  78  78  HOH TIP A . 
E 3 HOH 41  81  81  HOH TIP A . 
E 3 HOH 42  82  82  HOH TIP A . 
E 3 HOH 43  83  83  HOH TIP A . 
E 3 HOH 44  84  84  HOH TIP A . 
E 3 HOH 45  85  85  HOH TIP A . 
E 3 HOH 46  87  87  HOH TIP A . 
E 3 HOH 47  88  88  HOH TIP A . 
E 3 HOH 48  89  89  HOH TIP A . 
E 3 HOH 49  91  91  HOH TIP A . 
E 3 HOH 50  93  93  HOH TIP A . 
E 3 HOH 51  97  97  HOH TIP A . 
E 3 HOH 52  98  98  HOH TIP A . 
E 3 HOH 53  100 100 HOH TIP A . 
E 3 HOH 54  102 102 HOH TIP A . 
E 3 HOH 55  103 103 HOH TIP A . 
E 3 HOH 56  104 104 HOH TIP A . 
E 3 HOH 57  106 106 HOH TIP A . 
E 3 HOH 58  107 107 HOH TIP A . 
E 3 HOH 59  109 109 HOH TIP A . 
E 3 HOH 60  113 113 HOH TIP A . 
E 3 HOH 61  115 115 HOH TIP A . 
E 3 HOH 62  116 116 HOH TIP A . 
E 3 HOH 63  119 119 HOH TIP A . 
E 3 HOH 64  132 132 HOH TIP A . 
E 3 HOH 65  134 134 HOH TIP A . 
E 3 HOH 66  135 135 HOH TIP A . 
E 3 HOH 67  136 136 HOH TIP A . 
E 3 HOH 68  137 137 HOH TIP A . 
E 3 HOH 69  138 138 HOH TIP A . 
E 3 HOH 70  139 139 HOH TIP A . 
E 3 HOH 71  140 140 HOH TIP A . 
E 3 HOH 72  143 143 HOH TIP A . 
E 3 HOH 73  144 144 HOH TIP A . 
E 3 HOH 74  149 149 HOH TIP A . 
E 3 HOH 75  151 151 HOH TIP A . 
E 3 HOH 76  153 153 HOH TIP A . 
E 3 HOH 77  156 156 HOH TIP A . 
E 3 HOH 78  157 157 HOH TIP A . 
E 3 HOH 79  159 159 HOH TIP A . 
E 3 HOH 80  162 162 HOH TIP A . 
E 3 HOH 81  164 164 HOH TIP A . 
E 3 HOH 82  165 165 HOH TIP A . 
E 3 HOH 83  166 166 HOH TIP A . 
E 3 HOH 84  172 172 HOH TIP A . 
E 3 HOH 85  175 175 HOH TIP A . 
E 3 HOH 86  180 180 HOH TIP A . 
E 3 HOH 87  185 185 HOH TIP A . 
E 3 HOH 88  187 187 HOH TIP A . 
E 3 HOH 89  194 194 HOH TIP A . 
E 3 HOH 90  198 198 HOH TIP A . 
E 3 HOH 91  200 200 HOH TIP A . 
E 3 HOH 92  201 201 HOH TIP A . 
E 3 HOH 93  204 204 HOH TIP A . 
E 3 HOH 94  205 205 HOH TIP A . 
E 3 HOH 95  209 209 HOH TIP A . 
E 3 HOH 96  210 210 HOH TIP A . 
E 3 HOH 97  211 211 HOH TIP A . 
E 3 HOH 98  214 214 HOH TIP A . 
E 3 HOH 99  216 216 HOH TIP A . 
E 3 HOH 100 219 219 HOH TIP A . 
E 3 HOH 101 222 222 HOH TIP A . 
E 3 HOH 102 223 223 HOH TIP A . 
E 3 HOH 103 226 226 HOH TIP A . 
E 3 HOH 104 227 227 HOH TIP A . 
E 3 HOH 105 235 235 HOH TIP A . 
E 3 HOH 106 236 236 HOH TIP A . 
F 3 HOH 1   7   7   HOH TIP B . 
F 3 HOH 2   8   8   HOH TIP B . 
F 3 HOH 3   11  11  HOH TIP B . 
F 3 HOH 4   13  13  HOH TIP B . 
F 3 HOH 5   22  22  HOH TIP B . 
F 3 HOH 6   26  26  HOH TIP B . 
F 3 HOH 7   29  29  HOH TIP B . 
F 3 HOH 8   30  30  HOH TIP B . 
F 3 HOH 9   31  31  HOH TIP B . 
F 3 HOH 10  32  32  HOH TIP B . 
F 3 HOH 11  34  34  HOH TIP B . 
F 3 HOH 12  37  37  HOH TIP B . 
F 3 HOH 13  44  44  HOH TIP B . 
F 3 HOH 14  45  45  HOH TIP B . 
F 3 HOH 15  48  48  HOH TIP B . 
F 3 HOH 16  50  50  HOH TIP B . 
F 3 HOH 17  52  52  HOH TIP B . 
F 3 HOH 18  54  54  HOH TIP B . 
F 3 HOH 19  55  55  HOH TIP B . 
F 3 HOH 20  62  62  HOH TIP B . 
F 3 HOH 21  74  74  HOH TIP B . 
F 3 HOH 22  76  76  HOH TIP B . 
F 3 HOH 23  79  79  HOH TIP B . 
F 3 HOH 24  80  80  HOH TIP B . 
F 3 HOH 25  90  90  HOH TIP B . 
F 3 HOH 26  92  92  HOH TIP B . 
F 3 HOH 27  94  94  HOH TIP B . 
F 3 HOH 28  96  96  HOH TIP B . 
F 3 HOH 29  99  99  HOH TIP B . 
F 3 HOH 30  105 105 HOH TIP B . 
F 3 HOH 31  108 108 HOH TIP B . 
F 3 HOH 32  110 110 HOH TIP B . 
F 3 HOH 33  111 111 HOH TIP B . 
F 3 HOH 34  112 112 HOH TIP B . 
F 3 HOH 35  114 114 HOH TIP B . 
F 3 HOH 36  117 117 HOH TIP B . 
F 3 HOH 37  120 120 HOH TIP B . 
F 3 HOH 38  121 121 HOH TIP B . 
F 3 HOH 39  123 123 HOH TIP B . 
F 3 HOH 40  125 125 HOH TIP B . 
F 3 HOH 41  126 126 HOH TIP B . 
F 3 HOH 42  128 128 HOH TIP B . 
F 3 HOH 43  129 129 HOH TIP B . 
F 3 HOH 44  131 131 HOH TIP B . 
F 3 HOH 45  133 133 HOH TIP B . 
F 3 HOH 46  141 141 HOH TIP B . 
F 3 HOH 47  142 142 HOH TIP B . 
F 3 HOH 48  145 145 HOH TIP B . 
F 3 HOH 49  146 146 HOH TIP B . 
F 3 HOH 50  147 147 HOH TIP B . 
F 3 HOH 51  148 148 HOH TIP B . 
F 3 HOH 52  150 150 HOH TIP B . 
F 3 HOH 53  152 152 HOH TIP B . 
F 3 HOH 54  158 158 HOH TIP B . 
F 3 HOH 55  160 160 HOH TIP B . 
F 3 HOH 56  161 161 HOH TIP B . 
F 3 HOH 57  163 163 HOH TIP B . 
F 3 HOH 58  167 167 HOH TIP B . 
F 3 HOH 59  169 169 HOH TIP B . 
F 3 HOH 60  170 170 HOH TIP B . 
F 3 HOH 61  174 174 HOH TIP B . 
F 3 HOH 62  178 178 HOH TIP B . 
F 3 HOH 63  182 182 HOH TIP B . 
F 3 HOH 64  184 184 HOH TIP B . 
F 3 HOH 65  186 186 HOH TIP B . 
F 3 HOH 66  188 188 HOH TIP B . 
F 3 HOH 67  189 189 HOH TIP B . 
F 3 HOH 68  190 190 HOH TIP B . 
F 3 HOH 69  191 191 HOH TIP B . 
F 3 HOH 70  192 192 HOH TIP B . 
F 3 HOH 71  197 197 HOH TIP B . 
F 3 HOH 72  199 199 HOH TIP B . 
F 3 HOH 73  202 202 HOH TIP B . 
F 3 HOH 74  206 206 HOH TIP B . 
F 3 HOH 75  207 207 HOH TIP B . 
F 3 HOH 76  208 208 HOH TIP B . 
F 3 HOH 77  212 212 HOH TIP B . 
F 3 HOH 78  213 213 HOH TIP B . 
F 3 HOH 79  215 215 HOH TIP B . 
F 3 HOH 80  217 217 HOH TIP B . 
F 3 HOH 81  220 220 HOH TIP B . 
F 3 HOH 82  221 221 HOH TIP B . 
F 3 HOH 83  224 224 HOH TIP B . 
F 3 HOH 84  228 228 HOH TIP B . 
F 3 HOH 85  229 229 HOH TIP B . 
F 3 HOH 86  230 230 HOH TIP B . 
F 3 HOH 87  231 231 HOH TIP B . 
F 3 HOH 88  232 232 HOH TIP B . 
F 3 HOH 89  233 233 HOH TIP B . 
F 3 HOH 90  234 234 HOH TIP B . 
F 3 HOH 91  237 237 HOH TIP B . 
F 3 HOH 92  239 239 HOH TIP B . 
F 3 HOH 93  240 240 HOH TIP B . 
G 3 HOH 1   9   5   HOH TIP C . 
G 3 HOH 2   10  10  HOH TIP C . 
G 3 HOH 3   11  12  HOH TIP C . 
G 3 HOH 4   12  18  HOH TIP C . 
G 3 HOH 5   13  23  HOH TIP C . 
G 3 HOH 6   14  35  HOH TIP C . 
G 3 HOH 7   15  36  HOH TIP C . 
G 3 HOH 8   16  64  HOH TIP C . 
G 3 HOH 9   17  86  HOH TIP C . 
G 3 HOH 10  18  118 HOH TIP C . 
G 3 HOH 11  19  124 HOH TIP C . 
G 3 HOH 12  20  154 HOH TIP C . 
G 3 HOH 13  21  171 HOH TIP C . 
G 3 HOH 14  22  173 HOH TIP C . 
G 3 HOH 15  23  176 HOH TIP C . 
G 3 HOH 16  24  179 HOH TIP C . 
G 3 HOH 17  25  193 HOH TIP C . 
G 3 HOH 18  26  195 HOH TIP C . 
G 3 HOH 19  27  196 HOH TIP C . 
G 3 HOH 20  28  203 HOH TIP C . 
H 3 HOH 1   47  47  HOH TIP D . 
H 3 HOH 2   51  51  HOH TIP D . 
H 3 HOH 3   57  57  HOH TIP D . 
H 3 HOH 4   58  58  HOH TIP D . 
H 3 HOH 5   71  71  HOH TIP D . 
H 3 HOH 6   72  72  HOH TIP D . 
H 3 HOH 7   95  95  HOH TIP D . 
H 3 HOH 8   101 101 HOH TIP D . 
H 3 HOH 9   122 122 HOH TIP D . 
H 3 HOH 10  130 130 HOH TIP D . 
H 3 HOH 11  155 155 HOH TIP D . 
H 3 HOH 12  177 177 HOH TIP D . 
H 3 HOH 13  181 181 HOH TIP D . 
H 3 HOH 14  183 183 HOH TIP D . 
H 3 HOH 15  218 218 HOH TIP D . 
H 3 HOH 16  225 225 HOH TIP D . 
H 3 HOH 17  238 238 HOH TIP D . 
# 
loop_
_software.name 
_software.classification 
_software.version 
_software.citation_id 
_software.pdbx_ordinal 
MOSFLM 'data reduction' .         ? 1 
SCALA  'data scaling'   .         ? 2 
AMoRE  phasing          .         ? 3 
CNS    refinement       1.1       ? 4 
CCP4   'data scaling'   '(SCALA)' ? 5 
# 
_cell.entry_id           1N7F 
_cell.length_a           117.790 
_cell.length_b           117.790 
_cell.length_c           101.974 
_cell.angle_alpha        90.00 
_cell.angle_beta         90.00 
_cell.angle_gamma        120.00 
_cell.Z_PDB              36 
_cell.pdbx_unique_axis   ? 
# 
_symmetry.entry_id                         1N7F 
_symmetry.space_group_name_H-M             'H 3 2' 
_symmetry.pdbx_full_space_group_name_H-M   ? 
_symmetry.cell_setting                     ? 
_symmetry.Int_Tables_number                155 
# 
_exptl.entry_id          1N7F 
_exptl.method            'X-RAY DIFFRACTION' 
_exptl.crystals_number   1 
# 
_exptl_crystal.id                    1 
_exptl_crystal.density_meas          ? 
_exptl_crystal.density_Matthews      2.96 
_exptl_crystal.density_percent_sol   58.09 
_exptl_crystal.description           ? 
# 
_exptl_crystal_grow.crystal_id      1 
_exptl_crystal_grow.method          'VAPOR DIFFUSION, HANGING DROP' 
_exptl_crystal_grow.temp            293 
_exptl_crystal_grow.temp_details    ? 
_exptl_crystal_grow.pH              5.5 
_exptl_crystal_grow.pdbx_details    'PEG400, MPD, pH 5.5, VAPOR DIFFUSION, HANGING DROP, temperature 293K' 
_exptl_crystal_grow.pdbx_pH_range   . 
# 
_diffrn.id                     1 
_diffrn.ambient_temp           110 
_diffrn.ambient_temp_details   ? 
_diffrn.crystal_id             1 
# 
_diffrn_detector.diffrn_id              1 
_diffrn_detector.detector               CCD 
_diffrn_detector.type                   'ADSC QUANTUM 4' 
_diffrn_detector.pdbx_collection_date   2000-12-13 
_diffrn_detector.details                ? 
# 
_diffrn_radiation.diffrn_id                        1 
_diffrn_radiation.wavelength_id                    1 
_diffrn_radiation.pdbx_monochromatic_or_laue_m_l   M 
_diffrn_radiation.monochromator                    'Si 111 CHANNEL' 
_diffrn_radiation.pdbx_diffrn_protocol             'SINGLE WAVELENGTH' 
_diffrn_radiation.pdbx_scattering_type             x-ray 
# 
_diffrn_radiation_wavelength.id           1 
_diffrn_radiation_wavelength.wavelength   1.00 
_diffrn_radiation_wavelength.wt           1.0 
# 
_diffrn_source.diffrn_id                   1 
_diffrn_source.source                      SYNCHROTRON 
_diffrn_source.type                        'PHOTON FACTORY BEAMLINE BL-18B' 
_diffrn_source.pdbx_synchrotron_site       'Photon Factory' 
_diffrn_source.pdbx_synchrotron_beamline   BL-18B 
_diffrn_source.pdbx_wavelength             ? 
_diffrn_source.pdbx_wavelength_list        1.00 
# 
_reflns.entry_id                     1N7F 
_reflns.observed_criterion_sigma_I   3 
_reflns.observed_criterion_sigma_F   3 
_reflns.d_resolution_low             50 
_reflns.d_resolution_high            1.8 
_reflns.number_obs                   191677 
_reflns.number_all                   192446 
_reflns.percent_possible_obs         99.6 
_reflns.pdbx_Rmerge_I_obs            0.088 
_reflns.pdbx_Rsym_value              0.088 
_reflns.pdbx_netI_over_sigmaI        10.1 
_reflns.B_iso_Wilson_estimate        17.5 
_reflns.pdbx_redundancy              7.58 
_reflns.R_free_details               ? 
_reflns.limit_h_max                  ? 
_reflns.limit_h_min                  ? 
_reflns.limit_k_max                  ? 
_reflns.limit_k_min                  ? 
_reflns.limit_l_max                  ? 
_reflns.limit_l_min                  ? 
_reflns.observed_criterion_F_max     ? 
_reflns.observed_criterion_F_min     ? 
_reflns.pdbx_diffrn_id               1 
_reflns.pdbx_ordinal                 1 
# 
_reflns_shell.d_res_high             1.8 
_reflns_shell.d_res_low              1.89 
_reflns_shell.percent_possible_all   97.3 
_reflns_shell.Rmerge_I_obs           0.566 
_reflns_shell.pdbx_Rsym_value        0.566 
_reflns_shell.meanI_over_sigI_obs    4.5 
_reflns_shell.pdbx_redundancy        ? 
_reflns_shell.percent_possible_obs   ? 
_reflns_shell.number_unique_all      ? 
_reflns_shell.pdbx_diffrn_id         ? 
_reflns_shell.pdbx_ordinal           1 
# 
_refine.entry_id                                 1N7F 
_refine.ls_number_reflns_obs                     24896 
_refine.ls_number_reflns_all                     ? 
_refine.pdbx_ls_sigma_I                          0 
_refine.pdbx_ls_sigma_F                          0 
_refine.pdbx_data_cutoff_high_absF               ? 
_refine.pdbx_data_cutoff_low_absF                ? 
_refine.ls_d_res_low                             27.26 
_refine.ls_d_res_high                            1.80 
_refine.ls_percent_reflns_obs                    98.3 
_refine.ls_R_factor_obs                          0.2 
_refine.ls_R_factor_all                          0.2024 
_refine.ls_R_factor_R_work                       0.2 
_refine.ls_R_factor_R_free                       0.222 
_refine.ls_R_factor_R_free_error                 0.005 
_refine.ls_R_factor_R_free_error_details         ? 
_refine.ls_percent_reflns_R_free                 7.3 
_refine.ls_number_reflns_R_free                  1822 
_refine.ls_number_parameters                     ? 
_refine.ls_number_restraints                     ? 
_refine.occupancy_min                            ? 
_refine.occupancy_max                            ? 
_refine.correlation_coeff_Fo_to_Fc               ? 
_refine.correlation_coeff_Fo_to_Fc_free          ? 
_refine.B_iso_mean                               29.4 
_refine.aniso_B[1][1]                            -3.03 
_refine.aniso_B[2][2]                            -2.00 
_refine.aniso_B[3][3]                            5.03 
_refine.aniso_B[1][2]                            -0.88 
_refine.aniso_B[1][3]                            0.00 
_refine.aniso_B[2][3]                            0.00 
_refine.solvent_model_details                    'FLAT MODEL' 
_refine.solvent_model_param_ksol                 0.35575 
_refine.solvent_model_param_bsol                 56.4386 
_refine.pdbx_solvent_vdw_probe_radii             ? 
_refine.pdbx_solvent_ion_probe_radii             ? 
_refine.pdbx_solvent_shrinkage_radii             ? 
_refine.pdbx_ls_cross_valid_method               THROUGHOUT 
_refine.details                                  'Structure solved by Br-MAD phasing of peptide free crystal' 
_refine.pdbx_starting_model                      ? 
_refine.pdbx_method_to_determine_struct          'MOLECULAR REPLACEMENT' 
_refine.pdbx_isotropic_thermal_model             RESTRAINED 
_refine.pdbx_stereochemistry_target_values       'Engh & Huber' 
_refine.pdbx_stereochem_target_val_spec_case     ? 
_refine.pdbx_R_Free_selection_details            RANDOM 
_refine.pdbx_overall_ESU_R_Free                  ? 
_refine.overall_SU_B                             ? 
_refine.ls_redundancy_reflns_obs                 ? 
_refine.B_iso_min                                ? 
_refine.B_iso_max                                ? 
_refine.overall_SU_R_Cruickshank_DPI             ? 
_refine.overall_SU_R_free                        ? 
_refine.overall_SU_ML                            ? 
_refine.pdbx_overall_ESU_R                       ? 
_refine.pdbx_data_cutoff_high_rms_absF           ? 
_refine.pdbx_refine_id                           'X-RAY DIFFRACTION' 
_refine.pdbx_diffrn_id                           1 
_refine.pdbx_TLS_residual_ADP_flag               ? 
_refine.pdbx_overall_phase_error                 ? 
_refine.pdbx_overall_SU_R_free_Cruickshank_DPI   ? 
_refine.pdbx_overall_SU_R_Blow_DPI               ? 
_refine.pdbx_overall_SU_R_free_Blow_DPI          ? 
# 
_refine_analyze.entry_id                        1N7F 
_refine_analyze.Luzzati_coordinate_error_obs    0.21 
_refine_analyze.Luzzati_sigma_a_obs             0.13 
_refine_analyze.Luzzati_d_res_low_obs           5.00 
_refine_analyze.Luzzati_coordinate_error_free   0.23 
_refine_analyze.Luzzati_sigma_a_free            0.16 
_refine_analyze.Luzzati_d_res_low_free          ? 
_refine_analyze.number_disordered_residues      ? 
_refine_analyze.occupancy_sum_hydrogen          ? 
_refine_analyze.occupancy_sum_non_hydrogen      ? 
_refine_analyze.pdbx_Luzzati_d_res_high_obs     ? 
_refine_analyze.pdbx_refine_id                  'X-RAY DIFFRACTION' 
# 
_refine_hist.pdbx_refine_id                   'X-RAY DIFFRACTION' 
_refine_hist.cycle_id                         LAST 
_refine_hist.pdbx_number_atoms_protein        1408 
_refine_hist.pdbx_number_atoms_nucleic_acid   0 
_refine_hist.pdbx_number_atoms_ligand         0 
_refine_hist.number_atoms_solvent             236 
_refine_hist.number_atoms_total               1644 
_refine_hist.d_res_high                       1.80 
_refine_hist.d_res_low                        27.26 
# 
loop_
_refine_ls_restr.type 
_refine_ls_restr.dev_ideal 
_refine_ls_restr.dev_ideal_target 
_refine_ls_restr.weight 
_refine_ls_restr.number 
_refine_ls_restr.pdbx_refine_id 
_refine_ls_restr.pdbx_restraint_function 
c_bond_d                0.005 ? ? ? 'X-RAY DIFFRACTION' ? 
c_bond_d_na             ?     ? ? ? 'X-RAY DIFFRACTION' ? 
c_bond_d_prot           ?     ? ? ? 'X-RAY DIFFRACTION' ? 
c_angle_d               ?     ? ? ? 'X-RAY DIFFRACTION' ? 
c_angle_d_na            ?     ? ? ? 'X-RAY DIFFRACTION' ? 
c_angle_d_prot          ?     ? ? ? 'X-RAY DIFFRACTION' ? 
c_angle_deg             1.3   ? ? ? 'X-RAY DIFFRACTION' ? 
c_angle_deg_na          ?     ? ? ? 'X-RAY DIFFRACTION' ? 
c_angle_deg_prot        ?     ? ? ? 'X-RAY DIFFRACTION' ? 
c_dihedral_angle_d      25.3  ? ? ? 'X-RAY DIFFRACTION' ? 
c_dihedral_angle_d_na   ?     ? ? ? 'X-RAY DIFFRACTION' ? 
c_dihedral_angle_d_prot ?     ? ? ? 'X-RAY DIFFRACTION' ? 
c_improper_angle_d      0.75  ? ? ? 'X-RAY DIFFRACTION' ? 
c_improper_angle_d_na   ?     ? ? ? 'X-RAY DIFFRACTION' ? 
c_improper_angle_d_prot ?     ? ? ? 'X-RAY DIFFRACTION' ? 
c_mcbond_it             ?     ? ? ? 'X-RAY DIFFRACTION' ? 
c_mcangle_it            ?     ? ? ? 'X-RAY DIFFRACTION' ? 
c_scbond_it             ?     ? ? ? 'X-RAY DIFFRACTION' ? 
c_scangle_it            ?     ? ? ? 'X-RAY DIFFRACTION' ? 
# 
_refine_ls_shell.pdbx_total_number_of_bins_used   6 
_refine_ls_shell.d_res_high                       1.80 
_refine_ls_shell.d_res_low                        1.91 
_refine_ls_shell.number_reflns_R_work             3930 
_refine_ls_shell.R_factor_R_work                  0.232 
_refine_ls_shell.percent_reflns_obs               94.3 
_refine_ls_shell.R_factor_R_free                  ? 
_refine_ls_shell.R_factor_R_free_error            ? 
_refine_ls_shell.percent_reflns_R_free            ? 
_refine_ls_shell.number_reflns_R_free             ? 
_refine_ls_shell.number_reflns_obs                ? 
_refine_ls_shell.redundancy_reflns_obs            ? 
_refine_ls_shell.number_reflns_all                ? 
_refine_ls_shell.pdbx_refine_id                   'X-RAY DIFFRACTION' 
_refine_ls_shell.R_factor_all                     ? 
# 
loop_
_pdbx_xplor_file.serial_no 
_pdbx_xplor_file.param_file 
_pdbx_xplor_file.topol_file 
_pdbx_xplor_file.pdbx_refine_id 
1 PROTEIN_REP.PARAM CNS_PROTEIN.TOP 'X-RAY DIFFRACTION' 
2 WATER_REP.PARAM   WATER.TOP       'X-RAY DIFFRACTION' 
# 
_struct.entry_id                  1N7F 
_struct.title                     'Crystal structure of the sixth PDZ domain of GRIP1 in complex with liprin C-terminal peptide' 
_struct.pdbx_model_details        ? 
_struct.pdbx_CASP_flag            ? 
_struct.pdbx_model_type_details   ? 
# 
_struct_keywords.entry_id        1N7F 
_struct_keywords.pdbx_keywords   'PROTEIN BINDING' 
_struct_keywords.text            'PDZ, grip, liprin, PROTEIN BINDING' 
# 
loop_
_struct_asym.id 
_struct_asym.pdbx_blank_PDB_chainid_flag 
_struct_asym.pdbx_modified 
_struct_asym.entity_id 
_struct_asym.details 
A N N 1 ? 
B N N 1 ? 
C N N 2 ? 
D N N 2 ? 
E N N 3 ? 
F N N 3 ? 
G N N 3 ? 
H N N 3 ? 
# 
loop_
_struct_ref.id 
_struct_ref.db_name 
_struct_ref.db_code 
_struct_ref.entity_id 
_struct_ref.pdbx_seq_one_letter_code 
_struct_ref.pdbx_align_begin 
_struct_ref.pdbx_db_accession 
_struct_ref.pdbx_db_isoform 
1 UNP GRIP1_RAT 1 
;SSGAIIYTVELKRYGGPLGITISGTEEPFDPIIISSLTKGGLAERTGAIHIGDRILAINSSSLKGKPLSEAIHLLQMAGE
TVTLKIKKQTDAQPASS
;
665  P97879   ? 
2 GB  AAH34046  2 ATVRTYSC                                                                                             1195 
21707845 ? 
# 
loop_
_struct_ref_seq.align_id 
_struct_ref_seq.ref_id 
_struct_ref_seq.pdbx_PDB_id_code 
_struct_ref_seq.pdbx_strand_id 
_struct_ref_seq.seq_align_beg 
_struct_ref_seq.pdbx_seq_align_beg_ins_code 
_struct_ref_seq.seq_align_end 
_struct_ref_seq.pdbx_seq_align_end_ins_code 
_struct_ref_seq.pdbx_db_accession 
_struct_ref_seq.db_align_beg 
_struct_ref_seq.pdbx_db_align_beg_ins_code 
_struct_ref_seq.db_align_end 
_struct_ref_seq.pdbx_db_align_end_ins_code 
_struct_ref_seq.pdbx_auth_seq_align_beg 
_struct_ref_seq.pdbx_auth_seq_align_end 
1 1 1N7F A 1 ? 97 ? P97879   665  ? 761  ? 665 761 
2 1 1N7F B 1 ? 97 ? P97879   665  ? 761  ? 665 761 
3 2 1N7F C 1 ? 8  ? 21707845 1195 ? 1202 ? 1   8   
4 2 1N7F D 1 ? 8  ? 21707845 1195 ? 1202 ? 1   8   
# 
_pdbx_struct_assembly.id                   1 
_pdbx_struct_assembly.details              author_and_software_defined_assembly 
_pdbx_struct_assembly.method_details       PISA 
_pdbx_struct_assembly.oligomeric_details   tetrameric 
_pdbx_struct_assembly.oligomeric_count     4 
# 
loop_
_pdbx_struct_assembly_prop.biol_id 
_pdbx_struct_assembly_prop.type 
_pdbx_struct_assembly_prop.value 
_pdbx_struct_assembly_prop.details 
1 'ABSA (A^2)' 3160 ? 
1 MORE         -20  ? 
1 'SSA (A^2)'  9400 ? 
# 
_pdbx_struct_assembly_gen.assembly_id       1 
_pdbx_struct_assembly_gen.oper_expression   1 
_pdbx_struct_assembly_gen.asym_id_list      A,B,C,D,E,F,G,H 
# 
_pdbx_struct_oper_list.id                   1 
_pdbx_struct_oper_list.type                 'identity operation' 
_pdbx_struct_oper_list.name                 1_555 
_pdbx_struct_oper_list.symmetry_operation   x,y,z 
_pdbx_struct_oper_list.matrix[1][1]         1.0000000000 
_pdbx_struct_oper_list.matrix[1][2]         0.0000000000 
_pdbx_struct_oper_list.matrix[1][3]         0.0000000000 
_pdbx_struct_oper_list.vector[1]            0.0000000000 
_pdbx_struct_oper_list.matrix[2][1]         0.0000000000 
_pdbx_struct_oper_list.matrix[2][2]         1.0000000000 
_pdbx_struct_oper_list.matrix[2][3]         0.0000000000 
_pdbx_struct_oper_list.vector[2]            0.0000000000 
_pdbx_struct_oper_list.matrix[3][1]         0.0000000000 
_pdbx_struct_oper_list.matrix[3][2]         0.0000000000 
_pdbx_struct_oper_list.matrix[3][3]         1.0000000000 
_pdbx_struct_oper_list.vector[3]            0.0000000000 
# 
loop_
_struct_conf.conf_type_id 
_struct_conf.id 
_struct_conf.pdbx_PDB_helix_id 
_struct_conf.beg_label_comp_id 
_struct_conf.beg_label_asym_id 
_struct_conf.beg_label_seq_id 
_struct_conf.pdbx_beg_PDB_ins_code 
_struct_conf.end_label_comp_id 
_struct_conf.end_label_asym_id 
_struct_conf.end_label_seq_id 
_struct_conf.pdbx_end_PDB_ins_code 
_struct_conf.beg_auth_comp_id 
_struct_conf.beg_auth_asym_id 
_struct_conf.beg_auth_seq_id 
_struct_conf.end_auth_comp_id 
_struct_conf.end_auth_asym_id 
_struct_conf.end_auth_seq_id 
_struct_conf.pdbx_PDB_helix_class 
_struct_conf.details 
_struct_conf.pdbx_PDB_helix_length 
HELX_P HELX_P1 1 GLY A 41 ? GLY A 47 ? GLY A 705 GLY A 711 1 ? 7  
HELX_P HELX_P2 2 PRO A 67 ? GLN A 76 ? PRO A 731 GLN A 740 1 ? 10 
HELX_P HELX_P3 3 GLY B 41 ? GLY B 47 ? GLY B 705 GLY B 711 1 ? 7  
HELX_P HELX_P4 4 PRO B 67 ? ALA B 78 ? PRO B 731 ALA B 742 1 ? 12 
# 
_struct_conf_type.id          HELX_P 
_struct_conf_type.criteria    ? 
_struct_conf_type.reference   ? 
# 
loop_
_struct_sheet.id 
_struct_sheet.type 
_struct_sheet.number_strands 
_struct_sheet.details 
A ? 8 ? 
B ? 3 ? 
C ? 3 ? 
# 
loop_
_struct_sheet_order.sheet_id 
_struct_sheet_order.range_id_1 
_struct_sheet_order.range_id_2 
_struct_sheet_order.offset 
_struct_sheet_order.sense 
A 1 2 ? anti-parallel 
A 2 3 ? anti-parallel 
A 3 4 ? anti-parallel 
A 4 5 ? anti-parallel 
A 5 6 ? anti-parallel 
A 6 7 ? anti-parallel 
A 7 8 ? anti-parallel 
B 1 2 ? anti-parallel 
B 2 3 ? anti-parallel 
C 1 2 ? anti-parallel 
C 2 3 ? anti-parallel 
# 
loop_
_struct_sheet_range.sheet_id 
_struct_sheet_range.id 
_struct_sheet_range.beg_label_comp_id 
_struct_sheet_range.beg_label_asym_id 
_struct_sheet_range.beg_label_seq_id 
_struct_sheet_range.pdbx_beg_PDB_ins_code 
_struct_sheet_range.end_label_comp_id 
_struct_sheet_range.end_label_asym_id 
_struct_sheet_range.end_label_seq_id 
_struct_sheet_range.pdbx_end_PDB_ins_code 
_struct_sheet_range.beg_auth_comp_id 
_struct_sheet_range.beg_auth_asym_id 
_struct_sheet_range.beg_auth_seq_id 
_struct_sheet_range.end_auth_comp_id 
_struct_sheet_range.end_auth_asym_id 
_struct_sheet_range.end_auth_seq_id 
A 1 SER A 61 ? SER A 62 ? SER A 725 SER A 726 
A 2 ARG A 54 ? ILE A 58 ? ARG A 718 ILE A 722 
A 3 THR A 81 ? LYS A 87 ? THR A 745 LYS A 751 
A 4 ILE A 6  ? LYS A 12 ? ILE A 670 LYS A 676 
A 5 ILE B 6  ? LYS B 12 ? ILE B 670 LYS B 676 
A 6 THR B 81 ? LYS B 87 ? THR B 745 LYS B 751 
A 7 ARG B 54 ? ILE B 58 ? ARG B 718 ILE B 722 
A 8 SER B 61 ? SER B 62 ? SER B 725 SER B 726 
B 1 ILE A 33 ? LEU A 37 ? ILE A 697 LEU A 701 
B 2 ILE A 20 ? GLY A 24 ? ILE A 684 GLY A 688 
B 3 ARG C 4  ? SER C 7  ? ARG C 4   SER C 7   
C 1 ILE B 33 ? LEU B 37 ? ILE B 697 LEU B 701 
C 2 ILE B 20 ? GLY B 24 ? ILE B 684 GLY B 688 
C 3 ARG D 4  ? SER D 7  ? ARG D 4   SER D 7   
# 
loop_
_pdbx_struct_sheet_hbond.sheet_id 
_pdbx_struct_sheet_hbond.range_id_1 
_pdbx_struct_sheet_hbond.range_id_2 
_pdbx_struct_sheet_hbond.range_1_label_atom_id 
_pdbx_struct_sheet_hbond.range_1_label_comp_id 
_pdbx_struct_sheet_hbond.range_1_label_asym_id 
_pdbx_struct_sheet_hbond.range_1_label_seq_id 
_pdbx_struct_sheet_hbond.range_1_PDB_ins_code 
_pdbx_struct_sheet_hbond.range_1_auth_atom_id 
_pdbx_struct_sheet_hbond.range_1_auth_comp_id 
_pdbx_struct_sheet_hbond.range_1_auth_asym_id 
_pdbx_struct_sheet_hbond.range_1_auth_seq_id 
_pdbx_struct_sheet_hbond.range_2_label_atom_id 
_pdbx_struct_sheet_hbond.range_2_label_comp_id 
_pdbx_struct_sheet_hbond.range_2_label_asym_id 
_pdbx_struct_sheet_hbond.range_2_label_seq_id 
_pdbx_struct_sheet_hbond.range_2_PDB_ins_code 
_pdbx_struct_sheet_hbond.range_2_auth_atom_id 
_pdbx_struct_sheet_hbond.range_2_auth_comp_id 
_pdbx_struct_sheet_hbond.range_2_auth_asym_id 
_pdbx_struct_sheet_hbond.range_2_auth_seq_id 
A 1 2 O SER A 61 ? O SER A 725 N ILE A 58 ? N ILE A 722 
A 2 3 N ARG A 54 ? N ARG A 718 O LYS A 87 ? O LYS A 751 
A 3 4 O ILE A 86 ? O ILE A 750 N TYR A 7  ? N TYR A 671 
A 4 5 N THR A 8  ? N THR A 672 O GLU B 10 ? O GLU B 674 
A 5 6 N TYR B 7  ? N TYR B 671 O ILE B 86 ? O ILE B 750 
A 6 7 O LYS B 87 ? O LYS B 751 N ARG B 54 ? N ARG B 718 
A 7 8 N ILE B 58 ? N ILE B 722 O SER B 61 ? O SER B 725 
B 1 2 O ILE A 33 ? O ILE A 697 N SER A 23 ? N SER A 687 
B 2 3 N ILE A 22 ? N ILE A 686 O TYR C 6  ? O TYR C 6   
C 1 2 O ILE B 33 ? O ILE B 697 N SER B 23 ? N SER B 687 
C 2 3 N GLY B 24 ? N GLY B 688 O ARG D 4  ? O ARG D 4   
# 
loop_
_pdbx_validate_torsion.id 
_pdbx_validate_torsion.PDB_model_num 
_pdbx_validate_torsion.auth_comp_id 
_pdbx_validate_torsion.auth_asym_id 
_pdbx_validate_torsion.auth_seq_id 
_pdbx_validate_torsion.PDB_ins_code 
_pdbx_validate_torsion.label_alt_id 
_pdbx_validate_torsion.phi 
_pdbx_validate_torsion.psi 
1 1 PRO A 692 ? ? -29.88 -61.56  
2 1 SER A 724 ? ? 77.80  -6.39   
3 1 TYR B 678 ? ? 57.45  -111.66 
4 1 SER B 724 ? ? 79.17  -3.05   
# 
loop_
_pdbx_unobs_or_zero_occ_residues.id 
_pdbx_unobs_or_zero_occ_residues.PDB_model_num 
_pdbx_unobs_or_zero_occ_residues.polymer_flag 
_pdbx_unobs_or_zero_occ_residues.occupancy_flag 
_pdbx_unobs_or_zero_occ_residues.auth_asym_id 
_pdbx_unobs_or_zero_occ_residues.auth_comp_id 
_pdbx_unobs_or_zero_occ_residues.auth_seq_id 
_pdbx_unobs_or_zero_occ_residues.PDB_ins_code 
_pdbx_unobs_or_zero_occ_residues.label_asym_id 
_pdbx_unobs_or_zero_occ_residues.label_comp_id 
_pdbx_unobs_or_zero_occ_residues.label_seq_id 
1  1 Y 1 A SER 665 ? A SER 1  
2  1 Y 1 A SER 666 ? A SER 2  
3  1 Y 1 A GLY 667 ? A GLY 3  
4  1 Y 1 A THR 754 ? A THR 90 
5  1 Y 1 A ASP 755 ? A ASP 91 
6  1 Y 1 A ALA 756 ? A ALA 92 
7  1 Y 1 A GLN 757 ? A GLN 93 
8  1 Y 1 A PRO 758 ? A PRO 94 
9  1 Y 1 A ALA 759 ? A ALA 95 
10 1 Y 1 A SER 760 ? A SER 96 
11 1 Y 1 A SER 761 ? A SER 97 
12 1 Y 1 B SER 665 ? B SER 1  
13 1 Y 1 B SER 666 ? B SER 2  
14 1 Y 1 B GLY 667 ? B GLY 3  
15 1 Y 1 B THR 754 ? B THR 90 
16 1 Y 1 B ASP 755 ? B ASP 91 
17 1 Y 1 B ALA 756 ? B ALA 92 
18 1 Y 1 B GLN 757 ? B GLN 93 
19 1 Y 1 B PRO 758 ? B PRO 94 
20 1 Y 1 B ALA 759 ? B ALA 95 
21 1 Y 1 B SER 760 ? B SER 96 
22 1 Y 1 B SER 761 ? B SER 97 
# 
loop_
_chem_comp_atom.comp_id 
_chem_comp_atom.atom_id 
_chem_comp_atom.type_symbol 
_chem_comp_atom.pdbx_aromatic_flag 
_chem_comp_atom.pdbx_stereo_config 
_chem_comp_atom.pdbx_ordinal 
ALA N    N N N 1   
ALA CA   C N S 2   
ALA C    C N N 3   
ALA O    O N N 4   
ALA CB   C N N 5   
ALA OXT  O N N 6   
ALA H    H N N 7   
ALA H2   H N N 8   
ALA HA   H N N 9   
ALA HB1  H N N 10  
ALA HB2  H N N 11  
ALA HB3  H N N 12  
ALA HXT  H N N 13  
ARG N    N N N 14  
ARG CA   C N S 15  
ARG C    C N N 16  
ARG O    O N N 17  
ARG CB   C N N 18  
ARG CG   C N N 19  
ARG CD   C N N 20  
ARG NE   N N N 21  
ARG CZ   C N N 22  
ARG NH1  N N N 23  
ARG NH2  N N N 24  
ARG OXT  O N N 25  
ARG H    H N N 26  
ARG H2   H N N 27  
ARG HA   H N N 28  
ARG HB2  H N N 29  
ARG HB3  H N N 30  
ARG HG2  H N N 31  
ARG HG3  H N N 32  
ARG HD2  H N N 33  
ARG HD3  H N N 34  
ARG HE   H N N 35  
ARG HH11 H N N 36  
ARG HH12 H N N 37  
ARG HH21 H N N 38  
ARG HH22 H N N 39  
ARG HXT  H N N 40  
ASN N    N N N 41  
ASN CA   C N S 42  
ASN C    C N N 43  
ASN O    O N N 44  
ASN CB   C N N 45  
ASN CG   C N N 46  
ASN OD1  O N N 47  
ASN ND2  N N N 48  
ASN OXT  O N N 49  
ASN H    H N N 50  
ASN H2   H N N 51  
ASN HA   H N N 52  
ASN HB2  H N N 53  
ASN HB3  H N N 54  
ASN HD21 H N N 55  
ASN HD22 H N N 56  
ASN HXT  H N N 57  
ASP N    N N N 58  
ASP CA   C N S 59  
ASP C    C N N 60  
ASP O    O N N 61  
ASP CB   C N N 62  
ASP CG   C N N 63  
ASP OD1  O N N 64  
ASP OD2  O N N 65  
ASP OXT  O N N 66  
ASP H    H N N 67  
ASP H2   H N N 68  
ASP HA   H N N 69  
ASP HB2  H N N 70  
ASP HB3  H N N 71  
ASP HD2  H N N 72  
ASP HXT  H N N 73  
CYS N    N N N 74  
CYS CA   C N R 75  
CYS C    C N N 76  
CYS O    O N N 77  
CYS CB   C N N 78  
CYS SG   S N N 79  
CYS OXT  O N N 80  
CYS H    H N N 81  
CYS H2   H N N 82  
CYS HA   H N N 83  
CYS HB2  H N N 84  
CYS HB3  H N N 85  
CYS HG   H N N 86  
CYS HXT  H N N 87  
GLN N    N N N 88  
GLN CA   C N S 89  
GLN C    C N N 90  
GLN O    O N N 91  
GLN CB   C N N 92  
GLN CG   C N N 93  
GLN CD   C N N 94  
GLN OE1  O N N 95  
GLN NE2  N N N 96  
GLN OXT  O N N 97  
GLN H    H N N 98  
GLN H2   H N N 99  
GLN HA   H N N 100 
GLN HB2  H N N 101 
GLN HB3  H N N 102 
GLN HG2  H N N 103 
GLN HG3  H N N 104 
GLN HE21 H N N 105 
GLN HE22 H N N 106 
GLN HXT  H N N 107 
GLU N    N N N 108 
GLU CA   C N S 109 
GLU C    C N N 110 
GLU O    O N N 111 
GLU CB   C N N 112 
GLU CG   C N N 113 
GLU CD   C N N 114 
GLU OE1  O N N 115 
GLU OE2  O N N 116 
GLU OXT  O N N 117 
GLU H    H N N 118 
GLU H2   H N N 119 
GLU HA   H N N 120 
GLU HB2  H N N 121 
GLU HB3  H N N 122 
GLU HG2  H N N 123 
GLU HG3  H N N 124 
GLU HE2  H N N 125 
GLU HXT  H N N 126 
GLY N    N N N 127 
GLY CA   C N N 128 
GLY C    C N N 129 
GLY O    O N N 130 
GLY OXT  O N N 131 
GLY H    H N N 132 
GLY H2   H N N 133 
GLY HA2  H N N 134 
GLY HA3  H N N 135 
GLY HXT  H N N 136 
HIS N    N N N 137 
HIS CA   C N S 138 
HIS C    C N N 139 
HIS O    O N N 140 
HIS CB   C N N 141 
HIS CG   C Y N 142 
HIS ND1  N Y N 143 
HIS CD2  C Y N 144 
HIS CE1  C Y N 145 
HIS NE2  N Y N 146 
HIS OXT  O N N 147 
HIS H    H N N 148 
HIS H2   H N N 149 
HIS HA   H N N 150 
HIS HB2  H N N 151 
HIS HB3  H N N 152 
HIS HD1  H N N 153 
HIS HD2  H N N 154 
HIS HE1  H N N 155 
HIS HE2  H N N 156 
HIS HXT  H N N 157 
HOH O    O N N 158 
HOH H1   H N N 159 
HOH H2   H N N 160 
ILE N    N N N 161 
ILE CA   C N S 162 
ILE C    C N N 163 
ILE O    O N N 164 
ILE CB   C N S 165 
ILE CG1  C N N 166 
ILE CG2  C N N 167 
ILE CD1  C N N 168 
ILE OXT  O N N 169 
ILE H    H N N 170 
ILE H2   H N N 171 
ILE HA   H N N 172 
ILE HB   H N N 173 
ILE HG12 H N N 174 
ILE HG13 H N N 175 
ILE HG21 H N N 176 
ILE HG22 H N N 177 
ILE HG23 H N N 178 
ILE HD11 H N N 179 
ILE HD12 H N N 180 
ILE HD13 H N N 181 
ILE HXT  H N N 182 
LEU N    N N N 183 
LEU CA   C N S 184 
LEU C    C N N 185 
LEU O    O N N 186 
LEU CB   C N N 187 
LEU CG   C N N 188 
LEU CD1  C N N 189 
LEU CD2  C N N 190 
LEU OXT  O N N 191 
LEU H    H N N 192 
LEU H2   H N N 193 
LEU HA   H N N 194 
LEU HB2  H N N 195 
LEU HB3  H N N 196 
LEU HG   H N N 197 
LEU HD11 H N N 198 
LEU HD12 H N N 199 
LEU HD13 H N N 200 
LEU HD21 H N N 201 
LEU HD22 H N N 202 
LEU HD23 H N N 203 
LEU HXT  H N N 204 
LYS N    N N N 205 
LYS CA   C N S 206 
LYS C    C N N 207 
LYS O    O N N 208 
LYS CB   C N N 209 
LYS CG   C N N 210 
LYS CD   C N N 211 
LYS CE   C N N 212 
LYS NZ   N N N 213 
LYS OXT  O N N 214 
LYS H    H N N 215 
LYS H2   H N N 216 
LYS HA   H N N 217 
LYS HB2  H N N 218 
LYS HB3  H N N 219 
LYS HG2  H N N 220 
LYS HG3  H N N 221 
LYS HD2  H N N 222 
LYS HD3  H N N 223 
LYS HE2  H N N 224 
LYS HE3  H N N 225 
LYS HZ1  H N N 226 
LYS HZ2  H N N 227 
LYS HZ3  H N N 228 
LYS HXT  H N N 229 
MET N    N N N 230 
MET CA   C N S 231 
MET C    C N N 232 
MET O    O N N 233 
MET CB   C N N 234 
MET CG   C N N 235 
MET SD   S N N 236 
MET CE   C N N 237 
MET OXT  O N N 238 
MET H    H N N 239 
MET H2   H N N 240 
MET HA   H N N 241 
MET HB2  H N N 242 
MET HB3  H N N 243 
MET HG2  H N N 244 
MET HG3  H N N 245 
MET HE1  H N N 246 
MET HE2  H N N 247 
MET HE3  H N N 248 
MET HXT  H N N 249 
PHE N    N N N 250 
PHE CA   C N S 251 
PHE C    C N N 252 
PHE O    O N N 253 
PHE CB   C N N 254 
PHE CG   C Y N 255 
PHE CD1  C Y N 256 
PHE CD2  C Y N 257 
PHE CE1  C Y N 258 
PHE CE2  C Y N 259 
PHE CZ   C Y N 260 
PHE OXT  O N N 261 
PHE H    H N N 262 
PHE H2   H N N 263 
PHE HA   H N N 264 
PHE HB2  H N N 265 
PHE HB3  H N N 266 
PHE HD1  H N N 267 
PHE HD2  H N N 268 
PHE HE1  H N N 269 
PHE HE2  H N N 270 
PHE HZ   H N N 271 
PHE HXT  H N N 272 
PRO N    N N N 273 
PRO CA   C N S 274 
PRO C    C N N 275 
PRO O    O N N 276 
PRO CB   C N N 277 
PRO CG   C N N 278 
PRO CD   C N N 279 
PRO OXT  O N N 280 
PRO H    H N N 281 
PRO HA   H N N 282 
PRO HB2  H N N 283 
PRO HB3  H N N 284 
PRO HG2  H N N 285 
PRO HG3  H N N 286 
PRO HD2  H N N 287 
PRO HD3  H N N 288 
PRO HXT  H N N 289 
SER N    N N N 290 
SER CA   C N S 291 
SER C    C N N 292 
SER O    O N N 293 
SER CB   C N N 294 
SER OG   O N N 295 
SER OXT  O N N 296 
SER H    H N N 297 
SER H2   H N N 298 
SER HA   H N N 299 
SER HB2  H N N 300 
SER HB3  H N N 301 
SER HG   H N N 302 
SER HXT  H N N 303 
THR N    N N N 304 
THR CA   C N S 305 
THR C    C N N 306 
THR O    O N N 307 
THR CB   C N R 308 
THR OG1  O N N 309 
THR CG2  C N N 310 
THR OXT  O N N 311 
THR H    H N N 312 
THR H2   H N N 313 
THR HA   H N N 314 
THR HB   H N N 315 
THR HG1  H N N 316 
THR HG21 H N N 317 
THR HG22 H N N 318 
THR HG23 H N N 319 
THR HXT  H N N 320 
TYR N    N N N 321 
TYR CA   C N S 322 
TYR C    C N N 323 
TYR O    O N N 324 
TYR CB   C N N 325 
TYR CG   C Y N 326 
TYR CD1  C Y N 327 
TYR CD2  C Y N 328 
TYR CE1  C Y N 329 
TYR CE2  C Y N 330 
TYR CZ   C Y N 331 
TYR OH   O N N 332 
TYR OXT  O N N 333 
TYR H    H N N 334 
TYR H2   H N N 335 
TYR HA   H N N 336 
TYR HB2  H N N 337 
TYR HB3  H N N 338 
TYR HD1  H N N 339 
TYR HD2  H N N 340 
TYR HE1  H N N 341 
TYR HE2  H N N 342 
TYR HH   H N N 343 
TYR HXT  H N N 344 
VAL N    N N N 345 
VAL CA   C N S 346 
VAL C    C N N 347 
VAL O    O N N 348 
VAL CB   C N N 349 
VAL CG1  C N N 350 
VAL CG2  C N N 351 
VAL OXT  O N N 352 
VAL H    H N N 353 
VAL H2   H N N 354 
VAL HA   H N N 355 
VAL HB   H N N 356 
VAL HG11 H N N 357 
VAL HG12 H N N 358 
VAL HG13 H N N 359 
VAL HG21 H N N 360 
VAL HG22 H N N 361 
VAL HG23 H N N 362 
VAL HXT  H N N 363 
# 
loop_
_chem_comp_bond.comp_id 
_chem_comp_bond.atom_id_1 
_chem_comp_bond.atom_id_2 
_chem_comp_bond.value_order 
_chem_comp_bond.pdbx_aromatic_flag 
_chem_comp_bond.pdbx_stereo_config 
_chem_comp_bond.pdbx_ordinal 
ALA N   CA   sing N N 1   
ALA N   H    sing N N 2   
ALA N   H2   sing N N 3   
ALA CA  C    sing N N 4   
ALA CA  CB   sing N N 5   
ALA CA  HA   sing N N 6   
ALA C   O    doub N N 7   
ALA C   OXT  sing N N 8   
ALA CB  HB1  sing N N 9   
ALA CB  HB2  sing N N 10  
ALA CB  HB3  sing N N 11  
ALA OXT HXT  sing N N 12  
ARG N   CA   sing N N 13  
ARG N   H    sing N N 14  
ARG N   H2   sing N N 15  
ARG CA  C    sing N N 16  
ARG CA  CB   sing N N 17  
ARG CA  HA   sing N N 18  
ARG C   O    doub N N 19  
ARG C   OXT  sing N N 20  
ARG CB  CG   sing N N 21  
ARG CB  HB2  sing N N 22  
ARG CB  HB3  sing N N 23  
ARG CG  CD   sing N N 24  
ARG CG  HG2  sing N N 25  
ARG CG  HG3  sing N N 26  
ARG CD  NE   sing N N 27  
ARG CD  HD2  sing N N 28  
ARG CD  HD3  sing N N 29  
ARG NE  CZ   sing N N 30  
ARG NE  HE   sing N N 31  
ARG CZ  NH1  sing N N 32  
ARG CZ  NH2  doub N N 33  
ARG NH1 HH11 sing N N 34  
ARG NH1 HH12 sing N N 35  
ARG NH2 HH21 sing N N 36  
ARG NH2 HH22 sing N N 37  
ARG OXT HXT  sing N N 38  
ASN N   CA   sing N N 39  
ASN N   H    sing N N 40  
ASN N   H2   sing N N 41  
ASN CA  C    sing N N 42  
ASN CA  CB   sing N N 43  
ASN CA  HA   sing N N 44  
ASN C   O    doub N N 45  
ASN C   OXT  sing N N 46  
ASN CB  CG   sing N N 47  
ASN CB  HB2  sing N N 48  
ASN CB  HB3  sing N N 49  
ASN CG  OD1  doub N N 50  
ASN CG  ND2  sing N N 51  
ASN ND2 HD21 sing N N 52  
ASN ND2 HD22 sing N N 53  
ASN OXT HXT  sing N N 54  
ASP N   CA   sing N N 55  
ASP N   H    sing N N 56  
ASP N   H2   sing N N 57  
ASP CA  C    sing N N 58  
ASP CA  CB   sing N N 59  
ASP CA  HA   sing N N 60  
ASP C   O    doub N N 61  
ASP C   OXT  sing N N 62  
ASP CB  CG   sing N N 63  
ASP CB  HB2  sing N N 64  
ASP CB  HB3  sing N N 65  
ASP CG  OD1  doub N N 66  
ASP CG  OD2  sing N N 67  
ASP OD2 HD2  sing N N 68  
ASP OXT HXT  sing N N 69  
CYS N   CA   sing N N 70  
CYS N   H    sing N N 71  
CYS N   H2   sing N N 72  
CYS CA  C    sing N N 73  
CYS CA  CB   sing N N 74  
CYS CA  HA   sing N N 75  
CYS C   O    doub N N 76  
CYS C   OXT  sing N N 77  
CYS CB  SG   sing N N 78  
CYS CB  HB2  sing N N 79  
CYS CB  HB3  sing N N 80  
CYS SG  HG   sing N N 81  
CYS OXT HXT  sing N N 82  
GLN N   CA   sing N N 83  
GLN N   H    sing N N 84  
GLN N   H2   sing N N 85  
GLN CA  C    sing N N 86  
GLN CA  CB   sing N N 87  
GLN CA  HA   sing N N 88  
GLN C   O    doub N N 89  
GLN C   OXT  sing N N 90  
GLN CB  CG   sing N N 91  
GLN CB  HB2  sing N N 92  
GLN CB  HB3  sing N N 93  
GLN CG  CD   sing N N 94  
GLN CG  HG2  sing N N 95  
GLN CG  HG3  sing N N 96  
GLN CD  OE1  doub N N 97  
GLN CD  NE2  sing N N 98  
GLN NE2 HE21 sing N N 99  
GLN NE2 HE22 sing N N 100 
GLN OXT HXT  sing N N 101 
GLU N   CA   sing N N 102 
GLU N   H    sing N N 103 
GLU N   H2   sing N N 104 
GLU CA  C    sing N N 105 
GLU CA  CB   sing N N 106 
GLU CA  HA   sing N N 107 
GLU C   O    doub N N 108 
GLU C   OXT  sing N N 109 
GLU CB  CG   sing N N 110 
GLU CB  HB2  sing N N 111 
GLU CB  HB3  sing N N 112 
GLU CG  CD   sing N N 113 
GLU CG  HG2  sing N N 114 
GLU CG  HG3  sing N N 115 
GLU CD  OE1  doub N N 116 
GLU CD  OE2  sing N N 117 
GLU OE2 HE2  sing N N 118 
GLU OXT HXT  sing N N 119 
GLY N   CA   sing N N 120 
GLY N   H    sing N N 121 
GLY N   H2   sing N N 122 
GLY CA  C    sing N N 123 
GLY CA  HA2  sing N N 124 
GLY CA  HA3  sing N N 125 
GLY C   O    doub N N 126 
GLY C   OXT  sing N N 127 
GLY OXT HXT  sing N N 128 
HIS N   CA   sing N N 129 
HIS N   H    sing N N 130 
HIS N   H2   sing N N 131 
HIS CA  C    sing N N 132 
HIS CA  CB   sing N N 133 
HIS CA  HA   sing N N 134 
HIS C   O    doub N N 135 
HIS C   OXT  sing N N 136 
HIS CB  CG   sing N N 137 
HIS CB  HB2  sing N N 138 
HIS CB  HB3  sing N N 139 
HIS CG  ND1  sing Y N 140 
HIS CG  CD2  doub Y N 141 
HIS ND1 CE1  doub Y N 142 
HIS ND1 HD1  sing N N 143 
HIS CD2 NE2  sing Y N 144 
HIS CD2 HD2  sing N N 145 
HIS CE1 NE2  sing Y N 146 
HIS CE1 HE1  sing N N 147 
HIS NE2 HE2  sing N N 148 
HIS OXT HXT  sing N N 149 
HOH O   H1   sing N N 150 
HOH O   H2   sing N N 151 
ILE N   CA   sing N N 152 
ILE N   H    sing N N 153 
ILE N   H2   sing N N 154 
ILE CA  C    sing N N 155 
ILE CA  CB   sing N N 156 
ILE CA  HA   sing N N 157 
ILE C   O    doub N N 158 
ILE C   OXT  sing N N 159 
ILE CB  CG1  sing N N 160 
ILE CB  CG2  sing N N 161 
ILE CB  HB   sing N N 162 
ILE CG1 CD1  sing N N 163 
ILE CG1 HG12 sing N N 164 
ILE CG1 HG13 sing N N 165 
ILE CG2 HG21 sing N N 166 
ILE CG2 HG22 sing N N 167 
ILE CG2 HG23 sing N N 168 
ILE CD1 HD11 sing N N 169 
ILE CD1 HD12 sing N N 170 
ILE CD1 HD13 sing N N 171 
ILE OXT HXT  sing N N 172 
LEU N   CA   sing N N 173 
LEU N   H    sing N N 174 
LEU N   H2   sing N N 175 
LEU CA  C    sing N N 176 
LEU CA  CB   sing N N 177 
LEU CA  HA   sing N N 178 
LEU C   O    doub N N 179 
LEU C   OXT  sing N N 180 
LEU CB  CG   sing N N 181 
LEU CB  HB2  sing N N 182 
LEU CB  HB3  sing N N 183 
LEU CG  CD1  sing N N 184 
LEU CG  CD2  sing N N 185 
LEU CG  HG   sing N N 186 
LEU CD1 HD11 sing N N 187 
LEU CD1 HD12 sing N N 188 
LEU CD1 HD13 sing N N 189 
LEU CD2 HD21 sing N N 190 
LEU CD2 HD22 sing N N 191 
LEU CD2 HD23 sing N N 192 
LEU OXT HXT  sing N N 193 
LYS N   CA   sing N N 194 
LYS N   H    sing N N 195 
LYS N   H2   sing N N 196 
LYS CA  C    sing N N 197 
LYS CA  CB   sing N N 198 
LYS CA  HA   sing N N 199 
LYS C   O    doub N N 200 
LYS C   OXT  sing N N 201 
LYS CB  CG   sing N N 202 
LYS CB  HB2  sing N N 203 
LYS CB  HB3  sing N N 204 
LYS CG  CD   sing N N 205 
LYS CG  HG2  sing N N 206 
LYS CG  HG3  sing N N 207 
LYS CD  CE   sing N N 208 
LYS CD  HD2  sing N N 209 
LYS CD  HD3  sing N N 210 
LYS CE  NZ   sing N N 211 
LYS CE  HE2  sing N N 212 
LYS CE  HE3  sing N N 213 
LYS NZ  HZ1  sing N N 214 
LYS NZ  HZ2  sing N N 215 
LYS NZ  HZ3  sing N N 216 
LYS OXT HXT  sing N N 217 
MET N   CA   sing N N 218 
MET N   H    sing N N 219 
MET N   H2   sing N N 220 
MET CA  C    sing N N 221 
MET CA  CB   sing N N 222 
MET CA  HA   sing N N 223 
MET C   O    doub N N 224 
MET C   OXT  sing N N 225 
MET CB  CG   sing N N 226 
MET CB  HB2  sing N N 227 
MET CB  HB3  sing N N 228 
MET CG  SD   sing N N 229 
MET CG  HG2  sing N N 230 
MET CG  HG3  sing N N 231 
MET SD  CE   sing N N 232 
MET CE  HE1  sing N N 233 
MET CE  HE2  sing N N 234 
MET CE  HE3  sing N N 235 
MET OXT HXT  sing N N 236 
PHE N   CA   sing N N 237 
PHE N   H    sing N N 238 
PHE N   H2   sing N N 239 
PHE CA  C    sing N N 240 
PHE CA  CB   sing N N 241 
PHE CA  HA   sing N N 242 
PHE C   O    doub N N 243 
PHE C   OXT  sing N N 244 
PHE CB  CG   sing N N 245 
PHE CB  HB2  sing N N 246 
PHE CB  HB3  sing N N 247 
PHE CG  CD1  doub Y N 248 
PHE CG  CD2  sing Y N 249 
PHE CD1 CE1  sing Y N 250 
PHE CD1 HD1  sing N N 251 
PHE CD2 CE2  doub Y N 252 
PHE CD2 HD2  sing N N 253 
PHE CE1 CZ   doub Y N 254 
PHE CE1 HE1  sing N N 255 
PHE CE2 CZ   sing Y N 256 
PHE CE2 HE2  sing N N 257 
PHE CZ  HZ   sing N N 258 
PHE OXT HXT  sing N N 259 
PRO N   CA   sing N N 260 
PRO N   CD   sing N N 261 
PRO N   H    sing N N 262 
PRO CA  C    sing N N 263 
PRO CA  CB   sing N N 264 
PRO CA  HA   sing N N 265 
PRO C   O    doub N N 266 
PRO C   OXT  sing N N 267 
PRO CB  CG   sing N N 268 
PRO CB  HB2  sing N N 269 
PRO CB  HB3  sing N N 270 
PRO CG  CD   sing N N 271 
PRO CG  HG2  sing N N 272 
PRO CG  HG3  sing N N 273 
PRO CD  HD2  sing N N 274 
PRO CD  HD3  sing N N 275 
PRO OXT HXT  sing N N 276 
SER N   CA   sing N N 277 
SER N   H    sing N N 278 
SER N   H2   sing N N 279 
SER CA  C    sing N N 280 
SER CA  CB   sing N N 281 
SER CA  HA   sing N N 282 
SER C   O    doub N N 283 
SER C   OXT  sing N N 284 
SER CB  OG   sing N N 285 
SER CB  HB2  sing N N 286 
SER CB  HB3  sing N N 287 
SER OG  HG   sing N N 288 
SER OXT HXT  sing N N 289 
THR N   CA   sing N N 290 
THR N   H    sing N N 291 
THR N   H2   sing N N 292 
THR CA  C    sing N N 293 
THR CA  CB   sing N N 294 
THR CA  HA   sing N N 295 
THR C   O    doub N N 296 
THR C   OXT  sing N N 297 
THR CB  OG1  sing N N 298 
THR CB  CG2  sing N N 299 
THR CB  HB   sing N N 300 
THR OG1 HG1  sing N N 301 
THR CG2 HG21 sing N N 302 
THR CG2 HG22 sing N N 303 
THR CG2 HG23 sing N N 304 
THR OXT HXT  sing N N 305 
TYR N   CA   sing N N 306 
TYR N   H    sing N N 307 
TYR N   H2   sing N N 308 
TYR CA  C    sing N N 309 
TYR CA  CB   sing N N 310 
TYR CA  HA   sing N N 311 
TYR C   O    doub N N 312 
TYR C   OXT  sing N N 313 
TYR CB  CG   sing N N 314 
TYR CB  HB2  sing N N 315 
TYR CB  HB3  sing N N 316 
TYR CG  CD1  doub Y N 317 
TYR CG  CD2  sing Y N 318 
TYR CD1 CE1  sing Y N 319 
TYR CD1 HD1  sing N N 320 
TYR CD2 CE2  doub Y N 321 
TYR CD2 HD2  sing N N 322 
TYR CE1 CZ   doub Y N 323 
TYR CE1 HE1  sing N N 324 
TYR CE2 CZ   sing Y N 325 
TYR CE2 HE2  sing N N 326 
TYR CZ  OH   sing N N 327 
TYR OH  HH   sing N N 328 
TYR OXT HXT  sing N N 329 
VAL N   CA   sing N N 330 
VAL N   H    sing N N 331 
VAL N   H2   sing N N 332 
VAL CA  C    sing N N 333 
VAL CA  CB   sing N N 334 
VAL CA  HA   sing N N 335 
VAL C   O    doub N N 336 
VAL C   OXT  sing N N 337 
VAL CB  CG1  sing N N 338 
VAL CB  CG2  sing N N 339 
VAL CB  HB   sing N N 340 
VAL CG1 HG11 sing N N 341 
VAL CG1 HG12 sing N N 342 
VAL CG1 HG13 sing N N 343 
VAL CG2 HG21 sing N N 344 
VAL CG2 HG22 sing N N 345 
VAL CG2 HG23 sing N N 346 
VAL OXT HXT  sing N N 347 
# 
_atom_sites.entry_id                    1N7F 
_atom_sites.fract_transf_matrix[1][1]   -0.00041297 
_atom_sites.fract_transf_matrix[1][2]   0.00911765 
_atom_sites.fract_transf_matrix[1][3]   0.00357878 
_atom_sites.fract_transf_matrix[2][1]   -0.00603181 
_atom_sites.fract_transf_matrix[2][2]   0.00207555 
_atom_sites.fract_transf_matrix[2][3]   0.00744366 
_atom_sites.fract_transf_matrix[3][1]   0.00712123 
_atom_sites.fract_transf_matrix[3][2]   -0.00218117 
_atom_sites.fract_transf_matrix[3][3]   0.00637873 
_atom_sites.fract_transf_vector[1]      0.226098 
_atom_sites.fract_transf_vector[2]      -0.578675 
_atom_sites.fract_transf_vector[3]      -0.072672 
# 
loop_
_atom_type.symbol 
C 
N 
O 
S 
# 
loop_
_atom_site.group_PDB 
_atom_site.id 
_atom_site.type_symbol 
_atom_site.label_atom_id 
_atom_site.label_alt_id 
_atom_site.label_comp_id 
_atom_site.label_asym_id 
_atom_site.label_entity_id 
_atom_site.label_seq_id 
_atom_site.pdbx_PDB_ins_code 
_atom_site.Cartn_x 
_atom_site.Cartn_y 
_atom_site.Cartn_z 
_atom_site.occupancy 
_atom_site.B_iso_or_equiv 
_atom_site.pdbx_formal_charge 
_atom_site.auth_seq_id 
_atom_site.auth_comp_id 
_atom_site.auth_asym_id 
_atom_site.auth_atom_id 
_atom_site.pdbx_PDB_model_num 
ATOM   1    N N   . ALA A 1 4  ? 3.355   15.762  5.367   1.00 42.62  ? 668 ALA A N   1 
ATOM   2    C CA  . ALA A 1 4  ? 2.147   15.028  4.884   1.00 40.91  ? 668 ALA A CA  1 
ATOM   3    C C   . ALA A 1 4  ? 2.552   13.708  4.237   1.00 39.24  ? 668 ALA A C   1 
ATOM   4    O O   . ALA A 1 4  ? 3.206   13.698  3.194   1.00 39.25  ? 668 ALA A O   1 
ATOM   5    C CB  . ALA A 1 4  ? 1.383   15.888  3.882   1.00 56.75  ? 668 ALA A CB  1 
ATOM   6    N N   . ILE A 1 5  ? 2.162   12.596  4.856   1.00 27.92  ? 669 ILE A N   1 
ATOM   7    C CA  . ILE A 1 5  ? 2.500   11.274  4.337   1.00 24.83  ? 669 ILE A CA  1 
ATOM   8    C C   . ILE A 1 5  ? 1.374   10.723  3.464   1.00 21.59  ? 669 ILE A C   1 
ATOM   9    O O   . ILE A 1 5  ? 0.324   10.329  3.971   1.00 21.65  ? 669 ILE A O   1 
ATOM   10   C CB  . ILE A 1 5  ? 2.771   10.277  5.490   1.00 36.17  ? 669 ILE A CB  1 
ATOM   11   C CG1 . ILE A 1 5  ? 3.945   10.769  6.343   1.00 37.23  ? 669 ILE A CG1 1 
ATOM   12   C CG2 . ILE A 1 5  ? 3.055   8.888   4.930   1.00 36.97  ? 669 ILE A CG2 1 
ATOM   13   C CD1 . ILE A 1 5  ? 5.264   10.860  5.604   1.00 39.01  ? 669 ILE A CD1 1 
ATOM   14   N N   . ILE A 1 6  ? 1.602   10.700  2.156   1.00 28.54  ? 670 ILE A N   1 
ATOM   15   C CA  . ILE A 1 6  ? 0.617   10.201  1.202   1.00 23.01  ? 670 ILE A CA  1 
ATOM   16   C C   . ILE A 1 6  ? 1.193   9.035   0.401   1.00 22.73  ? 670 ILE A C   1 
ATOM   17   O O   . ILE A 1 6  ? 2.307   9.119   -0.121  1.00 24.58  ? 670 ILE A O   1 
ATOM   18   C CB  . ILE A 1 6  ? 0.198   11.307  0.209   1.00 24.72  ? 670 ILE A CB  1 
ATOM   19   C CG1 . ILE A 1 6  ? -0.496  12.447  0.958   1.00 24.05  ? 670 ILE A CG1 1 
ATOM   20   C CG2 . ILE A 1 6  ? -0.695  10.720  -0.879  1.00 22.87  ? 670 ILE A CG2 1 
ATOM   21   C CD1 . ILE A 1 6  ? -0.753  13.678  0.102   1.00 22.13  ? 670 ILE A CD1 1 
ATOM   22   N N   . TYR A 1 7  ? 0.435   7.950   0.305   1.00 21.04  ? 671 TYR A N   1 
ATOM   23   C CA  . TYR A 1 7  ? 0.881   6.794   -0.457  1.00 19.52  ? 671 TYR A CA  1 
ATOM   24   C C   . TYR A 1 7  ? -0.314  6.174   -1.153  1.00 19.54  ? 671 TYR A C   1 
ATOM   25   O O   . TYR A 1 7  ? -1.459  6.487   -0.836  1.00 20.17  ? 671 TYR A O   1 
ATOM   26   C CB  . TYR A 1 7  ? 1.573   5.767   0.452   1.00 16.86  ? 671 TYR A CB  1 
ATOM   27   C CG  . TYR A 1 7  ? 0.661   5.054   1.429   1.00 19.39  ? 671 TYR A CG  1 
ATOM   28   C CD1 . TYR A 1 7  ? 0.169   3.781   1.150   1.00 20.32  ? 671 TYR A CD1 1 
ATOM   29   C CD2 . TYR A 1 7  ? 0.300   5.649   2.638   1.00 20.86  ? 671 TYR A CD2 1 
ATOM   30   C CE1 . TYR A 1 7  ? -0.658  3.117   2.053   1.00 22.26  ? 671 TYR A CE1 1 
ATOM   31   C CE2 . TYR A 1 7  ? -0.529  4.992   3.545   1.00 22.49  ? 671 TYR A CE2 1 
ATOM   32   C CZ  . TYR A 1 7  ? -1.002  3.728   3.245   1.00 23.06  ? 671 TYR A CZ  1 
ATOM   33   O OH  . TYR A 1 7  ? -1.814  3.064   4.135   1.00 23.71  ? 671 TYR A OH  1 
ATOM   34   N N   . THR A 1 8  ? -0.049  5.303   -2.116  1.00 20.52  ? 672 THR A N   1 
ATOM   35   C CA  . THR A 1 8  ? -1.130  4.660   -2.847  1.00 20.04  ? 672 THR A CA  1 
ATOM   36   C C   . THR A 1 8  ? -1.010  3.147   -2.746  1.00 22.98  ? 672 THR A C   1 
ATOM   37   O O   . THR A 1 8  ? 0.093   2.597   -2.784  1.00 23.32  ? 672 THR A O   1 
ATOM   38   C CB  . THR A 1 8  ? -1.117  5.085   -4.329  1.00 20.37  ? 672 THR A CB  1 
ATOM   39   O OG1 . THR A 1 8  ? -1.321  6.500   -4.421  1.00 20.29  ? 672 THR A OG1 1 
ATOM   40   C CG2 . THR A 1 8  ? -2.207  4.376   -5.098  1.00 19.03  ? 672 THR A CG2 1 
ATOM   41   N N   . VAL A 1 9  ? -2.148  2.478   -2.595  1.00 19.17  ? 673 VAL A N   1 
ATOM   42   C CA  . VAL A 1 9  ? -2.174  1.031   -2.499  1.00 21.63  ? 673 VAL A CA  1 
ATOM   43   C C   . VAL A 1 9  ? -3.127  0.439   -3.520  1.00 23.22  ? 673 VAL A C   1 
ATOM   44   O O   . VAL A 1 9  ? -4.184  1.014   -3.816  1.00 23.22  ? 673 VAL A O   1 
ATOM   45   C CB  . VAL A 1 9  ? -2.618  0.541   -1.092  1.00 22.07  ? 673 VAL A CB  1 
ATOM   46   C CG1 . VAL A 1 9  ? -1.597  0.943   -0.054  1.00 22.35  ? 673 VAL A CG1 1 
ATOM   47   C CG2 . VAL A 1 9  ? -3.989  1.111   -0.737  1.00 23.93  ? 673 VAL A CG2 1 
ATOM   48   N N   . GLU A 1 10 ? -2.745  -0.704  -4.076  1.00 23.76  ? 674 GLU A N   1 
ATOM   49   C CA  . GLU A 1 10 ? -3.600  -1.384  -5.029  1.00 25.55  ? 674 GLU A CA  1 
ATOM   50   C C   . GLU A 1 10 ? -3.958  -2.702  -4.371  1.00 25.36  ? 674 GLU A C   1 
ATOM   51   O O   . GLU A 1 10 ? -3.087  -3.521  -4.083  1.00 23.43  ? 674 GLU A O   1 
ATOM   52   C CB  . GLU A 1 10 ? -2.881  -1.650  -6.347  1.00 32.36  ? 674 GLU A CB  1 
ATOM   53   C CG  . GLU A 1 10 ? -3.813  -2.228  -7.401  1.00 38.88  ? 674 GLU A CG  1 
ATOM   54   C CD  . GLU A 1 10 ? -3.083  -2.695  -8.643  1.00 43.60  ? 674 GLU A CD  1 
ATOM   55   O OE1 . GLU A 1 10 ? -2.321  -3.682  -8.548  1.00 45.26  ? 674 GLU A OE1 1 
ATOM   56   O OE2 . GLU A 1 10 ? -3.272  -2.075  -9.710  1.00 46.93  ? 674 GLU A OE2 1 
ATOM   57   N N   . LEU A 1 11 ? -5.245  -2.892  -4.115  1.00 18.19  ? 675 LEU A N   1 
ATOM   58   C CA  . LEU A 1 11 ? -5.717  -4.104  -3.467  1.00 19.04  ? 675 LEU A CA  1 
ATOM   59   C C   . LEU A 1 11 ? -6.460  -5.049  -4.403  1.00 19.99  ? 675 LEU A C   1 
ATOM   60   O O   . LEU A 1 11 ? -7.362  -4.639  -5.139  1.00 19.07  ? 675 LEU A O   1 
ATOM   61   C CB  . LEU A 1 11 ? -6.633  -3.735  -2.297  1.00 28.39  ? 675 LEU A CB  1 
ATOM   62   C CG  . LEU A 1 11 ? -5.974  -3.002  -1.129  1.00 27.23  ? 675 LEU A CG  1 
ATOM   63   C CD1 . LEU A 1 11 ? -7.039  -2.327  -0.272  1.00 26.92  ? 675 LEU A CD1 1 
ATOM   64   C CD2 . LEU A 1 11 ? -5.150  -3.992  -0.312  1.00 27.06  ? 675 LEU A CD2 1 
ATOM   65   N N   . LYS A 1 12 ? -6.056  -6.315  -4.390  1.00 28.03  ? 676 LYS A N   1 
ATOM   66   C CA  . LYS A 1 12 ? -6.723  -7.333  -5.188  1.00 29.49  ? 676 LYS A CA  1 
ATOM   67   C C   . LYS A 1 12 ? -7.693  -7.910  -4.167  1.00 29.01  ? 676 LYS A C   1 
ATOM   68   O O   . LYS A 1 12 ? -7.272  -8.424  -3.133  1.00 27.13  ? 676 LYS A O   1 
ATOM   69   C CB  . LYS A 1 12 ? -5.732  -8.403  -5.647  1.00 48.23  ? 676 LYS A CB  1 
ATOM   70   C CG  . LYS A 1 12 ? -6.382  -9.560  -6.386  1.00 50.95  ? 676 LYS A CG  1 
ATOM   71   C CD  . LYS A 1 12 ? -5.345  -10.571 -6.856  1.00 53.57  ? 676 LYS A CD  1 
ATOM   72   C CE  . LYS A 1 12 ? -6.009  -11.783 -7.490  1.00 55.00  ? 676 LYS A CE  1 
ATOM   73   N NZ  . LYS A 1 12 ? -6.899  -11.393 -8.616  1.00 54.71  ? 676 LYS A NZ  1 
ATOM   74   N N   . ARG A 1 13 ? -8.988  -7.818  -4.440  1.00 23.68  ? 677 ARG A N   1 
ATOM   75   C CA  . ARG A 1 13 ? -9.962  -8.289  -3.468  1.00 27.49  ? 677 ARG A CA  1 
ATOM   76   C C   . ARG A 1 13 ? -10.448 -9.718  -3.615  1.00 30.25  ? 677 ARG A C   1 
ATOM   77   O O   . ARG A 1 13 ? -11.311 -10.164 -2.856  1.00 31.42  ? 677 ARG A O   1 
ATOM   78   C CB  . ARG A 1 13 ? -11.150 -7.322  -3.418  1.00 39.41  ? 677 ARG A CB  1 
ATOM   79   C CG  . ARG A 1 13 ? -11.832 -7.059  -4.742  1.00 40.01  ? 677 ARG A CG  1 
ATOM   80   C CD  . ARG A 1 13 ? -12.676 -5.793  -4.644  1.00 40.78  ? 677 ARG A CD  1 
ATOM   81   N NE  . ARG A 1 13 ? -13.578 -5.639  -5.780  1.00 43.07  ? 677 ARG A NE  1 
ATOM   82   C CZ  . ARG A 1 13 ? -14.638 -6.410  -6.000  1.00 45.13  ? 677 ARG A CZ  1 
ATOM   83   N NH1 . ARG A 1 13 ? -14.932 -7.394  -5.159  1.00 46.37  ? 677 ARG A NH1 1 
ATOM   84   N NH2 . ARG A 1 13 ? -15.403 -6.199  -7.062  1.00 45.70  ? 677 ARG A NH2 1 
ATOM   85   N N   . TYR A 1 14 ? -9.882  -10.438 -4.576  1.00 37.94  ? 678 TYR A N   1 
ATOM   86   C CA  . TYR A 1 14 ? -10.246 -11.829 -4.818  1.00 39.27  ? 678 TYR A CA  1 
ATOM   87   C C   . TYR A 1 14 ? -11.759 -12.047 -4.748  1.00 39.28  ? 678 TYR A C   1 
ATOM   88   O O   . TYR A 1 14 ? -12.235 -12.942 -4.050  1.00 39.66  ? 678 TYR A O   1 
ATOM   89   C CB  . TYR A 1 14 ? -9.538  -12.744 -3.808  1.00 39.83  ? 678 TYR A CB  1 
ATOM   90   C CG  . TYR A 1 14 ? -8.034  -12.541 -3.731  1.00 44.24  ? 678 TYR A CG  1 
ATOM   91   C CD1 . TYR A 1 14 ? -7.490  -11.464 -3.028  1.00 46.12  ? 678 TYR A CD1 1 
ATOM   92   C CD2 . TYR A 1 14 ? -7.157  -13.418 -4.372  1.00 46.94  ? 678 TYR A CD2 1 
ATOM   93   C CE1 . TYR A 1 14 ? -6.107  -11.265 -2.965  1.00 48.41  ? 678 TYR A CE1 1 
ATOM   94   C CE2 . TYR A 1 14 ? -5.774  -13.228 -4.317  1.00 48.93  ? 678 TYR A CE2 1 
ATOM   95   C CZ  . TYR A 1 14 ? -5.257  -12.151 -3.612  1.00 48.69  ? 678 TYR A CZ  1 
ATOM   96   O OH  . TYR A 1 14 ? -3.894  -11.957 -3.557  1.00 47.03  ? 678 TYR A OH  1 
ATOM   97   N N   . GLY A 1 15 ? -12.505 -11.209 -5.462  1.00 32.71  ? 679 GLY A N   1 
ATOM   98   C CA  . GLY A 1 15 ? -13.955 -11.331 -5.499  1.00 31.81  ? 679 GLY A CA  1 
ATOM   99   C C   . GLY A 1 15 ? -14.754 -10.941 -4.262  1.00 30.60  ? 679 GLY A C   1 
ATOM   100  O O   . GLY A 1 15 ? -15.978 -11.096 -4.249  1.00 33.05  ? 679 GLY A O   1 
ATOM   101  N N   . GLY A 1 16 ? -14.085 -10.434 -3.229  1.00 37.52  ? 680 GLY A N   1 
ATOM   102  C CA  . GLY A 1 16 ? -14.791 -10.047 -2.017  1.00 32.61  ? 680 GLY A CA  1 
ATOM   103  C C   . GLY A 1 16 ? -14.636 -8.572  -1.688  1.00 30.13  ? 680 GLY A C   1 
ATOM   104  O O   . GLY A 1 16 ? -14.079 -7.824  -2.488  1.00 29.26  ? 680 GLY A O   1 
ATOM   105  N N   . PRO A 1 17 ? -15.126 -8.121  -0.519  1.00 26.06  ? 681 PRO A N   1 
ATOM   106  C CA  . PRO A 1 17 ? -15.012 -6.711  -0.132  1.00 22.90  ? 681 PRO A CA  1 
ATOM   107  C C   . PRO A 1 17 ? -13.613 -6.380  0.373   1.00 19.85  ? 681 PRO A C   1 
ATOM   108  O O   . PRO A 1 17 ? -12.808 -7.282  0.626   1.00 19.74  ? 681 PRO A O   1 
ATOM   109  C CB  . PRO A 1 17 ? -16.068 -6.572  0.963   1.00 28.05  ? 681 PRO A CB  1 
ATOM   110  C CG  . PRO A 1 17 ? -15.995 -7.895  1.645   1.00 28.58  ? 681 PRO A CG  1 
ATOM   111  C CD  . PRO A 1 17 ? -15.908 -8.876  0.480   1.00 30.16  ? 681 PRO A CD  1 
ATOM   112  N N   . LEU A 1 18 ? -13.325 -5.088  0.508   1.00 25.11  ? 682 LEU A N   1 
ATOM   113  C CA  . LEU A 1 18 ? -12.028 -4.645  1.000   1.00 21.66  ? 682 LEU A CA  1 
ATOM   114  C C   . LEU A 1 18 ? -11.944 -4.934  2.494   1.00 20.86  ? 682 LEU A C   1 
ATOM   115  O O   . LEU A 1 18 ? -10.856 -5.084  3.049   1.00 20.85  ? 682 LEU A O   1 
ATOM   116  C CB  . LEU A 1 18 ? -11.846 -3.143  0.755   1.00 24.82  ? 682 LEU A CB  1 
ATOM   117  C CG  . LEU A 1 18 ? -11.913 -2.655  -0.698  1.00 24.87  ? 682 LEU A CG  1 
ATOM   118  C CD1 . LEU A 1 18 ? -11.670 -1.144  -0.744  1.00 23.03  ? 682 LEU A CD1 1 
ATOM   119  C CD2 . LEU A 1 18 ? -10.872 -3.383  -1.533  1.00 25.88  ? 682 LEU A CD2 1 
ATOM   120  N N   . GLY A 1 19 ? -13.102 -5.014  3.145   1.00 20.71  ? 683 GLY A N   1 
ATOM   121  C CA  . GLY A 1 19 ? -13.121 -5.288  4.571   1.00 19.94  ? 683 GLY A CA  1 
ATOM   122  C C   . GLY A 1 19 ? -12.935 -4.048  5.420   1.00 18.76  ? 683 GLY A C   1 
ATOM   123  O O   . GLY A 1 19 ? -12.203 -4.058  6.419   1.00 16.88  ? 683 GLY A O   1 
ATOM   124  N N   . ILE A 1 20 ? -13.594 -2.965  5.028   1.00 18.62  ? 684 ILE A N   1 
ATOM   125  C CA  . ILE A 1 20 ? -13.496 -1.724  5.782   1.00 18.03  ? 684 ILE A CA  1 
ATOM   126  C C   . ILE A 1 20 ? -14.807 -0.960  5.709   1.00 17.10  ? 684 ILE A C   1 
ATOM   127  O O   . ILE A 1 20 ? -15.697 -1.298  4.929   1.00 17.31  ? 684 ILE A O   1 
ATOM   128  C CB  . ILE A 1 20 ? -12.405 -0.771  5.215   1.00 20.28  ? 684 ILE A CB  1 
ATOM   129  C CG1 . ILE A 1 20 ? -12.810 -0.292  3.818   1.00 20.00  ? 684 ILE A CG1 1 
ATOM   130  C CG2 . ILE A 1 20 ? -11.051 -1.472  5.148   1.00 21.37  ? 684 ILE A CG2 1 
ATOM   131  C CD1 . ILE A 1 20 ? -11.974 0.865   3.305   1.00 18.77  ? 684 ILE A CD1 1 
ATOM   132  N N   . THR A 1 21 ? -14.928 0.055   6.550   1.00 21.37  ? 685 THR A N   1 
ATOM   133  C CA  . THR A 1 21 ? -16.080 0.928   6.492   1.00 20.99  ? 685 THR A CA  1 
ATOM   134  C C   . THR A 1 21 ? -15.438 2.298   6.385   1.00 19.53  ? 685 THR A C   1 
ATOM   135  O O   . THR A 1 21 ? -14.380 2.549   6.976   1.00 16.83  ? 685 THR A O   1 
ATOM   136  C CB  . THR A 1 21 ? -16.978 0.888   7.760   1.00 21.86  ? 685 THR A CB  1 
ATOM   137  O OG1 . THR A 1 21 ? -16.229 1.323   8.904   1.00 22.50  ? 685 THR A OG1 1 
ATOM   138  C CG2 . THR A 1 21 ? -17.518 -0.515  7.990   1.00 22.55  ? 685 THR A CG2 1 
ATOM   139  N N   . ILE A 1 22 ? -16.042 3.164   5.587   1.00 18.96  ? 686 ILE A N   1 
ATOM   140  C CA  . ILE A 1 22 ? -15.546 4.518   5.452   1.00 18.18  ? 686 ILE A CA  1 
ATOM   141  C C   . ILE A 1 22 ? -16.671 5.412   5.946   1.00 17.83  ? 686 ILE A C   1 
ATOM   142  O O   . ILE A 1 22 ? -17.839 5.027   5.902   1.00 16.85  ? 686 ILE A O   1 
ATOM   143  C CB  . ILE A 1 22 ? -15.192 4.867   3.988   1.00 15.24  ? 686 ILE A CB  1 
ATOM   144  C CG1 . ILE A 1 22 ? -16.411 4.691   3.080   1.00 13.66  ? 686 ILE A CG1 1 
ATOM   145  C CG2 . ILE A 1 22 ? -14.021 4.000   3.526   1.00 14.94  ? 686 ILE A CG2 1 
ATOM   146  C CD1 . ILE A 1 22 ? -16.180 5.198   1.665   1.00 13.62  ? 686 ILE A CD1 1 
ATOM   147  N N   . SER A 1 23 ? -16.320 6.587   6.452   1.00 15.94  ? 687 SER A N   1 
ATOM   148  C CA  . SER A 1 23 ? -17.322 7.524   6.939   1.00 16.67  ? 687 SER A CA  1 
ATOM   149  C C   . SER A 1 23 ? -17.088 8.887   6.318   1.00 15.24  ? 687 SER A C   1 
ATOM   150  O O   . SER A 1 23 ? -15.954 9.250   6.005   1.00 12.23  ? 687 SER A O   1 
ATOM   151  C CB  . SER A 1 23 ? -17.259 7.628   8.462   1.00 22.68  ? 687 SER A CB  1 
ATOM   152  O OG  . SER A 1 23 ? -17.622 6.395   9.057   1.00 25.20  ? 687 SER A OG  1 
ATOM   153  N N   . GLY A 1 24 ? -18.169 9.638   6.142   1.00 14.82  ? 688 GLY A N   1 
ATOM   154  C CA  . GLY A 1 24 ? -18.057 10.959  5.557   1.00 15.81  ? 688 GLY A CA  1 
ATOM   155  C C   . GLY A 1 24 ? -19.404 11.637  5.446   1.00 15.69  ? 688 GLY A C   1 
ATOM   156  O O   . GLY A 1 24 ? -20.433 11.068  5.814   1.00 14.24  ? 688 GLY A O   1 
ATOM   157  N N   . THR A 1 25 ? -19.395 12.859  4.931   1.00 14.55  ? 689 THR A N   1 
ATOM   158  C CA  . THR A 1 25 ? -20.615 13.630  4.776   1.00 15.27  ? 689 THR A CA  1 
ATOM   159  C C   . THR A 1 25 ? -20.748 14.046  3.319   1.00 15.58  ? 689 THR A C   1 
ATOM   160  O O   . THR A 1 25 ? -19.901 13.706  2.484   1.00 15.19  ? 689 THR A O   1 
ATOM   161  C CB  . THR A 1 25 ? -20.565 14.910  5.618   1.00 15.16  ? 689 THR A CB  1 
ATOM   162  O OG1 . THR A 1 25 ? -19.626 15.823  5.029   1.00 14.92  ? 689 THR A OG1 1 
ATOM   163  C CG2 . THR A 1 25 ? -20.125 14.593  7.055   1.00 15.55  ? 689 THR A CG2 1 
ATOM   164  N N   . GLU A 1 26 ? -21.813 14.780  3.022   1.00 15.91  ? 690 GLU A N   1 
ATOM   165  C CA  . GLU A 1 26 ? -22.046 15.273  1.673   1.00 16.05  ? 690 GLU A CA  1 
ATOM   166  C C   . GLU A 1 26 ? -21.476 16.683  1.524   1.00 18.18  ? 690 GLU A C   1 
ATOM   167  O O   . GLU A 1 26 ? -21.673 17.335  0.496   1.00 17.52  ? 690 GLU A O   1 
ATOM   168  C CB  . GLU A 1 26 ? -23.542 15.269  1.354   1.00 17.84  ? 690 GLU A CB  1 
ATOM   169  C CG  . GLU A 1 26 ? -24.126 13.869  1.157   1.00 18.41  ? 690 GLU A CG  1 
ATOM   170  C CD  . GLU A 1 26 ? -23.398 13.088  0.073   1.00 17.51  ? 690 GLU A CD  1 
ATOM   171  O OE1 . GLU A 1 26 ? -22.583 12.202  0.414   1.00 18.72  ? 690 GLU A OE1 1 
ATOM   172  O OE2 . GLU A 1 26 ? -23.630 13.374  -1.122  1.00 18.09  ? 690 GLU A OE2 1 
ATOM   173  N N   . GLU A 1 27 ? -20.790 17.152  2.564   1.00 14.57  ? 691 GLU A N   1 
ATOM   174  C CA  . GLU A 1 27 ? -20.154 18.475  2.563   1.00 17.45  ? 691 GLU A CA  1 
ATOM   175  C C   . GLU A 1 27 ? -18.871 18.257  1.758   1.00 18.37  ? 691 GLU A C   1 
ATOM   176  O O   . GLU A 1 27 ? -17.950 17.590  2.226   1.00 19.02  ? 691 GLU A O   1 
ATOM   177  C CB  . GLU A 1 27 ? -19.825 18.885  4.004   1.00 33.14  ? 691 GLU A CB  1 
ATOM   178  C CG  . GLU A 1 27 ? -19.167 20.244  4.174   1.00 36.00  ? 691 GLU A CG  1 
ATOM   179  C CD  . GLU A 1 27 ? -20.087 21.400  3.823   1.00 37.96  ? 691 GLU A CD  1 
ATOM   180  O OE1 . GLU A 1 27 ? -21.239 21.422  4.311   1.00 36.03  ? 691 GLU A OE1 1 
ATOM   181  O OE2 . GLU A 1 27 ? -19.652 22.293  3.068   1.00 42.02  ? 691 GLU A OE2 1 
ATOM   182  N N   . PRO A 1 28 ? -18.796 18.817  0.536   1.00 18.12  ? 692 PRO A N   1 
ATOM   183  C CA  . PRO A 1 28 ? -17.636 18.670  -0.349  1.00 18.33  ? 692 PRO A CA  1 
ATOM   184  C C   . PRO A 1 28 ? -16.240 18.486  0.241   1.00 18.23  ? 692 PRO A C   1 
ATOM   185  O O   . PRO A 1 28 ? -15.607 17.454  0.013   1.00 19.14  ? 692 PRO A O   1 
ATOM   186  C CB  . PRO A 1 28 ? -17.735 19.898  -1.252  1.00 21.76  ? 692 PRO A CB  1 
ATOM   187  C CG  . PRO A 1 28 ? -19.216 20.029  -1.426  1.00 22.23  ? 692 PRO A CG  1 
ATOM   188  C CD  . PRO A 1 28 ? -19.730 19.827  -0.004  1.00 21.32  ? 692 PRO A CD  1 
ATOM   189  N N   . PHE A 1 29 ? -15.753 19.461  1.001   1.00 21.93  ? 693 PHE A N   1 
ATOM   190  C CA  . PHE A 1 29 ? -14.401 19.349  1.530   1.00 21.98  ? 693 PHE A CA  1 
ATOM   191  C C   . PHE A 1 29 ? -14.192 18.588  2.837   1.00 22.10  ? 693 PHE A C   1 
ATOM   192  O O   . PHE A 1 29 ? -13.079 18.560  3.363   1.00 22.58  ? 693 PHE A O   1 
ATOM   193  C CB  . PHE A 1 29 ? -13.755 20.736  1.607   1.00 14.16  ? 693 PHE A CB  1 
ATOM   194  C CG  . PHE A 1 29 ? -13.485 21.352  0.253   1.00 16.79  ? 693 PHE A CG  1 
ATOM   195  C CD1 . PHE A 1 29 ? -14.364 22.283  -0.296  1.00 19.51  ? 693 PHE A CD1 1 
ATOM   196  C CD2 . PHE A 1 29 ? -12.358 20.978  -0.481  1.00 16.60  ? 693 PHE A CD2 1 
ATOM   197  C CE1 . PHE A 1 29 ? -14.129 22.836  -1.558  1.00 17.78  ? 693 PHE A CE1 1 
ATOM   198  C CE2 . PHE A 1 29 ? -12.111 21.525  -1.745  1.00 15.99  ? 693 PHE A CE2 1 
ATOM   199  C CZ  . PHE A 1 29 ? -13.004 22.459  -2.283  1.00 17.30  ? 693 PHE A CZ  1 
ATOM   200  N N   . ASP A 1 30 ? -15.248 17.976  3.368   1.00 18.37  ? 694 ASP A N   1 
ATOM   201  C CA  . ASP A 1 30 ? -15.084 17.175  4.580   1.00 17.92  ? 694 ASP A CA  1 
ATOM   202  C C   . ASP A 1 30 ? -14.298 15.941  4.147   1.00 16.92  ? 694 ASP A C   1 
ATOM   203  O O   . ASP A 1 30 ? -14.516 15.409  3.057   1.00 16.86  ? 694 ASP A O   1 
ATOM   204  C CB  . ASP A 1 30 ? -16.435 16.725  5.144   1.00 17.10  ? 694 ASP A CB  1 
ATOM   205  C CG  . ASP A 1 30 ? -17.066 17.751  6.078   1.00 16.76  ? 694 ASP A CG  1 
ATOM   206  O OD1 . ASP A 1 30 ? -16.457 18.815  6.330   1.00 16.61  ? 694 ASP A OD1 1 
ATOM   207  O OD2 . ASP A 1 30 ? -18.184 17.478  6.566   1.00 18.67  ? 694 ASP A OD2 1 
ATOM   208  N N   . PRO A 1 31 ? -13.379 15.460  4.993   1.00 17.42  ? 695 PRO A N   1 
ATOM   209  C CA  . PRO A 1 31 ? -12.592 14.280  4.630   1.00 16.40  ? 695 PRO A CA  1 
ATOM   210  C C   . PRO A 1 31 ? -13.369 12.962  4.693   1.00 15.89  ? 695 PRO A C   1 
ATOM   211  O O   . PRO A 1 31 ? -14.311 12.815  5.469   1.00 16.69  ? 695 PRO A O   1 
ATOM   212  C CB  . PRO A 1 31 ? -11.451 14.314  5.642   1.00 24.78  ? 695 PRO A CB  1 
ATOM   213  C CG  . PRO A 1 31 ? -12.133 14.863  6.866   1.00 24.83  ? 695 PRO A CG  1 
ATOM   214  C CD  . PRO A 1 31 ? -12.939 16.008  6.291   1.00 25.95  ? 695 PRO A CD  1 
ATOM   215  N N   . ILE A 1 32 ? -12.955 12.013  3.865   1.00 17.96  ? 696 ILE A N   1 
ATOM   216  C CA  . ILE A 1 32 ? -13.558 10.685  3.835   1.00 18.97  ? 696 ILE A CA  1 
ATOM   217  C C   . ILE A 1 32 ? -12.514 9.825   4.535   1.00 18.16  ? 696 ILE A C   1 
ATOM   218  O O   . ILE A 1 32 ? -11.369 9.711   4.083   1.00 17.75  ? 696 ILE A O   1 
ATOM   219  C CB  . ILE A 1 32 ? -13.809 10.236  2.391   1.00 21.19  ? 696 ILE A CB  1 
ATOM   220  C CG1 . ILE A 1 32 ? -14.824 11.190  1.751   1.00 19.98  ? 696 ILE A CG1 1 
ATOM   221  C CG2 . ILE A 1 32 ? -14.316 8.795   2.363   1.00 20.87  ? 696 ILE A CG2 1 
ATOM   222  C CD1 . ILE A 1 32 ? -15.115 10.921  0.291   1.00 19.50  ? 696 ILE A CD1 1 
ATOM   223  N N   . ILE A 1 33 ? -12.917 9.234   5.652   1.00 17.17  ? 697 ILE A N   1 
ATOM   224  C CA  . ILE A 1 33 ? -12.006 8.472   6.489   1.00 17.33  ? 697 ILE A CA  1 
ATOM   225  C C   . ILE A 1 33 ? -12.338 6.999   6.672   1.00 17.95  ? 697 ILE A C   1 
ATOM   226  O O   . ILE A 1 33 ? -13.502 6.599   6.630   1.00 19.96  ? 697 ILE A O   1 
ATOM   227  C CB  . ILE A 1 33 ? -11.956 9.133   7.886   1.00 23.36  ? 697 ILE A CB  1 
ATOM   228  C CG1 . ILE A 1 33 ? -11.700 10.632  7.731   1.00 24.53  ? 697 ILE A CG1 1 
ATOM   229  C CG2 . ILE A 1 33 ? -10.881 8.499   8.744   1.00 24.78  ? 697 ILE A CG2 1 
ATOM   230  C CD1 . ILE A 1 33 ? -11.901 11.416  9.007   1.00 28.57  ? 697 ILE A CD1 1 
ATOM   231  N N   . ILE A 1 34 ? -11.301 6.189   6.866   1.00 14.65  ? 698 ILE A N   1 
ATOM   232  C CA  . ILE A 1 34 ? -11.498 4.767   7.120   1.00 13.82  ? 698 ILE A CA  1 
ATOM   233  C C   . ILE A 1 34 ? -11.870 4.684   8.605   1.00 15.11  ? 698 ILE A C   1 
ATOM   234  O O   . ILE A 1 34 ? -11.058 5.002   9.480   1.00 14.28  ? 698 ILE A O   1 
ATOM   235  C CB  . ILE A 1 34 ? -10.209 3.957   6.844   1.00 21.77  ? 698 ILE A CB  1 
ATOM   236  C CG1 . ILE A 1 34 ? -9.865  4.035   5.351   1.00 18.11  ? 698 ILE A CG1 1 
ATOM   237  C CG2 . ILE A 1 34 ? -10.400 2.509   7.304   1.00 19.51  ? 698 ILE A CG2 1 
ATOM   238  C CD1 . ILE A 1 34 ? -8.617  3.248   4.932   1.00 14.31  ? 698 ILE A CD1 1 
ATOM   239  N N   . SER A 1 35 ? -13.099 4.267   8.892   1.00 16.88  ? 699 SER A N   1 
ATOM   240  C CA  . SER A 1 35 ? -13.571 4.211   10.275  1.00 17.75  ? 699 SER A CA  1 
ATOM   241  C C   . SER A 1 35 ? -13.426 2.879   11.004  1.00 17.22  ? 699 SER A C   1 
ATOM   242  O O   . SER A 1 35 ? -13.386 2.856   12.237  1.00 17.03  ? 699 SER A O   1 
ATOM   243  C CB  . SER A 1 35 ? -15.028 4.693   10.341  1.00 20.06  ? 699 SER A CB  1 
ATOM   244  O OG  . SER A 1 35 ? -15.838 4.018   9.398   1.00 22.02  ? 699 SER A OG  1 
ATOM   245  N N   . SER A 1 36 ? -13.354 1.772   10.269  1.00 16.66  ? 700 SER A N   1 
ATOM   246  C CA  . SER A 1 36 ? -13.183 0.470   10.905  1.00 17.31  ? 700 SER A CA  1 
ATOM   247  C C   . SER A 1 36 ? -12.652 -0.558  9.917   1.00 18.62  ? 700 SER A C   1 
ATOM   248  O O   . SER A 1 36 ? -12.711 -0.355  8.701   1.00 18.87  ? 700 SER A O   1 
ATOM   249  C CB  . SER A 1 36 ? -14.513 -0.037  11.483  1.00 16.67  ? 700 SER A CB  1 
ATOM   250  O OG  . SER A 1 36 ? -15.354 -0.552  10.465  1.00 18.56  ? 700 SER A OG  1 
ATOM   251  N N   . LEU A 1 37 ? -12.124 -1.657  10.448  1.00 17.79  ? 701 LEU A N   1 
ATOM   252  C CA  . LEU A 1 37 ? -11.611 -2.745  9.619   1.00 19.88  ? 701 LEU A CA  1 
ATOM   253  C C   . LEU A 1 37 ? -12.310 -4.025  10.059  1.00 21.00  ? 701 LEU A C   1 
ATOM   254  O O   . LEU A 1 37 ? -12.392 -4.316  11.250  1.00 19.99  ? 701 LEU A O   1 
ATOM   255  C CB  . LEU A 1 37 ? -10.098 -2.928  9.803   1.00 29.31  ? 701 LEU A CB  1 
ATOM   256  C CG  . LEU A 1 37 ? -9.122  -1.780  9.537   1.00 28.64  ? 701 LEU A CG  1 
ATOM   257  C CD1 . LEU A 1 37 ? -7.703  -2.344  9.543   1.00 28.56  ? 701 LEU A CD1 1 
ATOM   258  C CD2 . LEU A 1 37 ? -9.414  -1.124  8.202   1.00 29.09  ? 701 LEU A CD2 1 
ATOM   259  N N   . THR A 1 38 ? -12.811 -4.792  9.102   1.00 22.99  ? 702 THR A N   1 
ATOM   260  C CA  . THR A 1 38 ? -13.481 -6.039  9.434   1.00 23.29  ? 702 THR A CA  1 
ATOM   261  C C   . THR A 1 38 ? -12.457 -7.053  9.930   1.00 25.61  ? 702 THR A C   1 
ATOM   262  O O   . THR A 1 38 ? -11.410 -7.248  9.308   1.00 27.44  ? 702 THR A O   1 
ATOM   263  C CB  . THR A 1 38 ? -14.200 -6.617  8.213   1.00 26.08  ? 702 THR A CB  1 
ATOM   264  O OG1 . THR A 1 38 ? -15.151 -5.661  7.730   1.00 26.20  ? 702 THR A OG1 1 
ATOM   265  C CG2 . THR A 1 38 ? -14.922 -7.908  8.585   1.00 24.92  ? 702 THR A CG2 1 
ATOM   266  N N   . LYS A 1 39 ? -12.759 -7.695  11.053  1.00 27.78  ? 703 LYS A N   1 
ATOM   267  C CA  . LYS A 1 39 ? -11.851 -8.687  11.616  1.00 30.11  ? 703 LYS A CA  1 
ATOM   268  C C   . LYS A 1 39 ? -11.634 -9.793  10.585  1.00 29.14  ? 703 LYS A C   1 
ATOM   269  O O   . LYS A 1 39 ? -12.591 -10.375 10.075  1.00 28.09  ? 703 LYS A O   1 
ATOM   270  C CB  . LYS A 1 39 ? -12.444 -9.274  12.901  1.00 63.46  ? 703 LYS A CB  1 
ATOM   271  C CG  . LYS A 1 39 ? -11.412 -9.667  13.950  1.00 66.97  ? 703 LYS A CG  1 
ATOM   272  C CD  . LYS A 1 39 ? -10.479 -10.760 13.458  1.00 69.29  ? 703 LYS A CD  1 
ATOM   273  C CE  . LYS A 1 39 ? -9.366  -11.028 14.463  1.00 71.85  ? 703 LYS A CE  1 
ATOM   274  N NZ  . LYS A 1 39 ? -8.512  -9.825  14.679  1.00 72.23  ? 703 LYS A NZ  1 
ATOM   275  N N   . GLY A 1 40 ? -10.373 -10.066 10.264  1.00 32.33  ? 704 GLY A N   1 
ATOM   276  C CA  . GLY A 1 40 ? -10.065 -11.108 9.299   1.00 33.21  ? 704 GLY A CA  1 
ATOM   277  C C   . GLY A 1 40 ? -10.299 -10.735 7.845   1.00 33.72  ? 704 GLY A C   1 
ATOM   278  O O   . GLY A 1 40 ? -10.163 -11.581 6.957   1.00 34.49  ? 704 GLY A O   1 
ATOM   279  N N   . GLY A 1 41 ? -10.648 -9.474  7.595   1.00 22.80  ? 705 GLY A N   1 
ATOM   280  C CA  . GLY A 1 41 ? -10.893 -9.025  6.234   1.00 20.73  ? 705 GLY A CA  1 
ATOM   281  C C   . GLY A 1 41 ? -9.617  -8.730  5.463   1.00 19.38  ? 705 GLY A C   1 
ATOM   282  O O   . GLY A 1 41 ? -8.519  -8.775  6.030   1.00 18.96  ? 705 GLY A O   1 
ATOM   283  N N   . LEU A 1 42 ? -9.761  -8.413  4.178   1.00 23.63  ? 706 LEU A N   1 
ATOM   284  C CA  . LEU A 1 42 ? -8.618  -8.118  3.311   1.00 22.73  ? 706 LEU A CA  1 
ATOM   285  C C   . LEU A 1 42 ? -7.738  -6.983  3.836   1.00 22.27  ? 706 LEU A C   1 
ATOM   286  O O   . LEU A 1 42 ? -6.514  -7.117  3.915   1.00 22.68  ? 706 LEU A O   1 
ATOM   287  C CB  . LEU A 1 42 ? -9.103  -7.769  1.903   1.00 26.00  ? 706 LEU A CB  1 
ATOM   288  C CG  . LEU A 1 42 ? -8.020  -7.375  0.893   1.00 25.75  ? 706 LEU A CG  1 
ATOM   289  C CD1 . LEU A 1 42 ? -7.076  -8.547  0.675   1.00 25.15  ? 706 LEU A CD1 1 
ATOM   290  C CD2 . LEU A 1 42 ? -8.665  -6.964  -0.419  1.00 24.17  ? 706 LEU A CD2 1 
ATOM   291  N N   . ALA A 1 43 ? -8.362  -5.861  4.181   1.00 18.22  ? 707 ALA A N   1 
ATOM   292  C CA  . ALA A 1 43 ? -7.622  -4.714  4.692   1.00 19.85  ? 707 ALA A CA  1 
ATOM   293  C C   . ALA A 1 43 ? -6.775  -5.092  5.905   1.00 21.14  ? 707 ALA A C   1 
ATOM   294  O O   . ALA A 1 43 ? -5.601  -4.735  5.985   1.00 20.34  ? 707 ALA A O   1 
ATOM   295  C CB  . ALA A 1 43 ? -8.592  -3.588  5.064   1.00 20.67  ? 707 ALA A CB  1 
ATOM   296  N N   . GLU A 1 44 ? -7.374  -5.816  6.848   1.00 22.03  ? 708 GLU A N   1 
ATOM   297  C CA  . GLU A 1 44 ? -6.664  -6.221  8.053   1.00 23.14  ? 708 GLU A CA  1 
ATOM   298  C C   . GLU A 1 44 ? -5.519  -7.186  7.757   1.00 23.28  ? 708 GLU A C   1 
ATOM   299  O O   . GLU A 1 44 ? -4.407  -7.015  8.259   1.00 23.13  ? 708 GLU A O   1 
ATOM   300  C CB  . GLU A 1 44 ? -7.630  -6.870  9.050   1.00 22.38  ? 708 GLU A CB  1 
ATOM   301  C CG  . GLU A 1 44 ? -7.037  -7.024  10.443  1.00 25.24  ? 708 GLU A CG  1 
ATOM   302  C CD  . GLU A 1 44 ? -8.033  -7.545  11.463  1.00 28.67  ? 708 GLU A CD  1 
ATOM   303  O OE1 . GLU A 1 44 ? -8.337  -8.755  11.441  1.00 30.39  ? 708 GLU A OE1 1 
ATOM   304  O OE2 . GLU A 1 44 ? -8.516  -6.738  12.286  1.00 29.65  ? 708 GLU A OE2 1 
ATOM   305  N N   . ARG A 1 45 ? -5.791  -8.195  6.936   1.00 27.25  ? 709 ARG A N   1 
ATOM   306  C CA  . ARG A 1 45 ? -4.783  -9.193  6.598   1.00 28.53  ? 709 ARG A CA  1 
ATOM   307  C C   . ARG A 1 45 ? -3.582  -8.632  5.839   1.00 28.09  ? 709 ARG A C   1 
ATOM   308  O O   . ARG A 1 45 ? -2.464  -9.113  6.002   1.00 28.32  ? 709 ARG A O   1 
ATOM   309  C CB  . ARG A 1 45 ? -5.420  -10.333 5.799   1.00 51.42  ? 709 ARG A CB  1 
ATOM   310  C CG  . ARG A 1 45 ? -6.315  -11.238 6.637   1.00 56.26  ? 709 ARG A CG  1 
ATOM   311  C CD  . ARG A 1 45 ? -6.885  -12.379 5.810   1.00 61.07  ? 709 ARG A CD  1 
ATOM   312  N NE  . ARG A 1 45 ? -7.784  -11.902 4.763   1.00 67.79  ? 709 ARG A NE  1 
ATOM   313  C CZ  . ARG A 1 45 ? -8.351  -12.684 3.849   1.00 70.74  ? 709 ARG A CZ  1 
ATOM   314  N NH1 . ARG A 1 45 ? -8.114  -13.990 3.847   1.00 71.25  ? 709 ARG A NH1 1 
ATOM   315  N NH2 . ARG A 1 45 ? -9.160  -12.160 2.937   1.00 71.07  ? 709 ARG A NH2 1 
ATOM   316  N N   . THR A 1 46 ? -3.805  -7.619  5.012   1.00 19.43  ? 710 THR A N   1 
ATOM   317  C CA  . THR A 1 46 ? -2.701  -7.032  4.258   1.00 19.58  ? 710 THR A CA  1 
ATOM   318  C C   . THR A 1 46 ? -1.943  -6.032  5.120   1.00 20.44  ? 710 THR A C   1 
ATOM   319  O O   . THR A 1 46 ? -0.720  -5.897  5.010   1.00 21.93  ? 710 THR A O   1 
ATOM   320  C CB  . THR A 1 46 ? -3.200  -6.299  3.000   1.00 26.53  ? 710 THR A CB  1 
ATOM   321  O OG1 . THR A 1 46 ? -4.086  -5.238  3.387   1.00 27.16  ? 710 THR A OG1 1 
ATOM   322  C CG2 . THR A 1 46 ? -3.926  -7.258  2.073   1.00 26.16  ? 710 THR A CG2 1 
ATOM   323  N N   . GLY A 1 47 ? -2.676  -5.341  5.991   1.00 24.63  ? 711 GLY A N   1 
ATOM   324  C CA  . GLY A 1 47 ? -2.071  -4.328  6.834   1.00 24.30  ? 711 GLY A CA  1 
ATOM   325  C C   . GLY A 1 47 ? -1.742  -3.128  5.961   1.00 24.20  ? 711 GLY A C   1 
ATOM   326  O O   . GLY A 1 47 ? -0.890  -2.312  6.298   1.00 23.82  ? 711 GLY A O   1 
ATOM   327  N N   . ALA A 1 48 ? -2.440  -3.019  4.834   1.00 22.92  ? 712 ALA A N   1 
ATOM   328  C CA  . ALA A 1 48 ? -2.211  -1.939  3.875   1.00 22.77  ? 712 ALA A CA  1 
ATOM   329  C C   . ALA A 1 48 ? -2.828  -0.585  4.235   1.00 22.77  ? 712 ALA A C   1 
ATOM   330  O O   . ALA A 1 48 ? -2.290  0.462   3.865   1.00 23.01  ? 712 ALA A O   1 
ATOM   331  C CB  . ALA A 1 48 ? -2.698  -2.372  2.495   1.00 34.86  ? 712 ALA A CB  1 
ATOM   332  N N   . ILE A 1 49 ? -3.954  -0.607  4.943   1.00 26.77  ? 713 ILE A N   1 
ATOM   333  C CA  . ILE A 1 49 ? -4.649  0.621   5.332   1.00 23.94  ? 713 ILE A CA  1 
ATOM   334  C C   . ILE A 1 49 ? -5.150  0.490   6.767   1.00 22.68  ? 713 ILE A C   1 
ATOM   335  O O   . ILE A 1 49 ? -5.327  -0.624  7.262   1.00 22.77  ? 713 ILE A O   1 
ATOM   336  C CB  . ILE A 1 49 ? -5.842  0.906   4.379   1.00 17.78  ? 713 ILE A CB  1 
ATOM   337  C CG1 . ILE A 1 49 ? -6.788  -0.299  4.350   1.00 17.46  ? 713 ILE A CG1 1 
ATOM   338  C CG2 . ILE A 1 49 ? -5.320  1.197   2.965   1.00 18.09  ? 713 ILE A CG2 1 
ATOM   339  C CD1 . ILE A 1 49 ? -7.910  -0.194  3.316   1.00 17.42  ? 713 ILE A CD1 1 
ATOM   340  N N   . HIS A 1 50 ? -5.379  1.615   7.437   1.00 23.47  ? 714 HIS A N   1 
ATOM   341  C CA  . HIS A 1 50 ? -5.833  1.565   8.825   1.00 22.19  ? 714 HIS A CA  1 
ATOM   342  C C   . HIS A 1 50 ? -6.841  2.638   9.216   1.00 20.63  ? 714 HIS A C   1 
ATOM   343  O O   . HIS A 1 50 ? -7.018  3.639   8.520   1.00 19.03  ? 714 HIS A O   1 
ATOM   344  C CB  . HIS A 1 50 ? -4.630  1.647   9.767   1.00 23.48  ? 714 HIS A CB  1 
ATOM   345  C CG  . HIS A 1 50 ? -3.582  0.613   9.496   1.00 26.61  ? 714 HIS A CG  1 
ATOM   346  N ND1 . HIS A 1 50 ? -2.720  0.689   8.423   1.00 28.46  ? 714 HIS A ND1 1 
ATOM   347  C CD2 . HIS A 1 50 ? -3.284  -0.542  10.137  1.00 26.89  ? 714 HIS A CD2 1 
ATOM   348  C CE1 . HIS A 1 50 ? -1.937  -0.375  8.414   1.00 28.91  ? 714 HIS A CE1 1 
ATOM   349  N NE2 . HIS A 1 50 ? -2.258  -1.139  9.443   1.00 29.21  ? 714 HIS A NE2 1 
ATOM   350  N N   . ILE A 1 51 ? -7.493  2.418   10.353  1.00 22.25  ? 715 ILE A N   1 
ATOM   351  C CA  . ILE A 1 51 ? -8.482  3.355   10.865  1.00 19.77  ? 715 ILE A CA  1 
ATOM   352  C C   . ILE A 1 51 ? -7.847  4.728   11.039  1.00 19.62  ? 715 ILE A C   1 
ATOM   353  O O   . ILE A 1 51 ? -6.738  4.846   11.567  1.00 20.75  ? 715 ILE A O   1 
ATOM   354  C CB  . ILE A 1 51 ? -9.032  2.876   12.223  1.00 19.83  ? 715 ILE A CB  1 
ATOM   355  C CG1 . ILE A 1 51 ? -9.700  1.508   12.051  1.00 19.51  ? 715 ILE A CG1 1 
ATOM   356  C CG2 . ILE A 1 51 ? -10.027 3.895   12.783  1.00 19.06  ? 715 ILE A CG2 1 
ATOM   357  C CD1 . ILE A 1 51 ? -10.113 0.857   13.356  1.00 21.22  ? 715 ILE A CD1 1 
ATOM   358  N N   . GLY A 1 52 ? -8.546  5.764   10.586  1.00 21.94  ? 716 GLY A N   1 
ATOM   359  C CA  . GLY A 1 52 ? -8.023  7.113   10.710  1.00 21.94  ? 716 GLY A CA  1 
ATOM   360  C C   . GLY A 1 52 ? -7.466  7.638   9.402   1.00 22.85  ? 716 GLY A C   1 
ATOM   361  O O   . GLY A 1 52 ? -7.420  8.849   9.182   1.00 22.48  ? 716 GLY A O   1 
ATOM   362  N N   . ASP A 1 53 ? -7.040  6.718   8.538   1.00 18.76  ? 717 ASP A N   1 
ATOM   363  C CA  . ASP A 1 53 ? -6.493  7.063   7.225   1.00 17.93  ? 717 ASP A CA  1 
ATOM   364  C C   . ASP A 1 53 ? -7.536  7.834   6.416   1.00 17.49  ? 717 ASP A C   1 
ATOM   365  O O   . ASP A 1 53 ? -8.721  7.495   6.446   1.00 16.44  ? 717 ASP A O   1 
ATOM   366  C CB  . ASP A 1 53 ? -6.151  5.796   6.423   1.00 24.59  ? 717 ASP A CB  1 
ATOM   367  C CG  . ASP A 1 53 ? -4.845  5.135   6.852   1.00 25.16  ? 717 ASP A CG  1 
ATOM   368  O OD1 . ASP A 1 53 ? -4.092  5.713   7.664   1.00 24.93  ? 717 ASP A OD1 1 
ATOM   369  O OD2 . ASP A 1 53 ? -4.570  4.025   6.346   1.00 24.97  ? 717 ASP A OD2 1 
ATOM   370  N N   . ARG A 1 54 ? -7.104  8.855   5.683   1.00 15.17  ? 718 ARG A N   1 
ATOM   371  C CA  . ARG A 1 54 ? -8.029  9.610   4.835   1.00 14.10  ? 718 ARG A CA  1 
ATOM   372  C C   . ARG A 1 54 ? -7.889  9.108   3.402   1.00 12.36  ? 718 ARG A C   1 
ATOM   373  O O   . ARG A 1 54 ? -6.776  8.832   2.940   1.00 13.74  ? 718 ARG A O   1 
ATOM   374  C CB  . ARG A 1 54 ? -7.718  11.105  4.865   1.00 16.94  ? 718 ARG A CB  1 
ATOM   375  C CG  . ARG A 1 54 ? -8.053  11.793  6.174   1.00 26.19  ? 718 ARG A CG  1 
ATOM   376  C CD  . ARG A 1 54 ? -7.764  13.276  6.067   1.00 34.31  ? 718 ARG A CD  1 
ATOM   377  N NE  . ARG A 1 54 ? -8.108  13.995  7.290   1.00 40.97  ? 718 ARG A NE  1 
ATOM   378  C CZ  . ARG A 1 54 ? -8.011  15.313  7.429   1.00 43.95  ? 718 ARG A CZ  1 
ATOM   379  N NH1 . ARG A 1 54 ? -7.577  16.058  6.419   1.00 44.12  ? 718 ARG A NH1 1 
ATOM   380  N NH2 . ARG A 1 54 ? -8.353  15.888  8.575   1.00 44.67  ? 718 ARG A NH2 1 
ATOM   381  N N   . ILE A 1 55 ? -9.011  8.978   2.700   1.00 19.03  ? 719 ILE A N   1 
ATOM   382  C CA  . ILE A 1 55 ? -8.974  8.514   1.318   1.00 16.31  ? 719 ILE A CA  1 
ATOM   383  C C   . ILE A 1 55 ? -9.025  9.720   0.383   1.00 15.87  ? 719 ILE A C   1 
ATOM   384  O O   . ILE A 1 55 ? -10.017 10.453  0.343   1.00 16.09  ? 719 ILE A O   1 
ATOM   385  C CB  . ILE A 1 55 ? -10.153 7.567   1.012   1.00 19.31  ? 719 ILE A CB  1 
ATOM   386  C CG1 . ILE A 1 55 ? -10.075 6.343   1.930   1.00 18.50  ? 719 ILE A CG1 1 
ATOM   387  C CG2 . ILE A 1 55 ? -10.111 7.134   -0.456  1.00 17.98  ? 719 ILE A CG2 1 
ATOM   388  C CD1 . ILE A 1 55 ? -11.231 5.371   1.769   1.00 19.13  ? 719 ILE A CD1 1 
ATOM   389  N N   . LEU A 1 56 ? -7.944  9.923   -0.363  1.00 17.47  ? 720 LEU A N   1 
ATOM   390  C CA  . LEU A 1 56 ? -7.839  11.051  -1.282  1.00 17.06  ? 720 LEU A CA  1 
ATOM   391  C C   . LEU A 1 56 ? -8.347  10.759  -2.687  1.00 17.61  ? 720 LEU A C   1 
ATOM   392  O O   . LEU A 1 56 ? -8.765  11.674  -3.399  1.00 18.60  ? 720 LEU A O   1 
ATOM   393  C CB  . LEU A 1 56 ? -6.383  11.523  -1.372  1.00 20.74  ? 720 LEU A CB  1 
ATOM   394  C CG  . LEU A 1 56 ? -5.726  12.013  -0.079  1.00 19.60  ? 720 LEU A CG  1 
ATOM   395  C CD1 . LEU A 1 56 ? -4.308  12.494  -0.389  1.00 18.17  ? 720 LEU A CD1 1 
ATOM   396  C CD2 . LEU A 1 56 ? -6.553  13.130  0.534   1.00 17.54  ? 720 LEU A CD2 1 
ATOM   397  N N   . ALA A 1 57 ? -8.294  9.493   -3.088  1.00 16.11  ? 721 ALA A N   1 
ATOM   398  C CA  . ALA A 1 57 ? -8.745  9.086   -4.416  1.00 16.76  ? 721 ALA A CA  1 
ATOM   399  C C   . ALA A 1 57 ? -9.027  7.592   -4.457  1.00 17.06  ? 721 ALA A C   1 
ATOM   400  O O   . ALA A 1 57 ? -8.456  6.822   -3.686  1.00 16.61  ? 721 ALA A O   1 
ATOM   401  C CB  . ALA A 1 57 ? -7.684  9.443   -5.468  1.00 14.52  ? 721 ALA A CB  1 
ATOM   402  N N   . ILE A 1 58 ? -9.917  7.196   -5.360  1.00 16.45  ? 722 ILE A N   1 
ATOM   403  C CA  . ILE A 1 58 ? -10.283 5.800   -5.540  1.00 16.94  ? 722 ILE A CA  1 
ATOM   404  C C   . ILE A 1 58 ? -10.208 5.517   -7.037  1.00 18.74  ? 722 ILE A C   1 
ATOM   405  O O   . ILE A 1 58 ? -10.820 6.230   -7.836  1.00 18.16  ? 722 ILE A O   1 
ATOM   406  C CB  . ILE A 1 58 ? -11.724 5.519   -5.048  1.00 20.29  ? 722 ILE A CB  1 
ATOM   407  C CG1 . ILE A 1 58 ? -11.839 5.820   -3.549  1.00 18.29  ? 722 ILE A CG1 1 
ATOM   408  C CG2 . ILE A 1 58 ? -12.097 4.066   -5.324  1.00 20.13  ? 722 ILE A CG2 1 
ATOM   409  C CD1 . ILE A 1 58 ? -13.265 5.742   -3.005  1.00 16.31  ? 722 ILE A CD1 1 
ATOM   410  N N   . ASN A 1 59 ? -9.446  4.494   -7.409  1.00 22.82  ? 723 ASN A N   1 
ATOM   411  C CA  . ASN A 1 59 ? -9.290  4.117   -8.808  1.00 26.03  ? 723 ASN A CA  1 
ATOM   412  C C   . ASN A 1 59 ? -8.919  5.311   -9.692  1.00 26.01  ? 723 ASN A C   1 
ATOM   413  O O   . ASN A 1 59 ? -9.430  5.457   -10.803 1.00 24.56  ? 723 ASN A O   1 
ATOM   414  C CB  . ASN A 1 59 ? -10.578 3.446   -9.308  1.00 19.06  ? 723 ASN A CB  1 
ATOM   415  C CG  . ASN A 1 59 ? -10.759 2.037   -8.753  1.00 22.89  ? 723 ASN A CG  1 
ATOM   416  O OD1 . ASN A 1 59 ? -11.875 1.511   -8.711  1.00 27.30  ? 723 ASN A OD1 1 
ATOM   417  N ND2 . ASN A 1 59 ? -9.657  1.412   -8.344  1.00 22.65  ? 723 ASN A ND2 1 
ATOM   418  N N   . SER A 1 60 ? -8.033  6.159   -9.168  1.00 22.37  ? 724 SER A N   1 
ATOM   419  C CA  . SER A 1 60 ? -7.513  7.351   -9.846  1.00 22.24  ? 724 SER A CA  1 
ATOM   420  C C   . SER A 1 60 ? -8.435  8.574   -9.880  1.00 22.78  ? 724 SER A C   1 
ATOM   421  O O   . SER A 1 60 ? -8.024  9.647   -10.326 1.00 22.99  ? 724 SER A O   1 
ATOM   422  C CB  . SER A 1 60 ? -7.064  7.014   -11.280 1.00 22.37  ? 724 SER A CB  1 
ATOM   423  O OG  . SER A 1 60 ? -8.152  7.009   -12.192 1.00 26.05  ? 724 SER A OG  1 
ATOM   424  N N   . SER A 1 61 ? -9.670  8.417   -9.412  1.00 16.85  ? 725 SER A N   1 
ATOM   425  C CA  . SER A 1 61 ? -10.619 9.527   -9.388  1.00 16.73  ? 725 SER A CA  1 
ATOM   426  C C   . SER A 1 61 ? -10.490 10.230  -8.047  1.00 17.32  ? 725 SER A C   1 
ATOM   427  O O   . SER A 1 61 ? -10.757 9.638   -6.998  1.00 17.89  ? 725 SER A O   1 
ATOM   428  C CB  . SER A 1 61 ? -12.052 9.017   -9.574  1.00 20.79  ? 725 SER A CB  1 
ATOM   429  O OG  . SER A 1 61 ? -12.215 8.390   -10.838 1.00 20.08  ? 725 SER A OG  1 
ATOM   430  N N   . SER A 1 62 ? -10.082 11.494  -8.086  1.00 16.02  ? 726 SER A N   1 
ATOM   431  C CA  . SER A 1 62 ? -9.889  12.278  -6.874  1.00 17.16  ? 726 SER A CA  1 
ATOM   432  C C   . SER A 1 62 ? -11.171 12.539  -6.090  1.00 17.53  ? 726 SER A C   1 
ATOM   433  O O   . SER A 1 62 ? -12.250 12.715  -6.667  1.00 19.02  ? 726 SER A O   1 
ATOM   434  C CB  . SER A 1 62 ? -9.230  13.617  -7.222  1.00 20.05  ? 726 SER A CB  1 
ATOM   435  O OG  . SER A 1 62 ? -9.079  14.427  -6.067  1.00 21.12  ? 726 SER A OG  1 
ATOM   436  N N   . LEU A 1 63 ? -11.037 12.556  -4.767  1.00 17.36  ? 727 LEU A N   1 
ATOM   437  C CA  . LEU A 1 63 ? -12.154 12.831  -3.878  1.00 16.55  ? 727 LEU A CA  1 
ATOM   438  C C   . LEU A 1 63 ? -12.006 14.244  -3.316  1.00 16.38  ? 727 LEU A C   1 
ATOM   439  O O   . LEU A 1 63 ? -12.772 14.657  -2.449  1.00 16.07  ? 727 LEU A O   1 
ATOM   440  C CB  . LEU A 1 63 ? -12.200 11.811  -2.726  1.00 20.73  ? 727 LEU A CB  1 
ATOM   441  C CG  . LEU A 1 63 ? -12.350 10.335  -3.115  1.00 18.85  ? 727 LEU A CG  1 
ATOM   442  C CD1 . LEU A 1 63 ? -12.523 9.476   -1.856  1.00 18.37  ? 727 LEU A CD1 1 
ATOM   443  C CD2 . LEU A 1 63 ? -13.560 10.173  -4.025  1.00 17.99  ? 727 LEU A CD2 1 
ATOM   444  N N   . LYS A 1 64 ? -11.025 14.997  -3.811  1.00 22.55  ? 728 LYS A N   1 
ATOM   445  C CA  . LYS A 1 64 ? -10.831 16.356  -3.313  1.00 22.26  ? 728 LYS A CA  1 
ATOM   446  C C   . LYS A 1 64 ? -12.076 17.183  -3.602  1.00 19.81  ? 728 LYS A C   1 
ATOM   447  O O   . LYS A 1 64 ? -12.464 17.349  -4.760  1.00 19.41  ? 728 LYS A O   1 
ATOM   448  C CB  . LYS A 1 64 ? -9.617  17.025  -3.966  1.00 26.80  ? 728 LYS A CB  1 
ATOM   449  C CG  . LYS A 1 64 ? -9.403  18.457  -3.480  1.00 31.27  ? 728 LYS A CG  1 
ATOM   450  C CD  . LYS A 1 64 ? -8.237  19.143  -4.173  1.00 37.28  ? 728 LYS A CD  1 
ATOM   451  C CE  . LYS A 1 64 ? -8.118  20.595  -3.720  1.00 41.35  ? 728 LYS A CE  1 
ATOM   452  N NZ  . LYS A 1 64 ? -7.004  21.323  -4.400  1.00 43.03  ? 728 LYS A NZ  1 
ATOM   453  N N   . GLY A 1 65 ? -12.702 17.694  -2.548  1.00 23.10  ? 729 GLY A N   1 
ATOM   454  C CA  . GLY A 1 65 ? -13.903 18.493  -2.719  1.00 20.95  ? 729 GLY A CA  1 
ATOM   455  C C   . GLY A 1 65 ? -15.104 17.697  -3.210  1.00 19.90  ? 729 GLY A C   1 
ATOM   456  O O   . GLY A 1 65 ? -16.041 18.267  -3.774  1.00 20.42  ? 729 GLY A O   1 
ATOM   457  N N   . LYS A 1 66 ? -15.077 16.381  -3.001  1.00 24.40  ? 730 LYS A N   1 
ATOM   458  C CA  . LYS A 1 66 ? -16.173 15.502  -3.417  1.00 23.10  ? 730 LYS A CA  1 
ATOM   459  C C   . LYS A 1 66 ? -16.869 14.887  -2.196  1.00 19.92  ? 730 LYS A C   1 
ATOM   460  O O   . LYS A 1 66 ? -16.221 14.530  -1.214  1.00 18.23  ? 730 LYS A O   1 
ATOM   461  C CB  . LYS A 1 66 ? -15.644 14.367  -4.300  1.00 27.04  ? 730 LYS A CB  1 
ATOM   462  C CG  . LYS A 1 66 ? -14.839 14.811  -5.514  1.00 26.52  ? 730 LYS A CG  1 
ATOM   463  C CD  . LYS A 1 66 ? -15.678 15.591  -6.509  1.00 29.72  ? 730 LYS A CD  1 
ATOM   464  C CE  . LYS A 1 66 ? -14.882 15.855  -7.784  1.00 29.80  ? 730 LYS A CE  1 
ATOM   465  N NZ  . LYS A 1 66 ? -15.673 16.573  -8.820  1.00 28.86  ? 730 LYS A NZ  1 
ATOM   466  N N   . PRO A 1 67 ? -18.202 14.742  -2.251  1.00 14.82  ? 731 PRO A N   1 
ATOM   467  C CA  . PRO A 1 67 ? -18.964 14.165  -1.137  1.00 16.38  ? 731 PRO A CA  1 
ATOM   468  C C   . PRO A 1 67 ? -18.812 12.645  -1.022  1.00 16.22  ? 731 PRO A C   1 
ATOM   469  O O   . PRO A 1 67 ? -18.355 11.981  -1.953  1.00 16.16  ? 731 PRO A O   1 
ATOM   470  C CB  . PRO A 1 67 ? -20.395 14.578  -1.461  1.00 17.79  ? 731 PRO A CB  1 
ATOM   471  C CG  . PRO A 1 67 ? -20.421 14.460  -2.953  1.00 16.79  ? 731 PRO A CG  1 
ATOM   472  C CD  . PRO A 1 67 ? -19.103 15.128  -3.355  1.00 16.66  ? 731 PRO A CD  1 
ATOM   473  N N   . LEU A 1 68 ? -19.203 12.093  0.124   1.00 14.31  ? 732 LEU A N   1 
ATOM   474  C CA  . LEU A 1 68 ? -19.111 10.656  0.328   1.00 15.46  ? 732 LEU A CA  1 
ATOM   475  C C   . LEU A 1 68 ? -19.860 9.877   -0.761  1.00 16.17  ? 732 LEU A C   1 
ATOM   476  O O   . LEU A 1 68 ? -19.443 8.781   -1.143  1.00 16.66  ? 732 LEU A O   1 
ATOM   477  C CB  . LEU A 1 68 ? -19.676 10.270  1.701   1.00 15.80  ? 732 LEU A CB  1 
ATOM   478  C CG  . LEU A 1 68 ? -19.713 8.762   1.989   1.00 13.81  ? 732 LEU A CG  1 
ATOM   479  C CD1 . LEU A 1 68 ? -18.291 8.240   2.205   1.00 13.38  ? 732 LEU A CD1 1 
ATOM   480  C CD2 . LEU A 1 68 ? -20.569 8.500   3.226   1.00 11.99  ? 732 LEU A CD2 1 
ATOM   481  N N   . SER A 1 69 ? -20.954 10.441  -1.266  1.00 15.01  ? 733 SER A N   1 
ATOM   482  C CA  . SER A 1 69 ? -21.736 9.762   -2.303  1.00 16.72  ? 733 SER A CA  1 
ATOM   483  C C   . SER A 1 69 ? -20.907 9.474   -3.548  1.00 17.37  ? 733 SER A C   1 
ATOM   484  O O   . SER A 1 69 ? -21.156 8.498   -4.255  1.00 17.56  ? 733 SER A O   1 
ATOM   485  C CB  . SER A 1 69 ? -22.967 10.595  -2.683  1.00 17.97  ? 733 SER A CB  1 
ATOM   486  O OG  . SER A 1 69 ? -22.603 11.911  -3.058  1.00 20.12  ? 733 SER A OG  1 
ATOM   487  N N   . GLU A 1 70 ? -19.933 10.333  -3.821  1.00 18.56  ? 734 GLU A N   1 
ATOM   488  C CA  . GLU A 1 70 ? -19.050 10.154  -4.973  1.00 20.32  ? 734 GLU A CA  1 
ATOM   489  C C   . GLU A 1 70 ? -18.141 8.953   -4.734  1.00 18.90  ? 734 GLU A C   1 
ATOM   490  O O   . GLU A 1 70 ? -17.916 8.139   -5.636  1.00 17.67  ? 734 GLU A O   1 
ATOM   491  C CB  . GLU A 1 70 ? -18.206 11.415  -5.188  1.00 28.00  ? 734 GLU A CB  1 
ATOM   492  C CG  . GLU A 1 70 ? -17.079 11.262  -6.211  1.00 35.96  ? 734 GLU A CG  1 
ATOM   493  C CD  . GLU A 1 70 ? -17.578 11.019  -7.624  1.00 40.08  ? 734 GLU A CD  1 
ATOM   494  O OE1 . GLU A 1 70 ? -16.732 10.870  -8.533  1.00 43.52  ? 734 GLU A OE1 1 
ATOM   495  O OE2 . GLU A 1 70 ? -18.810 10.979  -7.831  1.00 40.09  ? 734 GLU A OE2 1 
ATOM   496  N N   . ALA A 1 71 ? -17.610 8.852   -3.518  1.00 19.71  ? 735 ALA A N   1 
ATOM   497  C CA  . ALA A 1 71 ? -16.738 7.740   -3.153  1.00 18.28  ? 735 ALA A CA  1 
ATOM   498  C C   . ALA A 1 71 ? -17.528 6.443   -3.285  1.00 18.48  ? 735 ALA A C   1 
ATOM   499  O O   . ALA A 1 71 ? -17.025 5.439   -3.790  1.00 18.93  ? 735 ALA A O   1 
ATOM   500  C CB  . ALA A 1 71 ? -16.244 7.911   -1.722  1.00 19.53  ? 735 ALA A CB  1 
ATOM   501  N N   . ILE A 1 72 ? -18.774 6.474   -2.827  1.00 15.84  ? 736 ILE A N   1 
ATOM   502  C CA  . ILE A 1 72 ? -19.643 5.310   -2.908  1.00 15.96  ? 736 ILE A CA  1 
ATOM   503  C C   . ILE A 1 72 ? -19.913 4.945   -4.371  1.00 17.43  ? 736 ILE A C   1 
ATOM   504  O O   . ILE A 1 72 ? -19.890 3.769   -4.736  1.00 17.73  ? 736 ILE A O   1 
ATOM   505  C CB  . ILE A 1 72 ? -20.984 5.577   -2.172  1.00 18.63  ? 736 ILE A CB  1 
ATOM   506  C CG1 . ILE A 1 72 ? -20.731 5.614   -0.661  1.00 18.46  ? 736 ILE A CG1 1 
ATOM   507  C CG2 . ILE A 1 72 ? -22.012 4.504   -2.517  1.00 16.19  ? 736 ILE A CG2 1 
ATOM   508  C CD1 . ILE A 1 72 ? -21.914 6.109   0.156   1.00 19.68  ? 736 ILE A CD1 1 
ATOM   509  N N   . HIS A 1 73 ? -20.158 5.949   -5.208  1.00 13.93  ? 737 HIS A N   1 
ATOM   510  C CA  . HIS A 1 73 ? -20.422 5.697   -6.625  1.00 14.43  ? 737 HIS A CA  1 
ATOM   511  C C   . HIS A 1 73 ? -19.242 4.962   -7.258  1.00 14.79  ? 737 HIS A C   1 
ATOM   512  O O   . HIS A 1 73 ? -19.429 4.011   -8.021  1.00 14.44  ? 737 HIS A O   1 
ATOM   513  C CB  . HIS A 1 73 ? -20.668 7.011   -7.372  1.00 16.05  ? 737 HIS A CB  1 
ATOM   514  C CG  . HIS A 1 73 ? -21.067 6.819   -8.803  1.00 19.73  ? 737 HIS A CG  1 
ATOM   515  N ND1 . HIS A 1 73 ? -22.266 6.246   -9.169  1.00 20.72  ? 737 HIS A ND1 1 
ATOM   516  C CD2 . HIS A 1 73 ? -20.415 7.097   -9.957  1.00 22.64  ? 737 HIS A CD2 1 
ATOM   517  C CE1 . HIS A 1 73 ? -22.335 6.179   -10.489 1.00 22.08  ? 737 HIS A CE1 1 
ATOM   518  N NE2 . HIS A 1 73 ? -21.225 6.689   -10.989 1.00 24.51  ? 737 HIS A NE2 1 
ATOM   519  N N   . LEU A 1 74 ? -18.032 5.406   -6.933  1.00 14.97  ? 738 LEU A N   1 
ATOM   520  C CA  . LEU A 1 74 ? -16.811 4.798   -7.456  1.00 16.14  ? 738 LEU A CA  1 
ATOM   521  C C   . LEU A 1 74 ? -16.620 3.375   -6.954  1.00 18.05  ? 738 LEU A C   1 
ATOM   522  O O   . LEU A 1 74 ? -16.261 2.478   -7.714  1.00 19.67  ? 738 LEU A O   1 
ATOM   523  C CB  . LEU A 1 74 ? -15.597 5.641   -7.061  1.00 21.30  ? 738 LEU A CB  1 
ATOM   524  C CG  . LEU A 1 74 ? -15.470 6.974   -7.801  1.00 20.15  ? 738 LEU A CG  1 
ATOM   525  C CD1 . LEU A 1 74 ? -14.491 7.887   -7.072  1.00 20.10  ? 738 LEU A CD1 1 
ATOM   526  C CD2 . LEU A 1 74 ? -15.011 6.704   -9.234  1.00 17.90  ? 738 LEU A CD2 1 
ATOM   527  N N   . LEU A 1 75 ? -16.850 3.173   -5.663  1.00 19.65  ? 739 LEU A N   1 
ATOM   528  C CA  . LEU A 1 75 ? -16.686 1.854   -5.077  1.00 20.36  ? 739 LEU A CA  1 
ATOM   529  C C   . LEU A 1 75 ? -17.640 0.837   -5.683  1.00 22.94  ? 739 LEU A C   1 
ATOM   530  O O   . LEU A 1 75 ? -17.294 -0.334  -5.830  1.00 23.90  ? 739 LEU A O   1 
ATOM   531  C CB  . LEU A 1 75 ? -16.880 1.930   -3.562  1.00 20.94  ? 739 LEU A CB  1 
ATOM   532  C CG  . LEU A 1 75 ? -15.699 2.565   -2.827  1.00 19.37  ? 739 LEU A CG  1 
ATOM   533  C CD1 . LEU A 1 75 ? -16.060 2.841   -1.373  1.00 19.86  ? 739 LEU A CD1 1 
ATOM   534  C CD2 . LEU A 1 75 ? -14.506 1.634   -2.919  1.00 17.02  ? 739 LEU A CD2 1 
ATOM   535  N N   . GLN A 1 76 ? -18.837 1.280   -6.046  1.00 19.55  ? 740 GLN A N   1 
ATOM   536  C CA  . GLN A 1 76 ? -19.816 0.380   -6.641  1.00 22.25  ? 740 GLN A CA  1 
ATOM   537  C C   . GLN A 1 76 ? -19.356 -0.119  -8.011  1.00 25.87  ? 740 GLN A C   1 
ATOM   538  O O   . GLN A 1 76 ? -19.870 -1.119  -8.515  1.00 28.35  ? 740 GLN A O   1 
ATOM   539  C CB  . GLN A 1 76 ? -21.167 1.079   -6.780  1.00 27.79  ? 740 GLN A CB  1 
ATOM   540  C CG  . GLN A 1 76 ? -21.724 1.610   -5.468  1.00 28.26  ? 740 GLN A CG  1 
ATOM   541  C CD  . GLN A 1 76 ? -23.000 2.397   -5.662  1.00 30.24  ? 740 GLN A CD  1 
ATOM   542  O OE1 . GLN A 1 76 ? -23.147 3.136   -6.639  1.00 29.63  ? 740 GLN A OE1 1 
ATOM   543  N NE2 . GLN A 1 76 ? -23.927 2.261   -4.721  1.00 30.61  ? 740 GLN A NE2 1 
ATOM   544  N N   . MET A 1 77 ? -18.387 0.575   -8.608  1.00 23.17  ? 741 MET A N   1 
ATOM   545  C CA  . MET A 1 77 ? -17.861 0.189   -9.922  1.00 23.59  ? 741 MET A CA  1 
ATOM   546  C C   . MET A 1 77 ? -16.467 -0.420  -9.843  1.00 25.60  ? 741 MET A C   1 
ATOM   547  O O   . MET A 1 77 ? -15.802 -0.600  -10.863 1.00 26.96  ? 741 MET A O   1 
ATOM   548  C CB  . MET A 1 77 ? -17.802 1.396   -10.857 1.00 32.93  ? 741 MET A CB  1 
ATOM   549  C CG  . MET A 1 77 ? -19.141 1.967   -11.247 1.00 29.88  ? 741 MET A CG  1 
ATOM   550  S SD  . MET A 1 77 ? -18.897 3.309   -12.409 1.00 27.21  ? 741 MET A SD  1 
ATOM   551  C CE  . MET A 1 77 ? -18.281 4.562   -11.329 1.00 24.95  ? 741 MET A CE  1 
ATOM   552  N N   . ALA A 1 78 ? -16.028 -0.735  -8.630  1.00 24.80  ? 742 ALA A N   1 
ATOM   553  C CA  . ALA A 1 78 ? -14.710 -1.316  -8.417  1.00 25.77  ? 742 ALA A CA  1 
ATOM   554  C C   . ALA A 1 78 ? -14.583 -2.684  -9.078  1.00 26.30  ? 742 ALA A C   1 
ATOM   555  O O   . ALA A 1 78 ? -15.503 -3.506  -9.019  1.00 26.53  ? 742 ALA A O   1 
ATOM   556  C CB  . ALA A 1 78 ? -14.434 -1.434  -6.927  1.00 34.17  ? 742 ALA A CB  1 
ATOM   557  N N   . GLY A 1 79 ? -13.440 -2.918  -9.712  1.00 38.24  ? 743 GLY A N   1 
ATOM   558  C CA  . GLY A 1 79 ? -13.202 -4.195  -10.353 1.00 36.70  ? 743 GLY A CA  1 
ATOM   559  C C   . GLY A 1 79 ? -12.442 -5.102  -9.406  1.00 36.06  ? 743 GLY A C   1 
ATOM   560  O O   . GLY A 1 79 ? -12.423 -4.868  -8.197  1.00 36.57  ? 743 GLY A O   1 
ATOM   561  N N   . GLU A 1 80 ? -11.805 -6.132  -9.951  1.00 35.04  ? 744 GLU A N   1 
ATOM   562  C CA  . GLU A 1 80 ? -11.043 -7.078  -9.142  1.00 35.08  ? 744 GLU A CA  1 
ATOM   563  C C   . GLU A 1 80 ? -9.947  -6.378  -8.348  1.00 33.77  ? 744 GLU A C   1 
ATOM   564  O O   . GLU A 1 80 ? -9.575  -6.823  -7.262  1.00 33.09  ? 744 GLU A O   1 
ATOM   565  C CB  . GLU A 1 80 ? -10.431 -8.156  -10.042 1.00 54.04  ? 744 GLU A CB  1 
ATOM   566  C CG  . GLU A 1 80 ? -9.542  -9.166  -9.328  1.00 57.24  ? 744 GLU A CG  1 
ATOM   567  C CD  . GLU A 1 80 ? -10.212 -9.809  -8.127  1.00 59.88  ? 744 GLU A CD  1 
ATOM   568  O OE1 . GLU A 1 80 ? -11.429 -10.087 -8.192  1.00 60.75  ? 744 GLU A OE1 1 
ATOM   569  O OE2 . GLU A 1 80 ? -9.512  -10.053 -7.122  1.00 60.55  ? 744 GLU A OE2 1 
ATOM   570  N N   . THR A 1 81 ? -9.427  -5.283  -8.892  1.00 29.76  ? 745 THR A N   1 
ATOM   571  C CA  . THR A 1 81 ? -8.380  -4.537  -8.208  1.00 26.74  ? 745 THR A CA  1 
ATOM   572  C C   . THR A 1 81 ? -8.839  -3.105  -7.964  1.00 24.22  ? 745 THR A C   1 
ATOM   573  O O   . THR A 1 81 ? -9.359  -2.443  -8.867  1.00 24.23  ? 745 THR A O   1 
ATOM   574  C CB  . THR A 1 81 ? -7.072  -4.519  -9.026  1.00 47.86  ? 745 THR A CB  1 
ATOM   575  O OG1 . THR A 1 81 ? -7.295  -3.859  -10.276 1.00 47.29  ? 745 THR A OG1 1 
ATOM   576  C CG2 . THR A 1 81 ? -6.590  -5.940  -9.287  1.00 47.93  ? 745 THR A CG2 1 
ATOM   577  N N   . VAL A 1 82 ? -8.652  -2.641  -6.734  1.00 29.62  ? 746 VAL A N   1 
ATOM   578  C CA  . VAL A 1 82 ? -9.048  -1.292  -6.352  1.00 25.78  ? 746 VAL A CA  1 
ATOM   579  C C   . VAL A 1 82 ? -7.832  -0.517  -5.874  1.00 24.40  ? 746 VAL A C   1 
ATOM   580  O O   . VAL A 1 82 ? -7.046  -1.011  -5.064  1.00 22.27  ? 746 VAL A O   1 
ATOM   581  C CB  . VAL A 1 82 ? -10.093 -1.310  -5.213  1.00 28.94  ? 746 VAL A CB  1 
ATOM   582  C CG1 . VAL A 1 82 ? -10.516 0.117   -4.867  1.00 26.32  ? 746 VAL A CG1 1 
ATOM   583  C CG2 . VAL A 1 82 ? -11.298 -2.139  -5.622  1.00 27.92  ? 746 VAL A CG2 1 
ATOM   584  N N   . THR A 1 83 ? -7.677  0.698   -6.379  1.00 22.77  ? 747 THR A N   1 
ATOM   585  C CA  . THR A 1 83 ? -6.554  1.537   -5.990  1.00 21.76  ? 747 THR A CA  1 
ATOM   586  C C   . THR A 1 83 ? -7.043  2.642   -5.058  1.00 20.41  ? 747 THR A C   1 
ATOM   587  O O   . THR A 1 83 ? -8.065  3.274   -5.319  1.00 20.08  ? 747 THR A O   1 
ATOM   588  C CB  . THR A 1 83 ? -5.889  2.168   -7.232  1.00 20.36  ? 747 THR A CB  1 
ATOM   589  O OG1 . THR A 1 83 ? -5.346  1.125   -8.053  1.00 22.09  ? 747 THR A OG1 1 
ATOM   590  C CG2 . THR A 1 83 ? -4.775  3.112   -6.826  1.00 21.50  ? 747 THR A CG2 1 
ATOM   591  N N   . LEU A 1 84 ? -6.320  2.861   -3.964  1.00 20.90  ? 748 LEU A N   1 
ATOM   592  C CA  . LEU A 1 84 ? -6.684  3.904   -3.010  1.00 18.99  ? 748 LEU A CA  1 
ATOM   593  C C   . LEU A 1 84 ? -5.488  4.800   -2.704  1.00 19.69  ? 748 LEU A C   1 
ATOM   594  O O   . LEU A 1 84 ? -4.409  4.302   -2.382  1.00 18.39  ? 748 LEU A O   1 
ATOM   595  C CB  . LEU A 1 84 ? -7.175  3.287   -1.691  1.00 22.29  ? 748 LEU A CB  1 
ATOM   596  C CG  . LEU A 1 84 ? -8.331  2.288   -1.711  1.00 19.76  ? 748 LEU A CG  1 
ATOM   597  C CD1 . LEU A 1 84 ? -8.468  1.651   -0.330  1.00 15.38  ? 748 LEU A CD1 1 
ATOM   598  C CD2 . LEU A 1 84 ? -9.622  2.995   -2.118  1.00 15.37  ? 748 LEU A CD2 1 
ATOM   599  N N   . LYS A 1 85 ? -5.670  6.112   -2.832  1.00 15.85  ? 749 LYS A N   1 
ATOM   600  C CA  . LYS A 1 85 ? -4.613  7.059   -2.491  1.00 18.14  ? 749 LYS A CA  1 
ATOM   601  C C   . LYS A 1 85 ? -4.934  7.425   -1.046  1.00 18.40  ? 749 LYS A C   1 
ATOM   602  O O   . LYS A 1 85 ? -6.029  7.915   -0.746  1.00 17.32  ? 749 LYS A O   1 
ATOM   603  C CB  . LYS A 1 85 ? -4.654  8.305   -3.379  1.00 23.21  ? 749 LYS A CB  1 
ATOM   604  C CG  . LYS A 1 85 ? -3.535  9.289   -3.047  1.00 25.69  ? 749 LYS A CG  1 
ATOM   605  C CD  . LYS A 1 85 ? -3.583  10.553  -3.891  1.00 28.08  ? 749 LYS A CD  1 
ATOM   606  C CE  . LYS A 1 85 ? -3.152  10.291  -5.320  1.00 30.18  ? 749 LYS A CE  1 
ATOM   607  N NZ  . LYS A 1 85 ? -3.033  11.569  -6.089  1.00 32.36  ? 749 LYS A NZ  1 
ATOM   608  N N   . ILE A 1 86 ? -3.974  7.178   -0.161  1.00 16.09  ? 750 ILE A N   1 
ATOM   609  C CA  . ILE A 1 86 ? -4.143  7.389   1.275   1.00 18.09  ? 750 ILE A CA  1 
ATOM   610  C C   . ILE A 1 86 ? -3.314  8.511   1.903   1.00 20.56  ? 750 ILE A C   1 
ATOM   611  O O   . ILE A 1 86 ? -2.128  8.657   1.612   1.00 21.67  ? 750 ILE A O   1 
ATOM   612  C CB  . ILE A 1 86 ? -3.774  6.090   2.036   1.00 16.91  ? 750 ILE A CB  1 
ATOM   613  C CG1 . ILE A 1 86 ? -4.585  4.906   1.499   1.00 18.55  ? 750 ILE A CG1 1 
ATOM   614  C CG2 . ILE A 1 86 ? -3.974  6.285   3.529   1.00 14.32  ? 750 ILE A CG2 1 
ATOM   615  C CD1 . ILE A 1 86 ? -6.058  4.955   1.829   1.00 21.62  ? 750 ILE A CD1 1 
ATOM   616  N N   . LYS A 1 87 ? -3.947  9.292   2.777   1.00 15.40  ? 751 LYS A N   1 
ATOM   617  C CA  . LYS A 1 87 ? -3.244  10.345  3.500   1.00 18.58  ? 751 LYS A CA  1 
ATOM   618  C C   . LYS A 1 87 ? -3.279  9.980   4.987   1.00 20.13  ? 751 LYS A C   1 
ATOM   619  O O   . LYS A 1 87 ? -4.356  9.830   5.570   1.00 19.45  ? 751 LYS A O   1 
ATOM   620  C CB  . LYS A 1 87 ? -3.908  11.713  3.296   1.00 21.52  ? 751 LYS A CB  1 
ATOM   621  C CG  . LYS A 1 87 ? -3.238  12.820  4.119   1.00 24.14  ? 751 LYS A CG  1 
ATOM   622  C CD  . LYS A 1 87 ? -3.792  14.203  3.798   1.00 25.84  ? 751 LYS A CD  1 
ATOM   623  C CE  . LYS A 1 87 ? -3.178  15.261  4.704   1.00 27.20  ? 751 LYS A CE  1 
ATOM   624  N NZ  . LYS A 1 87 ? -1.690  15.243  4.656   1.00 28.79  ? 751 LYS A NZ  1 
ATOM   625  N N   . LYS A 1 88 ? -2.108  9.826   5.601   1.00 17.30  ? 752 LYS A N   1 
ATOM   626  C CA  . LYS A 1 88 ? -2.052  9.484   7.015   1.00 20.96  ? 752 LYS A CA  1 
ATOM   627  C C   . LYS A 1 88 ? -2.565  10.664  7.835   1.00 25.58  ? 752 LYS A C   1 
ATOM   628  O O   . LYS A 1 88 ? -2.365  11.820  7.459   1.00 25.81  ? 752 LYS A O   1 
ATOM   629  C CB  . LYS A 1 88 ? -0.612  9.160   7.430   1.00 29.06  ? 752 LYS A CB  1 
ATOM   630  C CG  . LYS A 1 88 ? 0.010   7.995   6.670   1.00 26.03  ? 752 LYS A CG  1 
ATOM   631  C CD  . LYS A 1 88 ? -0.758  6.703   6.897   1.00 24.06  ? 752 LYS A CD  1 
ATOM   632  C CE  . LYS A 1 88 ? -0.721  6.258   8.352   1.00 21.70  ? 752 LYS A CE  1 
ATOM   633  N NZ  . LYS A 1 88 ? -1.544  5.033   8.568   1.00 22.37  ? 752 LYS A NZ  1 
ATOM   634  N N   . GLN A 1 89 ? -3.228  10.378  8.950   1.00 31.43  ? 753 GLN A N   1 
ATOM   635  C CA  . GLN A 1 89 ? -3.746  11.449  9.791   1.00 37.62  ? 753 GLN A CA  1 
ATOM   636  C C   . GLN A 1 89 ? -2.620  12.046  10.630  1.00 40.97  ? 753 GLN A C   1 
ATOM   637  O O   . GLN A 1 89 ? -1.490  11.514  10.563  1.00 41.03  ? 753 GLN A O   1 
ATOM   638  C CB  . GLN A 1 89 ? -4.856  10.933  10.711  1.00 98.57  ? 753 GLN A CB  1 
ATOM   639  C CG  . GLN A 1 89 ? -4.384  10.007  11.818  1.00 103.23 ? 753 GLN A CG  1 
ATOM   640  C CD  . GLN A 1 89 ? -5.454  9.775   12.868  1.00 105.83 ? 753 GLN A CD  1 
ATOM   641  O OE1 . GLN A 1 89 ? -5.967  10.721  13.465  1.00 106.81 ? 753 GLN A OE1 1 
ATOM   642  N NE2 . GLN A 1 89 ? -5.794  8.514   13.101  1.00 105.68 ? 753 GLN A NE2 1 
ATOM   643  N N   . ALA B 1 4  ? -2.836  -17.172 -0.655  1.00 56.75  ? 668 ALA B N   1 
ATOM   644  C CA  . ALA B 1 4  ? -1.768  -16.181 -0.989  1.00 54.01  ? 668 ALA B CA  1 
ATOM   645  C C   . ALA B 1 4  ? -2.366  -14.787 -1.132  1.00 52.14  ? 668 ALA B C   1 
ATOM   646  O O   . ALA B 1 4  ? -3.286  -14.575 -1.921  1.00 53.11  ? 668 ALA B O   1 
ATOM   647  C CB  . ALA B 1 4  ? -1.069  -16.581 -2.283  1.00 59.75  ? 668 ALA B CB  1 
ATOM   648  N N   . ILE B 1 5  ? -1.836  -13.836 -0.366  1.00 32.64  ? 669 ILE B N   1 
ATOM   649  C CA  . ILE B 1 5  ? -2.325  -12.462 -0.408  1.00 29.02  ? 669 ILE B CA  1 
ATOM   650  C C   . ILE B 1 5  ? -1.250  -11.509 -0.917  1.00 25.43  ? 669 ILE B C   1 
ATOM   651  O O   . ILE B 1 5  ? -0.185  -11.368 -0.308  1.00 24.33  ? 669 ILE B O   1 
ATOM   652  C CB  . ILE B 1 5  ? -2.802  -11.994 0.984   1.00 43.07  ? 669 ILE B CB  1 
ATOM   653  C CG1 . ILE B 1 5  ? -3.998  -12.841 1.427   1.00 43.94  ? 669 ILE B CG1 1 
ATOM   654  C CG2 . ILE B 1 5  ? -3.180  -10.519 0.942   1.00 42.51  ? 669 ILE B CG2 1 
ATOM   655  C CD1 . ILE B 1 5  ? -4.572  -12.447 2.776   1.00 43.99  ? 669 ILE B CD1 1 
ATOM   656  N N   . ILE B 1 6  ? -1.547  -10.858 -2.035  1.00 31.23  ? 670 ILE B N   1 
ATOM   657  C CA  . ILE B 1 6  ? -0.622  -9.924  -2.666  1.00 27.21  ? 670 ILE B CA  1 
ATOM   658  C C   . ILE B 1 6  ? -1.264  -8.551  -2.809  1.00 25.07  ? 670 ILE B C   1 
ATOM   659  O O   . ILE B 1 6  ? -2.449  -8.447  -3.109  1.00 25.22  ? 670 ILE B O   1 
ATOM   660  C CB  . ILE B 1 6  ? -0.234  -10.418 -4.077  1.00 23.97  ? 670 ILE B CB  1 
ATOM   661  C CG1 . ILE B 1 6  ? 0.466   -11.772 -3.977  1.00 21.82  ? 670 ILE B CG1 1 
ATOM   662  C CG2 . ILE B 1 6  ? 0.652   -9.387  -4.778  1.00 23.50  ? 670 ILE B CG2 1 
ATOM   663  C CD1 . ILE B 1 6  ? 0.638   -12.465 -5.313  1.00 19.66  ? 670 ILE B CD1 1 
ATOM   664  N N   . TYR B 1 7  ? -0.481  -7.503  -2.582  1.00 25.33  ? 671 TYR B N   1 
ATOM   665  C CA  . TYR B 1 7  ? -0.971  -6.140  -2.742  1.00 22.06  ? 671 TYR B CA  1 
ATOM   666  C C   . TYR B 1 7  ? 0.208   -5.279  -3.170  1.00 20.97  ? 671 TYR B C   1 
ATOM   667  O O   . TYR B 1 7  ? 1.364   -5.699  -3.061  1.00 19.85  ? 671 TYR B O   1 
ATOM   668  C CB  . TYR B 1 7  ? -1.606  -5.618  -1.441  1.00 21.66  ? 671 TYR B CB  1 
ATOM   669  C CG  . TYR B 1 7  ? -0.646  -5.308  -0.312  1.00 20.21  ? 671 TYR B CG  1 
ATOM   670  C CD1 . TYR B 1 7  ? -0.428  -3.992  0.095   1.00 19.93  ? 671 TYR B CD1 1 
ATOM   671  C CD2 . TYR B 1 7  ? 0.014   -6.325  0.373   1.00 20.67  ? 671 TYR B CD2 1 
ATOM   672  C CE1 . TYR B 1 7  ? 0.418   -3.693  1.161   1.00 20.45  ? 671 TYR B CE1 1 
ATOM   673  C CE2 . TYR B 1 7  ? 0.864   -6.039  1.439   1.00 21.96  ? 671 TYR B CE2 1 
ATOM   674  C CZ  . TYR B 1 7  ? 1.060   -4.720  1.827   1.00 21.19  ? 671 TYR B CZ  1 
ATOM   675  O OH  . TYR B 1 7  ? 1.893   -4.424  2.878   1.00 20.92  ? 671 TYR B OH  1 
ATOM   676  N N   . THR B 1 8  ? -0.074  -4.084  -3.669  1.00 21.40  ? 672 THR B N   1 
ATOM   677  C CA  . THR B 1 8  ? 0.989   -3.205  -4.137  1.00 18.99  ? 672 THR B CA  1 
ATOM   678  C C   . THR B 1 8  ? 0.967   -1.860  -3.437  1.00 18.60  ? 672 THR B C   1 
ATOM   679  O O   . THR B 1 8  ? -0.102  -1.295  -3.206  1.00 17.68  ? 672 THR B O   1 
ATOM   680  C CB  . THR B 1 8  ? 0.863   -2.982  -5.654  1.00 27.57  ? 672 THR B CB  1 
ATOM   681  O OG1 . THR B 1 8  ? 0.912   -4.248  -6.323  1.00 26.85  ? 672 THR B OG1 1 
ATOM   682  C CG2 . THR B 1 8  ? 1.992   -2.102  -6.160  1.00 28.58  ? 672 THR B CG2 1 
ATOM   683  N N   . VAL B 1 9  ? 2.149   -1.353  -3.097  1.00 19.17  ? 673 VAL B N   1 
ATOM   684  C CA  . VAL B 1 9  ? 2.265   -0.064  -2.425  1.00 19.86  ? 673 VAL B CA  1 
ATOM   685  C C   . VAL B 1 9  ? 3.186   0.861   -3.213  1.00 21.61  ? 673 VAL B C   1 
ATOM   686  O O   . VAL B 1 9  ? 4.295   0.477   -3.597  1.00 22.01  ? 673 VAL B O   1 
ATOM   687  C CB  . VAL B 1 9  ? 2.834   -0.211  -0.992  1.00 22.01  ? 673 VAL B CB  1 
ATOM   688  C CG1 . VAL B 1 9  ? 2.929   1.157   -0.321  1.00 21.04  ? 673 VAL B CG1 1 
ATOM   689  C CG2 . VAL B 1 9  ? 1.942   -1.130  -0.167  1.00 22.50  ? 673 VAL B CG2 1 
ATOM   690  N N   . GLU B 1 10 ? 2.707   2.073   -3.462  1.00 22.11  ? 674 GLU B N   1 
ATOM   691  C CA  . GLU B 1 10 ? 3.477   3.071   -4.188  1.00 22.93  ? 674 GLU B CA  1 
ATOM   692  C C   . GLU B 1 10 ? 3.923   4.160   -3.217  1.00 23.35  ? 674 GLU B C   1 
ATOM   693  O O   . GLU B 1 10 ? 3.093   4.845   -2.608  1.00 21.74  ? 674 GLU B O   1 
ATOM   694  C CB  . GLU B 1 10 ? 2.627   3.676   -5.308  1.00 20.91  ? 674 GLU B CB  1 
ATOM   695  C CG  . GLU B 1 10 ? 3.292   4.831   -6.027  1.00 25.47  ? 674 GLU B CG  1 
ATOM   696  C CD  . GLU B 1 10 ? 2.355   5.545   -6.983  1.00 28.81  ? 674 GLU B CD  1 
ATOM   697  O OE1 . GLU B 1 10 ? 1.952   4.933   -7.994  1.00 32.30  ? 674 GLU B OE1 1 
ATOM   698  O OE2 . GLU B 1 10 ? 2.013   6.718   -6.717  1.00 30.77  ? 674 GLU B OE2 1 
ATOM   699  N N   . LEU B 1 11 ? 5.235   4.322   -3.078  1.00 22.26  ? 675 LEU B N   1 
ATOM   700  C CA  . LEU B 1 11 ? 5.792   5.315   -2.171  1.00 23.45  ? 675 LEU B CA  1 
ATOM   701  C C   . LEU B 1 11 ? 6.513   6.434   -2.913  1.00 25.92  ? 675 LEU B C   1 
ATOM   702  O O   . LEU B 1 11 ? 7.188   6.196   -3.916  1.00 26.48  ? 675 LEU B O   1 
ATOM   703  C CB  . LEU B 1 11 ? 6.775   4.644   -1.205  1.00 29.62  ? 675 LEU B CB  1 
ATOM   704  C CG  . LEU B 1 11 ? 6.241   3.515   -0.324  1.00 26.62  ? 675 LEU B CG  1 
ATOM   705  C CD1 . LEU B 1 11 ? 7.393   2.876   0.443   1.00 24.65  ? 675 LEU B CD1 1 
ATOM   706  C CD2 . LEU B 1 11 ? 5.195   4.069   0.632   1.00 26.65  ? 675 LEU B CD2 1 
ATOM   707  N N   . LYS B 1 12 ? 6.366   7.656   -2.408  1.00 25.56  ? 676 LYS B N   1 
ATOM   708  C CA  . LYS B 1 12 ? 7.023   8.817   -2.996  1.00 29.23  ? 676 LYS B CA  1 
ATOM   709  C C   . LYS B 1 12 ? 8.191   9.149   -2.075  1.00 31.88  ? 676 LYS B C   1 
ATOM   710  O O   . LYS B 1 12 ? 8.028   9.860   -1.083  1.00 30.95  ? 676 LYS B O   1 
ATOM   711  C CB  . LYS B 1 12 ? 6.068   10.012  -3.063  1.00 73.98  ? 676 LYS B CB  1 
ATOM   712  C CG  . LYS B 1 12 ? 4.619   9.677   -2.754  1.00 76.71  ? 676 LYS B CG  1 
ATOM   713  C CD  . LYS B 1 12 ? 4.046   8.678   -3.747  1.00 79.93  ? 676 LYS B CD  1 
ATOM   714  C CE  . LYS B 1 12 ? 2.693   8.179   -3.281  1.00 82.00  ? 676 LYS B CE  1 
ATOM   715  N NZ  . LYS B 1 12 ? 2.123   7.152   -4.192  1.00 84.17  ? 676 LYS B NZ  1 
ATOM   716  N N   . ARG B 1 13 ? 9.366   8.620   -2.394  1.00 33.75  ? 677 ARG B N   1 
ATOM   717  C CA  . ARG B 1 13 ? 10.538  8.861   -1.568  1.00 37.84  ? 677 ARG B CA  1 
ATOM   718  C C   . ARG B 1 13 ? 11.157  10.215  -1.871  1.00 39.29  ? 677 ARG B C   1 
ATOM   719  O O   . ARG B 1 13 ? 11.974  10.713  -1.099  1.00 39.55  ? 677 ARG B O   1 
ATOM   720  C CB  . ARG B 1 13 ? 11.577  7.750   -1.774  1.00 34.24  ? 677 ARG B CB  1 
ATOM   721  C CG  . ARG B 1 13 ? 12.106  7.626   -3.193  1.00 37.03  ? 677 ARG B CG  1 
ATOM   722  C CD  . ARG B 1 13 ? 13.098  6.474   -3.316  1.00 39.85  ? 677 ARG B CD  1 
ATOM   723  N NE  . ARG B 1 13 ? 13.548  6.289   -4.694  1.00 44.25  ? 677 ARG B NE  1 
ATOM   724  C CZ  . ARG B 1 13 ? 14.319  5.286   -5.109  1.00 45.77  ? 677 ARG B CZ  1 
ATOM   725  N NH1 . ARG B 1 13 ? 14.737  4.364   -4.251  1.00 46.45  ? 677 ARG B NH1 1 
ATOM   726  N NH2 . ARG B 1 13 ? 14.667  5.202   -6.386  1.00 45.17  ? 677 ARG B NH2 1 
ATOM   727  N N   . TYR B 1 14 ? 10.744  10.815  -2.984  1.00 79.44  ? 678 TYR B N   1 
ATOM   728  C CA  . TYR B 1 14 ? 11.281  12.107  -3.398  1.00 81.52  ? 678 TYR B CA  1 
ATOM   729  C C   . TYR B 1 14 ? 12.791  11.957  -3.532  1.00 81.44  ? 678 TYR B C   1 
ATOM   730  O O   . TYR B 1 14 ? 13.275  11.254  -4.417  1.00 81.75  ? 678 TYR B O   1 
ATOM   731  C CB  . TYR B 1 14 ? 10.958  13.193  -2.365  1.00 79.92  ? 678 TYR B CB  1 
ATOM   732  C CG  . TYR B 1 14 ? 9.494   13.560  -2.276  1.00 83.16  ? 678 TYR B CG  1 
ATOM   733  C CD1 . TYR B 1 14 ? 8.563   12.675  -1.738  1.00 84.45  ? 678 TYR B CD1 1 
ATOM   734  C CD2 . TYR B 1 14 ? 9.039   14.797  -2.734  1.00 84.13  ? 678 TYR B CD2 1 
ATOM   735  C CE1 . TYR B 1 14 ? 7.211   13.011  -1.657  1.00 85.24  ? 678 TYR B CE1 1 
ATOM   736  C CE2 . TYR B 1 14 ? 7.692   15.143  -2.659  1.00 85.28  ? 678 TYR B CE2 1 
ATOM   737  C CZ  . TYR B 1 14 ? 6.785   14.246  -2.121  1.00 85.65  ? 678 TYR B CZ  1 
ATOM   738  O OH  . TYR B 1 14 ? 5.453   14.583  -2.048  1.00 85.81  ? 678 TYR B OH  1 
ATOM   739  N N   . GLY B 1 15 ? 13.529  12.610  -2.642  1.00 82.96  ? 679 GLY B N   1 
ATOM   740  C CA  . GLY B 1 15 ? 14.975  12.515  -2.677  1.00 80.44  ? 679 GLY B CA  1 
ATOM   741  C C   . GLY B 1 15 ? 15.496  11.702  -1.509  1.00 78.99  ? 679 GLY B C   1 
ATOM   742  O O   . GLY B 1 15 ? 16.642  11.252  -1.512  1.00 80.92  ? 679 GLY B O   1 
ATOM   743  N N   . GLY B 1 16 ? 14.643  11.507  -0.507  1.00 47.97  ? 680 GLY B N   1 
ATOM   744  C CA  . GLY B 1 16 ? 15.039  10.753  0.667   1.00 43.97  ? 680 GLY B CA  1 
ATOM   745  C C   . GLY B 1 16 ? 14.879  9.252   0.519   1.00 40.00  ? 680 GLY B C   1 
ATOM   746  O O   . GLY B 1 16 ? 14.416  8.770   -0.514  1.00 40.51  ? 680 GLY B O   1 
ATOM   747  N N   . PRO B 1 17 ? 15.263  8.482   1.547   1.00 36.37  ? 681 PRO B N   1 
ATOM   748  C CA  . PRO B 1 17 ? 15.153  7.022   1.518   1.00 34.63  ? 681 PRO B CA  1 
ATOM   749  C C   . PRO B 1 17 ? 13.739  6.534   1.813   1.00 33.63  ? 681 PRO B C   1 
ATOM   750  O O   . PRO B 1 17 ? 12.898  7.289   2.302   1.00 34.61  ? 681 PRO B O   1 
ATOM   751  C CB  . PRO B 1 17 ? 16.139  6.591   2.595   1.00 43.62  ? 681 PRO B CB  1 
ATOM   752  C CG  . PRO B 1 17 ? 15.966  7.666   3.617   1.00 43.83  ? 681 PRO B CG  1 
ATOM   753  C CD  . PRO B 1 17 ? 15.949  8.927   2.773   1.00 45.20  ? 681 PRO B CD  1 
ATOM   754  N N   . LEU B 1 18 ? 13.485  5.268   1.503   1.00 27.35  ? 682 LEU B N   1 
ATOM   755  C CA  . LEU B 1 18 ? 12.184  4.664   1.753   1.00 24.85  ? 682 LEU B CA  1 
ATOM   756  C C   . LEU B 1 18 ? 12.118  4.251   3.217   1.00 23.89  ? 682 LEU B C   1 
ATOM   757  O O   . LEU B 1 18 ? 11.033  4.129   3.790   1.00 24.78  ? 682 LEU B O   1 
ATOM   758  C CB  . LEU B 1 18 ? 11.998  3.426   0.873   1.00 31.15  ? 682 LEU B CB  1 
ATOM   759  C CG  . LEU B 1 18 ? 11.986  3.644   -0.640  1.00 30.99  ? 682 LEU B CG  1 
ATOM   760  C CD1 . LEU B 1 18 ? 12.104  2.300   -1.339  1.00 29.75  ? 682 LEU B CD1 1 
ATOM   761  C CD2 . LEU B 1 18 ? 10.712  4.369   -1.050  1.00 31.21  ? 682 LEU B CD2 1 
ATOM   762  N N   . GLY B 1 19 ? 13.290  4.039   3.813   1.00 20.37  ? 683 GLY B N   1 
ATOM   763  C CA  . GLY B 1 19 ? 13.354  3.632   5.206   1.00 20.56  ? 683 GLY B CA  1 
ATOM   764  C C   . GLY B 1 19 ? 13.086  2.148   5.314   1.00 20.51  ? 683 GLY B C   1 
ATOM   765  O O   . GLY B 1 19 ? 12.431  1.680   6.251   1.00 19.37  ? 683 GLY B O   1 
ATOM   766  N N   . ILE B 1 20 ? 13.597  1.403   4.340   1.00 23.78  ? 684 ILE B N   1 
ATOM   767  C CA  . ILE B 1 20 ? 13.411  -0.038  4.290   1.00 23.72  ? 684 ILE B CA  1 
ATOM   768  C C   . ILE B 1 20 ? 14.736  -0.757  4.088   1.00 23.73  ? 684 ILE B C   1 
ATOM   769  O O   . ILE B 1 20 ? 15.618  -0.274  3.384   1.00 26.80  ? 684 ILE B O   1 
ATOM   770  C CB  . ILE B 1 20 ? 12.484  -0.437  3.113   1.00 33.69  ? 684 ILE B CB  1 
ATOM   771  C CG1 . ILE B 1 20 ? 11.106  0.202   3.287   1.00 35.16  ? 684 ILE B CG1 1 
ATOM   772  C CG2 . ILE B 1 20 ? 12.362  -1.948  3.026   1.00 32.59  ? 684 ILE B CG2 1 
ATOM   773  C CD1 . ILE B 1 20 ? 10.146  -0.095  2.152   1.00 36.90  ? 684 ILE B CD1 1 
ATOM   774  N N   . THR B 1 21 ? 14.864  -1.912  4.724   1.00 22.88  ? 685 THR B N   1 
ATOM   775  C CA  . THR B 1 21 ? 16.047  -2.737  4.576   1.00 22.28  ? 685 THR B CA  1 
ATOM   776  C C   . THR B 1 21 ? 15.541  -4.079  4.079   1.00 20.74  ? 685 THR B C   1 
ATOM   777  O O   . THR B 1 21 ? 14.659  -4.685  4.691   1.00 18.97  ? 685 THR B O   1 
ATOM   778  C CB  . THR B 1 21 ? 16.793  -2.948  5.906   1.00 27.37  ? 685 THR B CB  1 
ATOM   779  O OG1 . THR B 1 21 ? 17.330  -1.700  6.358   1.00 29.56  ? 685 THR B OG1 1 
ATOM   780  C CG2 . THR B 1 21 ? 17.936  -3.940  5.718   1.00 27.51  ? 685 THR B CG2 1 
ATOM   781  N N   . ILE B 1 22 ? 16.076  -4.524  2.952   1.00 18.29  ? 686 ILE B N   1 
ATOM   782  C CA  . ILE B 1 22 ? 15.677  -5.802  2.394   1.00 16.02  ? 686 ILE B CA  1 
ATOM   783  C C   . ILE B 1 22 ? 16.811  -6.795  2.573   1.00 17.48  ? 686 ILE B C   1 
ATOM   784  O O   . ILE B 1 22 ? 17.964  -6.405  2.759   1.00 17.86  ? 686 ILE B O   1 
ATOM   785  C CB  . ILE B 1 22 ? 15.310  -5.682  0.899   1.00 24.85  ? 686 ILE B CB  1 
ATOM   786  C CG1 . ILE B 1 22 ? 16.513  -5.196  0.087   1.00 22.17  ? 686 ILE B CG1 1 
ATOM   787  C CG2 . ILE B 1 22 ? 14.130  -4.734  0.744   1.00 22.77  ? 686 ILE B CG2 1 
ATOM   788  C CD1 . ILE B 1 22 ? 16.234  -5.082  -1.399  1.00 20.42  ? 686 ILE B CD1 1 
ATOM   789  N N   . SER B 1 23 ? 16.471  -8.076  2.544   1.00 15.39  ? 687 SER B N   1 
ATOM   790  C CA  . SER B 1 23 ? 17.452  -9.143  2.702   1.00 18.66  ? 687 SER B CA  1 
ATOM   791  C C   . SER B 1 23 ? 17.224  -10.204 1.647   1.00 20.23  ? 687 SER B C   1 
ATOM   792  O O   . SER B 1 23 ? 16.100  -10.408 1.188   1.00 20.39  ? 687 SER B O   1 
ATOM   793  C CB  . SER B 1 23 ? 17.335  -9.783  4.091   1.00 36.34  ? 687 SER B CB  1 
ATOM   794  O OG  . SER B 1 23 ? 17.709  -8.873  5.108   1.00 37.32  ? 687 SER B OG  1 
ATOM   795  N N   . GLY B 1 24 ? 18.294  -10.888 1.262   1.00 19.23  ? 688 GLY B N   1 
ATOM   796  C CA  . GLY B 1 24 ? 18.157  -11.924 0.264   1.00 20.95  ? 688 GLY B CA  1 
ATOM   797  C C   . GLY B 1 24 ? 19.508  -12.486 -0.117  1.00 23.42  ? 688 GLY B C   1 
ATOM   798  O O   . GLY B 1 24 ? 20.545  -11.936 0.255   1.00 22.04  ? 688 GLY B O   1 
ATOM   799  N N   . THR B 1 25 ? 19.492  -13.585 -0.860  1.00 19.74  ? 689 THR B N   1 
ATOM   800  C CA  . THR B 1 25 ? 20.731  -14.220 -1.299  1.00 21.20  ? 689 THR B CA  1 
ATOM   801  C C   . THR B 1 25 ? 20.868  -14.024 -2.798  1.00 23.22  ? 689 THR B C   1 
ATOM   802  O O   . THR B 1 25 ? 20.035  -13.367 -3.429  1.00 24.82  ? 689 THR B O   1 
ATOM   803  C CB  . THR B 1 25 ? 20.717  -15.729 -1.028  1.00 30.48  ? 689 THR B CB  1 
ATOM   804  O OG1 . THR B 1 25 ? 19.814  -16.367 -1.940  1.00 26.76  ? 689 THR B OG1 1 
ATOM   805  C CG2 . THR B 1 25 ? 20.273  -16.008 0.395   1.00 28.72  ? 689 THR B CG2 1 
ATOM   806  N N   . GLU B 1 26 ? 21.918  -14.601 -3.371  1.00 24.33  ? 690 GLU B N   1 
ATOM   807  C CA  . GLU B 1 26 ? 22.130  -14.487 -4.804  1.00 25.09  ? 690 GLU B CA  1 
ATOM   808  C C   . GLU B 1 26 ? 21.577  -15.717 -5.513  1.00 25.94  ? 690 GLU B C   1 
ATOM   809  O O   . GLU B 1 26 ? 21.755  -15.889 -6.720  1.00 25.15  ? 690 GLU B O   1 
ATOM   810  C CB  . GLU B 1 26 ? 23.614  -14.283 -5.105  1.00 28.21  ? 690 GLU B CB  1 
ATOM   811  C CG  . GLU B 1 26 ? 24.124  -12.923 -4.638  1.00 28.70  ? 690 GLU B CG  1 
ATOM   812  C CD  . GLU B 1 26 ? 23.408  -11.759 -5.319  1.00 28.78  ? 690 GLU B CD  1 
ATOM   813  O OE1 . GLU B 1 26 ? 23.652  -11.524 -6.521  1.00 27.22  ? 690 GLU B OE1 1 
ATOM   814  O OE2 . GLU B 1 26 ? 22.596  -11.080 -4.653  1.00 28.56  ? 690 GLU B OE2 1 
ATOM   815  N N   . GLU B 1 27 ? 20.904  -16.574 -4.752  1.00 29.67  ? 691 GLU B N   1 
ATOM   816  C CA  . GLU B 1 27 ? 20.269  -17.760 -5.318  1.00 31.89  ? 691 GLU B CA  1 
ATOM   817  C C   . GLU B 1 27 ? 18.958  -17.250 -5.910  1.00 32.47  ? 691 GLU B C   1 
ATOM   818  O O   . GLU B 1 27 ? 18.070  -16.805 -5.180  1.00 32.93  ? 691 GLU B O   1 
ATOM   819  C CB  . GLU B 1 27 ? 19.987  -18.797 -4.229  1.00 105.47 ? 691 GLU B CB  1 
ATOM   820  C CG  . GLU B 1 27 ? 20.977  -19.955 -4.187  1.00 109.20 ? 691 GLU B CG  1 
ATOM   821  C CD  . GLU B 1 27 ? 22.406  -19.508 -3.945  1.00 111.23 ? 691 GLU B CD  1 
ATOM   822  O OE1 . GLU B 1 27 ? 22.952  -18.758 -4.782  1.00 111.37 ? 691 GLU B OE1 1 
ATOM   823  O OE2 . GLU B 1 27 ? 22.987  -19.910 -2.916  1.00 112.51 ? 691 GLU B OE2 1 
ATOM   824  N N   . PRO B 1 28 ? 18.818  -17.312 -7.242  1.00 40.96  ? 692 PRO B N   1 
ATOM   825  C CA  . PRO B 1 28 ? 17.615  -16.846 -7.941  1.00 41.62  ? 692 PRO B CA  1 
ATOM   826  C C   . PRO B 1 28 ? 16.259  -17.189 -7.320  1.00 42.39  ? 692 PRO B C   1 
ATOM   827  O O   . PRO B 1 28 ? 15.382  -16.330 -7.232  1.00 41.32  ? 692 PRO B O   1 
ATOM   828  C CB  . PRO B 1 28 ? 17.782  -17.429 -9.347  1.00 49.72  ? 692 PRO B CB  1 
ATOM   829  C CG  . PRO B 1 28 ? 18.657  -18.629 -9.126  1.00 48.75  ? 692 PRO B CG  1 
ATOM   830  C CD  . PRO B 1 28 ? 19.666  -18.102 -8.151  1.00 48.86  ? 692 PRO B CD  1 
ATOM   831  N N   . PHE B 1 29 ? 16.092  -18.431 -6.882  1.00 36.16  ? 693 PHE B N   1 
ATOM   832  C CA  . PHE B 1 29 ? 14.827  -18.873 -6.301  1.00 36.88  ? 693 PHE B CA  1 
ATOM   833  C C   . PHE B 1 29 ? 14.493  -18.383 -4.895  1.00 35.81  ? 693 PHE B C   1 
ATOM   834  O O   . PHE B 1 29 ? 13.330  -18.414 -4.489  1.00 35.61  ? 693 PHE B O   1 
ATOM   835  C CB  . PHE B 1 29 ? 14.751  -20.400 -6.338  1.00 112.63 ? 693 PHE B CB  1 
ATOM   836  C CG  . PHE B 1 29 ? 14.363  -20.948 -7.679  1.00 116.97 ? 693 PHE B CG  1 
ATOM   837  C CD1 . PHE B 1 29 ? 15.112  -20.648 -8.812  1.00 118.02 ? 693 PHE B CD1 1 
ATOM   838  C CD2 . PHE B 1 29 ? 13.232  -21.744 -7.815  1.00 118.00 ? 693 PHE B CD2 1 
ATOM   839  C CE1 . PHE B 1 29 ? 14.736  -21.131 -10.061 1.00 119.27 ? 693 PHE B CE1 1 
ATOM   840  C CE2 . PHE B 1 29 ? 12.847  -22.232 -9.059  1.00 119.66 ? 693 PHE B CE2 1 
ATOM   841  C CZ  . PHE B 1 29 ? 13.600  -21.924 -10.183 1.00 119.56 ? 693 PHE B CZ  1 
ATOM   842  N N   . ASP B 1 30 ? 15.496  -17.938 -4.146  1.00 27.27  ? 694 ASP B N   1 
ATOM   843  C CA  . ASP B 1 30 ? 15.256  -17.451 -2.790  1.00 25.24  ? 694 ASP B CA  1 
ATOM   844  C C   . ASP B 1 30 ? 14.444  -16.152 -2.792  1.00 24.10  ? 694 ASP B C   1 
ATOM   845  O O   . ASP B 1 30 ? 14.632  -15.284 -3.642  1.00 25.62  ? 694 ASP B O   1 
ATOM   846  C CB  . ASP B 1 30 ? 16.587  -17.233 -2.069  1.00 27.85  ? 694 ASP B CB  1 
ATOM   847  C CG  . ASP B 1 30 ? 17.261  -18.540 -1.682  1.00 29.11  ? 694 ASP B CG  1 
ATOM   848  O OD1 . ASP B 1 30 ? 18.425  -18.497 -1.232  1.00 30.61  ? 694 ASP B OD1 1 
ATOM   849  O OD2 . ASP B 1 30 ? 16.624  -19.611 -1.820  1.00 28.56  ? 694 ASP B OD2 1 
ATOM   850  N N   . PRO B 1 31 ? 13.524  -16.005 -1.830  1.00 30.48  ? 695 PRO B N   1 
ATOM   851  C CA  . PRO B 1 31 ? 12.697  -14.799 -1.750  1.00 26.65  ? 695 PRO B CA  1 
ATOM   852  C C   . PRO B 1 31 ? 13.455  -13.586 -1.216  1.00 22.84  ? 695 PRO B C   1 
ATOM   853  O O   . PRO B 1 31 ? 14.376  -13.727 -0.411  1.00 21.62  ? 695 PRO B O   1 
ATOM   854  C CB  . PRO B 1 31 ? 11.575  -15.225 -0.808  1.00 21.79  ? 695 PRO B CB  1 
ATOM   855  C CG  . PRO B 1 31 ? 12.306  -16.103 0.163   1.00 23.37  ? 695 PRO B CG  1 
ATOM   856  C CD  . PRO B 1 31 ? 13.167  -16.956 -0.761  1.00 24.70  ? 695 PRO B CD  1 
ATOM   857  N N   . ILE B 1 32 ? 13.075  -12.404 -1.694  1.00 23.97  ? 696 ILE B N   1 
ATOM   858  C CA  . ILE B 1 32 ? 13.662  -11.150 -1.234  1.00 19.56  ? 696 ILE B CA  1 
ATOM   859  C C   . ILE B 1 32 ? 12.642  -10.645 -0.212  1.00 18.63  ? 696 ILE B C   1 
ATOM   860  O O   . ILE B 1 32 ? 11.464  -10.482 -0.538  1.00 16.91  ? 696 ILE B O   1 
ATOM   861  C CB  . ILE B 1 32 ? 13.793  -10.121 -2.385  1.00 29.15  ? 696 ILE B CB  1 
ATOM   862  C CG1 . ILE B 1 32 ? 14.786  -10.633 -3.435  1.00 26.16  ? 696 ILE B CG1 1 
ATOM   863  C CG2 . ILE B 1 32 ? 14.251  -8.779  -1.836  1.00 28.59  ? 696 ILE B CG2 1 
ATOM   864  C CD1 . ILE B 1 32 ? 16.160  -10.899 -2.894  1.00 26.78  ? 696 ILE B CD1 1 
ATOM   865  N N   . ILE B 1 33 ? 13.085  -10.407 1.017   1.00 23.67  ? 697 ILE B N   1 
ATOM   866  C CA  . ILE B 1 33 ? 12.168  -9.975  2.064   1.00 22.97  ? 697 ILE B CA  1 
ATOM   867  C C   . ILE B 1 33 ? 12.493  -8.636  2.703   1.00 23.52  ? 697 ILE B C   1 
ATOM   868  O O   . ILE B 1 33 ? 13.607  -8.132  2.608   1.00 21.36  ? 697 ILE B O   1 
ATOM   869  C CB  . ILE B 1 33 ? 12.106  -11.012 3.205   1.00 27.83  ? 697 ILE B CB  1 
ATOM   870  C CG1 . ILE B 1 33 ? 13.452  -11.057 3.937   1.00 26.85  ? 697 ILE B CG1 1 
ATOM   871  C CG2 . ILE B 1 33 ? 11.755  -12.387 2.641   1.00 27.28  ? 697 ILE B CG2 1 
ATOM   872  C CD1 . ILE B 1 33 ? 13.448  -11.895 5.212   1.00 27.54  ? 697 ILE B CD1 1 
ATOM   873  N N   . ILE B 1 34 ? 11.491  -8.061  3.356   1.00 24.08  ? 698 ILE B N   1 
ATOM   874  C CA  . ILE B 1 34 ? 11.657  -6.805  4.066   1.00 22.92  ? 698 ILE B CA  1 
ATOM   875  C C   . ILE B 1 34 ? 12.115  -7.263  5.449   1.00 24.18  ? 698 ILE B C   1 
ATOM   876  O O   . ILE B 1 34 ? 11.355  -7.910  6.173   1.00 22.67  ? 698 ILE B O   1 
ATOM   877  C CB  . ILE B 1 34 ? 10.315  -6.059  4.163   1.00 25.00  ? 698 ILE B CB  1 
ATOM   878  C CG1 . ILE B 1 34 ? 9.834   -5.699  2.752   1.00 25.00  ? 698 ILE B CG1 1 
ATOM   879  C CG2 . ILE B 1 34 ? 10.469  -4.823  5.032   1.00 24.19  ? 698 ILE B CG2 1 
ATOM   880  C CD1 . ILE B 1 34 ? 8.391   -5.246  2.683   1.00 24.53  ? 698 ILE B CD1 1 
ATOM   881  N N   . SER B 1 35 ? 13.356  -6.946  5.809   1.00 21.11  ? 699 SER B N   1 
ATOM   882  C CA  . SER B 1 35 ? 13.899  -7.393  7.089   1.00 24.12  ? 699 SER B CA  1 
ATOM   883  C C   . SER B 1 35 ? 13.822  -6.401  8.236   1.00 26.54  ? 699 SER B C   1 
ATOM   884  O O   . SER B 1 35 ? 13.767  -6.806  9.397   1.00 26.28  ? 699 SER B O   1 
ATOM   885  C CB  . SER B 1 35 ? 15.346  -7.870  6.905   1.00 28.69  ? 699 SER B CB  1 
ATOM   886  O OG  . SER B 1 35 ? 16.136  -6.903  6.239   1.00 28.97  ? 699 SER B OG  1 
ATOM   887  N N   . SER B 1 36 ? 13.829  -5.110  7.929   1.00 23.90  ? 700 SER B N   1 
ATOM   888  C CA  . SER B 1 36 ? 13.727  -4.100  8.976   1.00 27.83  ? 700 SER B CA  1 
ATOM   889  C C   . SER B 1 36 ? 13.230  -2.777  8.414   1.00 30.32  ? 700 SER B C   1 
ATOM   890  O O   . SER B 1 36 ? 13.262  -2.549  7.201   1.00 30.72  ? 700 SER B O   1 
ATOM   891  C CB  . SER B 1 36 ? 15.078  -3.894  9.674   1.00 32.55  ? 700 SER B CB  1 
ATOM   892  O OG  . SER B 1 36 ? 16.001  -3.218  8.842   1.00 35.91  ? 700 SER B OG  1 
ATOM   893  N N   . LEU B 1 37 ? 12.754  -1.914  9.304   1.00 32.26  ? 701 LEU B N   1 
ATOM   894  C CA  . LEU B 1 37 ? 12.256  -0.603  8.914   1.00 33.82  ? 701 LEU B CA  1 
ATOM   895  C C   . LEU B 1 37 ? 12.934  0.463   9.761   1.00 35.01  ? 701 LEU B C   1 
ATOM   896  O O   . LEU B 1 37 ? 13.113  0.289   10.967  1.00 34.82  ? 701 LEU B O   1 
ATOM   897  C CB  . LEU B 1 37 ? 10.741  -0.519  9.119   1.00 33.74  ? 701 LEU B CB  1 
ATOM   898  C CG  . LEU B 1 37 ? 9.863   -1.514  8.358   1.00 34.38  ? 701 LEU B CG  1 
ATOM   899  C CD1 . LEU B 1 37 ? 8.402   -1.288  8.737   1.00 34.62  ? 701 LEU B CD1 1 
ATOM   900  C CD2 . LEU B 1 37 ? 10.062  -1.338  6.861   1.00 35.16  ? 701 LEU B CD2 1 
ATOM   901  N N   . THR B 1 38 ? 13.311  1.564   9.125   1.00 32.25  ? 702 THR B N   1 
ATOM   902  C CA  . THR B 1 38 ? 13.958  2.662   9.826   1.00 32.42  ? 702 THR B CA  1 
ATOM   903  C C   . THR B 1 38 ? 12.940  3.354   10.723  1.00 32.49  ? 702 THR B C   1 
ATOM   904  O O   . THR B 1 38 ? 11.870  3.755   10.263  1.00 33.01  ? 702 THR B O   1 
ATOM   905  C CB  . THR B 1 38 ? 14.520  3.695   8.835   1.00 29.24  ? 702 THR B CB  1 
ATOM   906  O OG1 . THR B 1 38 ? 15.534  3.078   8.033   1.00 29.27  ? 702 THR B OG1 1 
ATOM   907  C CG2 . THR B 1 38 ? 15.112  4.891   9.578   1.00 29.03  ? 702 THR B CG2 1 
ATOM   908  N N   . LYS B 1 39 ? 13.269  3.484   12.003  1.00 36.87  ? 703 LYS B N   1 
ATOM   909  C CA  . LYS B 1 39 ? 12.374  4.142   12.944  1.00 35.62  ? 703 LYS B CA  1 
ATOM   910  C C   . LYS B 1 39 ? 12.144  5.572   12.469  1.00 33.89  ? 703 LYS B C   1 
ATOM   911  O O   . LYS B 1 39 ? 13.097  6.314   12.240  1.00 33.27  ? 703 LYS B O   1 
ATOM   912  C CB  . LYS B 1 39 ? 12.988  4.151   14.345  1.00 66.19  ? 703 LYS B CB  1 
ATOM   913  C CG  . LYS B 1 39 ? 12.119  4.823   15.398  1.00 69.37  ? 703 LYS B CG  1 
ATOM   914  C CD  . LYS B 1 39 ? 12.780  4.811   16.769  1.00 72.31  ? 703 LYS B CD  1 
ATOM   915  C CE  . LYS B 1 39 ? 12.975  3.393   17.284  1.00 73.05  ? 703 LYS B CE  1 
ATOM   916  N NZ  . LYS B 1 39 ? 13.606  3.376   18.632  1.00 72.32  ? 703 LYS B NZ  1 
ATOM   917  N N   . GLY B 1 40 ? 10.879  5.947   12.306  1.00 36.05  ? 704 GLY B N   1 
ATOM   918  C CA  . GLY B 1 40 ? 10.559  7.291   11.860  1.00 33.95  ? 704 GLY B CA  1 
ATOM   919  C C   . GLY B 1 40 ? 10.703  7.489   10.362  1.00 32.56  ? 704 GLY B C   1 
ATOM   920  O O   . GLY B 1 40 ? 10.499  8.595   9.858   1.00 32.41  ? 704 GLY B O   1 
ATOM   921  N N   . GLY B 1 41 ? 11.059  6.423   9.650   1.00 32.74  ? 705 GLY B N   1 
ATOM   922  C CA  . GLY B 1 41 ? 11.221  6.511   8.207   1.00 30.36  ? 705 GLY B CA  1 
ATOM   923  C C   . GLY B 1 41 ? 9.894   6.505   7.465   1.00 28.59  ? 705 GLY B C   1 
ATOM   924  O O   . GLY B 1 41 ? 8.846   6.237   8.051   1.00 27.69  ? 705 GLY B O   1 
ATOM   925  N N   . LEU B 1 42 ? 9.937   6.794   6.169   1.00 25.06  ? 706 LEU B N   1 
ATOM   926  C CA  . LEU B 1 42 ? 8.724   6.831   5.356   1.00 24.67  ? 706 LEU B CA  1 
ATOM   927  C C   . LEU B 1 42 ? 7.918   5.535   5.412   1.00 24.70  ? 706 LEU B C   1 
ATOM   928  O O   . LEU B 1 42 ? 6.719   5.552   5.689   1.00 25.11  ? 706 LEU B O   1 
ATOM   929  C CB  . LEU B 1 42 ? 9.073   7.148   3.899   1.00 27.45  ? 706 LEU B CB  1 
ATOM   930  C CG  . LEU B 1 42 ? 7.902   7.096   2.910   1.00 27.35  ? 706 LEU B CG  1 
ATOM   931  C CD1 . LEU B 1 42 ? 6.827   8.105   3.315   1.00 26.19  ? 706 LEU B CD1 1 
ATOM   932  C CD2 . LEU B 1 42 ? 8.406   7.398   1.512   1.00 28.19  ? 706 LEU B CD2 1 
ATOM   933  N N   . ALA B 1 43 ? 8.577   4.412   5.146   1.00 21.16  ? 707 ALA B N   1 
ATOM   934  C CA  . ALA B 1 43 ? 7.898   3.121   5.158   1.00 21.39  ? 707 ALA B CA  1 
ATOM   935  C C   . ALA B 1 43 ? 7.167   2.877   6.476   1.00 22.15  ? 707 ALA B C   1 
ATOM   936  O O   . ALA B 1 43 ? 6.011   2.452   6.483   1.00 23.19  ? 707 ALA B O   1 
ATOM   937  C CB  . ALA B 1 43 ? 8.897   2.001   4.902   1.00 32.09  ? 707 ALA B CB  1 
ATOM   938  N N   . GLU B 1 44 ? 7.838   3.157   7.588   1.00 28.10  ? 708 GLU B N   1 
ATOM   939  C CA  . GLU B 1 44 ? 7.229   2.951   8.897   1.00 28.84  ? 708 GLU B CA  1 
ATOM   940  C C   . GLU B 1 44 ? 6.041   3.881   9.130   1.00 28.60  ? 708 GLU B C   1 
ATOM   941  O O   . GLU B 1 44 ? 5.007   3.456   9.638   1.00 28.82  ? 708 GLU B O   1 
ATOM   942  C CB  . GLU B 1 44 ? 8.261   3.152   10.012  1.00 26.61  ? 708 GLU B CB  1 
ATOM   943  C CG  . GLU B 1 44 ? 7.680   2.996   11.415  1.00 29.19  ? 708 GLU B CG  1 
ATOM   944  C CD  . GLU B 1 44 ? 8.733   3.099   12.508  1.00 32.00  ? 708 GLU B CD  1 
ATOM   945  O OE1 . GLU B 1 44 ? 9.459   2.107   12.745  1.00 33.41  ? 708 GLU B OE1 1 
ATOM   946  O OE2 . GLU B 1 44 ? 8.838   4.178   13.126  1.00 32.26  ? 708 GLU B OE2 1 
ATOM   947  N N   . ARG B 1 45 ? 6.192   5.145   8.748   1.00 27.40  ? 709 ARG B N   1 
ATOM   948  C CA  . ARG B 1 45 ? 5.131   6.129   8.934   1.00 26.86  ? 709 ARG B CA  1 
ATOM   949  C C   . ARG B 1 45 ? 3.842   5.783   8.193   1.00 24.77  ? 709 ARG B C   1 
ATOM   950  O O   . ARG B 1 45 ? 2.750   6.083   8.676   1.00 25.28  ? 709 ARG B O   1 
ATOM   951  C CB  . ARG B 1 45 ? 5.609   7.519   8.504   1.00 70.81  ? 709 ARG B CB  1 
ATOM   952  C CG  . ARG B 1 45 ? 6.745   8.076   9.347   1.00 75.41  ? 709 ARG B CG  1 
ATOM   953  C CD  . ARG B 1 45 ? 6.985   9.555   9.066   1.00 81.44  ? 709 ARG B CD  1 
ATOM   954  N NE  . ARG B 1 45 ? 6.195   10.437  9.926   1.00 85.89  ? 709 ARG B NE  1 
ATOM   955  C CZ  . ARG B 1 45 ? 4.866   10.530  9.916   1.00 88.02  ? 709 ARG B CZ  1 
ATOM   956  N NH1 . ARG B 1 45 ? 4.145   9.793   9.084   1.00 88.23  ? 709 ARG B NH1 1 
ATOM   957  N NH2 . ARG B 1 45 ? 4.255   11.367  10.743  1.00 89.39  ? 709 ARG B NH2 1 
ATOM   958  N N   . THR B 1 46 ? 3.952   5.159   7.023   1.00 24.44  ? 710 THR B N   1 
ATOM   959  C CA  . THR B 1 46 ? 2.752   4.794   6.268   1.00 24.50  ? 710 THR B CA  1 
ATOM   960  C C   . THR B 1 46 ? 1.984   3.683   6.971   1.00 24.96  ? 710 THR B C   1 
ATOM   961  O O   . THR B 1 46 ? 0.759   3.606   6.878   1.00 24.51  ? 710 THR B O   1 
ATOM   962  C CB  . THR B 1 46 ? 3.082   4.288   4.845   1.00 27.83  ? 710 THR B CB  1 
ATOM   963  O OG1 . THR B 1 46 ? 3.816   3.058   4.932   1.00 28.79  ? 710 THR B OG1 1 
ATOM   964  C CG2 . THR B 1 46 ? 3.895   5.319   4.084   1.00 26.72  ? 710 THR B CG2 1 
ATOM   965  N N   . GLY B 1 47 ? 2.719   2.819   7.666   1.00 27.64  ? 711 GLY B N   1 
ATOM   966  C CA  . GLY B 1 47 ? 2.104   1.703   8.362   1.00 27.75  ? 711 GLY B CA  1 
ATOM   967  C C   . GLY B 1 47 ? 1.662   0.621   7.394   1.00 27.35  ? 711 GLY B C   1 
ATOM   968  O O   . GLY B 1 47 ? 1.060   -0.373  7.796   1.00 27.05  ? 711 GLY B O   1 
ATOM   969  N N   . ALA B 1 48 ? 1.976   0.807   6.116   1.00 22.24  ? 712 ALA B N   1 
ATOM   970  C CA  . ALA B 1 48 ? 1.584   -0.142  5.077   1.00 21.27  ? 712 ALA B CA  1 
ATOM   971  C C   . ALA B 1 48 ? 2.687   -1.109  4.634   1.00 21.74  ? 712 ALA B C   1 
ATOM   972  O O   . ALA B 1 48 ? 2.479   -1.902  3.718   1.00 20.30  ? 712 ALA B O   1 
ATOM   973  C CB  . ALA B 1 48 ? 1.049   0.618   3.868   1.00 37.11  ? 712 ALA B CB  1 
ATOM   974  N N   . ILE B 1 49 ? 3.849   -1.040  5.273   1.00 26.99  ? 713 ILE B N   1 
ATOM   975  C CA  . ILE B 1 49 ? 4.964   -1.921  4.934   1.00 27.05  ? 713 ILE B CA  1 
ATOM   976  C C   . ILE B 1 49 ? 5.322   -2.733  6.177   1.00 28.84  ? 713 ILE B C   1 
ATOM   977  O O   . ILE B 1 49 ? 5.518   -2.171  7.253   1.00 29.79  ? 713 ILE B O   1 
ATOM   978  C CB  . ILE B 1 49 ? 6.197   -1.108  4.483   1.00 30.62  ? 713 ILE B CB  1 
ATOM   979  C CG1 . ILE B 1 49 ? 5.822   -0.207  3.302   1.00 29.75  ? 713 ILE B CG1 1 
ATOM   980  C CG2 . ILE B 1 49 ? 7.329   -2.047  4.097   1.00 30.05  ? 713 ILE B CG2 1 
ATOM   981  C CD1 . ILE B 1 49 ? 5.281   -0.954  2.094   1.00 28.85  ? 713 ILE B CD1 1 
ATOM   982  N N   . HIS B 1 50 ? 5.425   -4.050  6.031   1.00 24.70  ? 714 HIS B N   1 
ATOM   983  C CA  . HIS B 1 50 ? 5.717   -4.886  7.190   1.00 24.87  ? 714 HIS B CA  1 
ATOM   984  C C   . HIS B 1 50 ? 6.882   -5.861  7.064   1.00 23.91  ? 714 HIS B C   1 
ATOM   985  O O   . HIS B 1 50 ? 7.070   -6.514  6.034   1.00 23.25  ? 714 HIS B O   1 
ATOM   986  C CB  . HIS B 1 50 ? 4.458   -5.657  7.583   1.00 28.51  ? 714 HIS B CB  1 
ATOM   987  C CG  . HIS B 1 50 ? 3.251   -4.788  7.751   1.00 30.08  ? 714 HIS B CG  1 
ATOM   988  N ND1 . HIS B 1 50 ? 2.493   -4.352  6.686   1.00 29.91  ? 714 HIS B ND1 1 
ATOM   989  C CD2 . HIS B 1 50 ? 2.700   -4.233  8.857   1.00 29.62  ? 714 HIS B CD2 1 
ATOM   990  C CE1 . HIS B 1 50 ? 1.527   -3.567  7.128   1.00 30.79  ? 714 HIS B CE1 1 
ATOM   991  N NE2 . HIS B 1 50 ? 1.632   -3.477  8.442   1.00 31.59  ? 714 HIS B NE2 1 
ATOM   992  N N   . ILE B 1 51 ? 7.650   -5.962  8.142   1.00 24.48  ? 715 ILE B N   1 
ATOM   993  C CA  . ILE B 1 51 ? 8.794   -6.861  8.194   1.00 22.75  ? 715 ILE B CA  1 
ATOM   994  C C   . ILE B 1 51 ? 8.329   -8.299  8.005   1.00 22.98  ? 715 ILE B C   1 
ATOM   995  O O   . ILE B 1 51 ? 7.305   -8.709  8.554   1.00 23.57  ? 715 ILE B O   1 
ATOM   996  C CB  . ILE B 1 51 ? 9.527   -6.746  9.548   1.00 40.45  ? 715 ILE B CB  1 
ATOM   997  C CG1 . ILE B 1 51 ? 10.136  -5.349  9.688   1.00 39.48  ? 715 ILE B CG1 1 
ATOM   998  C CG2 . ILE B 1 51 ? 10.597  -7.824  9.656   1.00 41.45  ? 715 ILE B CG2 1 
ATOM   999  C CD1 . ILE B 1 51 ? 10.860  -5.118  11.004  1.00 38.95  ? 715 ILE B CD1 1 
ATOM   1000 N N   . GLY B 1 52 ? 9.089   -9.062  7.227   1.00 21.62  ? 716 GLY B N   1 
ATOM   1001 C CA  . GLY B 1 52 ? 8.738   -10.447 6.980   1.00 21.22  ? 716 GLY B CA  1 
ATOM   1002 C C   . GLY B 1 52 ? 8.074   -10.674 5.635   1.00 21.45  ? 716 GLY B C   1 
ATOM   1003 O O   . GLY B 1 52 ? 8.172   -11.761 5.062   1.00 22.57  ? 716 GLY B O   1 
ATOM   1004 N N   . ASP B 1 53 ? 7.380   -9.660  5.129   1.00 23.03  ? 717 ASP B N   1 
ATOM   1005 C CA  . ASP B 1 53 ? 6.719   -9.791  3.843   1.00 23.26  ? 717 ASP B CA  1 
ATOM   1006 C C   . ASP B 1 53 ? 7.740   -9.876  2.715   1.00 22.49  ? 717 ASP B C   1 
ATOM   1007 O O   . ASP B 1 53 ? 8.856   -9.373  2.827   1.00 21.08  ? 717 ASP B O   1 
ATOM   1008 C CB  . ASP B 1 53 ? 5.769   -8.622  3.595   1.00 23.71  ? 717 ASP B CB  1 
ATOM   1009 C CG  . ASP B 1 53 ? 4.528   -8.690  4.462   1.00 25.05  ? 717 ASP B CG  1 
ATOM   1010 O OD1 . ASP B 1 53 ? 4.205   -9.793  4.961   1.00 23.90  ? 717 ASP B OD1 1 
ATOM   1011 O OD2 . ASP B 1 53 ? 3.871   -7.647  4.631   1.00 25.63  ? 717 ASP B OD2 1 
ATOM   1012 N N   . ARG B 1 54 ? 7.333   -10.512 1.628   1.00 21.88  ? 718 ARG B N   1 
ATOM   1013 C CA  . ARG B 1 54 ? 8.200   -10.713 0.474   1.00 21.25  ? 718 ARG B CA  1 
ATOM   1014 C C   . ARG B 1 54 ? 7.943   -9.706  -0.643  1.00 19.75  ? 718 ARG B C   1 
ATOM   1015 O O   . ARG B 1 54 ? 6.802   -9.309  -0.881  1.00 20.07  ? 718 ARG B O   1 
ATOM   1016 C CB  . ARG B 1 54 ? 7.990   -12.137 -0.042  1.00 26.72  ? 718 ARG B CB  1 
ATOM   1017 C CG  . ARG B 1 54 ? 8.690   -12.473 -1.342  1.00 30.35  ? 718 ARG B CG  1 
ATOM   1018 C CD  . ARG B 1 54 ? 8.356   -13.899 -1.756  1.00 34.53  ? 718 ARG B CD  1 
ATOM   1019 N NE  . ARG B 1 54 ? 8.880   -14.234 -3.076  1.00 38.14  ? 718 ARG B NE  1 
ATOM   1020 C CZ  . ARG B 1 54 ? 8.563   -15.340 -3.740  1.00 42.00  ? 718 ARG B CZ  1 
ATOM   1021 N NH1 . ARG B 1 54 ? 7.726   -16.222 -3.203  1.00 42.73  ? 718 ARG B NH1 1 
ATOM   1022 N NH2 . ARG B 1 54 ? 9.073   -15.562 -4.944  1.00 42.88  ? 718 ARG B NH2 1 
ATOM   1023 N N   . ILE B 1 55 ? 9.009   -9.284  -1.320  1.00 20.86  ? 719 ILE B N   1 
ATOM   1024 C CA  . ILE B 1 55 ? 8.874   -8.348  -2.434  1.00 18.48  ? 719 ILE B CA  1 
ATOM   1025 C C   . ILE B 1 55 ? 8.882   -9.158  -3.729  1.00 19.78  ? 719 ILE B C   1 
ATOM   1026 O O   . ILE B 1 55 ? 9.873   -9.811  -4.057  1.00 19.74  ? 719 ILE B O   1 
ATOM   1027 C CB  . ILE B 1 55 ? 10.032  -7.328  -2.474  1.00 22.75  ? 719 ILE B CB  1 
ATOM   1028 C CG1 . ILE B 1 55 ? 10.041  -6.507  -1.184  1.00 21.45  ? 719 ILE B CG1 1 
ATOM   1029 C CG2 . ILE B 1 55 ? 9.878   -6.407  -3.685  1.00 20.63  ? 719 ILE B CG2 1 
ATOM   1030 C CD1 . ILE B 1 55 ? 11.134  -5.477  -1.120  1.00 22.78  ? 719 ILE B CD1 1 
ATOM   1031 N N   . LEU B 1 56 ? 7.773   -9.125  -4.455  1.00 17.06  ? 720 LEU B N   1 
ATOM   1032 C CA  . LEU B 1 56 ? 7.658   -9.869  -5.708  1.00 16.74  ? 720 LEU B CA  1 
ATOM   1033 C C   . LEU B 1 56 ? 8.099   -9.078  -6.931  1.00 17.26  ? 720 LEU B C   1 
ATOM   1034 O O   . LEU B 1 56 ? 8.554   -9.661  -7.925  1.00 19.89  ? 720 LEU B O   1 
ATOM   1035 C CB  . LEU B 1 56 ? 6.217   -10.338 -5.912  1.00 26.62  ? 720 LEU B CB  1 
ATOM   1036 C CG  . LEU B 1 56 ? 5.690   -11.336 -4.881  1.00 25.74  ? 720 LEU B CG  1 
ATOM   1037 C CD1 . LEU B 1 56 ? 4.239   -11.680 -5.206  1.00 24.22  ? 720 LEU B CD1 1 
ATOM   1038 C CD2 . LEU B 1 56 ? 6.558   -12.585 -4.886  1.00 26.51  ? 720 LEU B CD2 1 
ATOM   1039 N N   . ALA B 1 57 ? 7.951   -7.760  -6.866  1.00 20.08  ? 721 ALA B N   1 
ATOM   1040 C CA  . ALA B 1 57 ? 8.318   -6.899  -7.983  1.00 18.61  ? 721 ALA B CA  1 
ATOM   1041 C C   . ALA B 1 57 ? 8.581   -5.473  -7.528  1.00 18.42  ? 721 ALA B C   1 
ATOM   1042 O O   . ALA B 1 57 ? 8.031   -5.010  -6.524  1.00 20.27  ? 721 ALA B O   1 
ATOM   1043 C CB  . ALA B 1 57 ? 7.209   -6.914  -9.042  1.00 25.85  ? 721 ALA B CB  1 
ATOM   1044 N N   . ILE B 1 58 ? 9.429   -4.779  -8.277  1.00 19.11  ? 722 ILE B N   1 
ATOM   1045 C CA  . ILE B 1 58 ? 9.769   -3.393  -7.983  1.00 16.54  ? 722 ILE B CA  1 
ATOM   1046 C C   . ILE B 1 58 ? 9.534   -2.606  -9.266  1.00 17.75  ? 722 ILE B C   1 
ATOM   1047 O O   . ILE B 1 58 ? 10.083  -2.947  -10.315 1.00 18.20  ? 722 ILE B O   1 
ATOM   1048 C CB  . ILE B 1 58 ? 11.248  -3.275  -7.539  1.00 26.24  ? 722 ILE B CB  1 
ATOM   1049 C CG1 . ILE B 1 58 ? 11.451  -4.063  -6.241  1.00 22.78  ? 722 ILE B CG1 1 
ATOM   1050 C CG2 . ILE B 1 58 ? 11.633  -1.811  -7.354  1.00 23.68  ? 722 ILE B CG2 1 
ATOM   1051 C CD1 . ILE B 1 58 ? 12.900  -4.136  -5.761  1.00 18.82  ? 722 ILE B CD1 1 
ATOM   1052 N N   . ASN B 1 59 ? 8.710   -1.565  -9.177  1.00 23.06  ? 723 ASN B N   1 
ATOM   1053 C CA  . ASN B 1 59 ? 8.361   -0.736  -10.329 1.00 24.20  ? 723 ASN B CA  1 
ATOM   1054 C C   . ASN B 1 59 ? 7.942   -1.568  -11.538 1.00 26.03  ? 723 ASN B C   1 
ATOM   1055 O O   . ASN B 1 59 ? 8.289   -1.250  -12.674 1.00 28.11  ? 723 ASN B O   1 
ATOM   1056 C CB  . ASN B 1 59 ? 9.514   0.202   -10.706 1.00 25.56  ? 723 ASN B CB  1 
ATOM   1057 C CG  . ASN B 1 59 ? 9.580   1.435   -9.813  1.00 27.27  ? 723 ASN B CG  1 
ATOM   1058 O OD1 . ASN B 1 59 ? 10.101  2.481   -10.214 1.00 27.48  ? 723 ASN B OD1 1 
ATOM   1059 N ND2 . ASN B 1 59 ? 9.060   1.315   -8.599  1.00 28.37  ? 723 ASN B ND2 1 
ATOM   1060 N N   . SER B 1 60 ? 7.203   -2.642  -11.264 1.00 23.39  ? 724 SER B N   1 
ATOM   1061 C CA  . SER B 1 60 ? 6.673   -3.550  -12.278 1.00 23.95  ? 724 SER B CA  1 
ATOM   1062 C C   . SER B 1 60 ? 7.630   -4.584  -12.866 1.00 24.53  ? 724 SER B C   1 
ATOM   1063 O O   . SER B 1 60 ? 7.219   -5.400  -13.693 1.00 25.42  ? 724 SER B O   1 
ATOM   1064 C CB  . SER B 1 60 ? 6.010   -2.752  -13.405 1.00 29.66  ? 724 SER B CB  1 
ATOM   1065 O OG  . SER B 1 60 ? 4.920   -2.011  -12.889 1.00 32.62  ? 724 SER B OG  1 
ATOM   1066 N N   . SER B 1 61 ? 8.898   -4.554  -12.466 1.00 20.62  ? 725 SER B N   1 
ATOM   1067 C CA  . SER B 1 61 ? 9.829   -5.572  -12.950 1.00 20.01  ? 725 SER B CA  1 
ATOM   1068 C C   . SER B 1 61 ? 9.788   -6.690  -11.914 1.00 19.09  ? 725 SER B C   1 
ATOM   1069 O O   . SER B 1 61 ? 9.979   -6.444  -10.719 1.00 19.14  ? 725 SER B O   1 
ATOM   1070 C CB  . SER B 1 61 ? 11.245  -5.009  -13.085 1.00 19.91  ? 725 SER B CB  1 
ATOM   1071 O OG  . SER B 1 61 ? 11.353  -4.198  -14.245 1.00 22.16  ? 725 SER B OG  1 
ATOM   1072 N N   . SER B 1 62 ? 9.514   -7.912  -12.367 1.00 20.67  ? 726 SER B N   1 
ATOM   1073 C CA  . SER B 1 62 ? 9.419   -9.063  -11.471 1.00 21.47  ? 726 SER B CA  1 
ATOM   1074 C C   . SER B 1 62 ? 10.756  -9.571  -10.947 1.00 22.02  ? 726 SER B C   1 
ATOM   1075 O O   . SER B 1 62 ? 11.736  -9.641  -11.686 1.00 22.70  ? 726 SER B O   1 
ATOM   1076 C CB  . SER B 1 62 ? 8.698   -10.216 -12.166 1.00 21.45  ? 726 SER B CB  1 
ATOM   1077 O OG  . SER B 1 62 ? 8.665   -11.358 -11.321 1.00 20.28  ? 726 SER B OG  1 
ATOM   1078 N N   . LEU B 1 63 ? 10.785  -9.919  -9.663  1.00 19.84  ? 727 LEU B N   1 
ATOM   1079 C CA  . LEU B 1 63 ? 11.993  -10.448 -9.041  1.00 20.22  ? 727 LEU B CA  1 
ATOM   1080 C C   . LEU B 1 63 ? 11.986  -11.971 -9.067  1.00 21.12  ? 727 LEU B C   1 
ATOM   1081 O O   . LEU B 1 63 ? 12.821  -12.615 -8.430  1.00 20.59  ? 727 LEU B O   1 
ATOM   1082 C CB  . LEU B 1 63 ? 12.116  -9.957  -7.595  1.00 24.43  ? 727 LEU B CB  1 
ATOM   1083 C CG  . LEU B 1 63 ? 12.351  -8.454  -7.405  1.00 24.61  ? 727 LEU B CG  1 
ATOM   1084 C CD1 . LEU B 1 63 ? 12.376  -8.134  -5.920  1.00 25.13  ? 727 LEU B CD1 1 
ATOM   1085 C CD2 . LEU B 1 63 ? 13.666  -8.035  -8.069  1.00 24.69  ? 727 LEU B CD2 1 
ATOM   1086 N N   . LYS B 1 64 ? 11.043  -12.552 -9.805  1.00 23.64  ? 728 LYS B N   1 
ATOM   1087 C CA  . LYS B 1 64 ? 10.958  -14.004 -9.903  1.00 25.56  ? 728 LYS B CA  1 
ATOM   1088 C C   . LYS B 1 64 ? 12.243  -14.561 -10.507 1.00 26.77  ? 728 LYS B C   1 
ATOM   1089 O O   . LYS B 1 64 ? 12.612  -14.215 -11.630 1.00 26.70  ? 728 LYS B O   1 
ATOM   1090 C CB  . LYS B 1 64 ? 9.765   -14.416 -10.771 1.00 45.73  ? 728 LYS B CB  1 
ATOM   1091 C CG  . LYS B 1 64 ? 9.664   -15.920 -11.001 1.00 50.39  ? 728 LYS B CG  1 
ATOM   1092 C CD  . LYS B 1 64 ? 8.473   -16.293 -11.877 1.00 53.73  ? 728 LYS B CD  1 
ATOM   1093 C CE  . LYS B 1 64 ? 7.150   -16.148 -11.137 1.00 58.49  ? 728 LYS B CE  1 
ATOM   1094 N NZ  . LYS B 1 64 ? 6.872   -14.748 -10.708 1.00 60.85  ? 728 LYS B NZ  1 
ATOM   1095 N N   . GLY B 1 65 ? 12.924  -15.419 -9.755  1.00 27.36  ? 729 GLY B N   1 
ATOM   1096 C CA  . GLY B 1 65 ? 14.163  -16.003 -10.237 1.00 28.93  ? 729 GLY B CA  1 
ATOM   1097 C C   . GLY B 1 65 ? 15.321  -15.027 -10.309 1.00 29.74  ? 729 GLY B C   1 
ATOM   1098 O O   . GLY B 1 65 ? 16.303  -15.281 -11.007 1.00 30.31  ? 729 GLY B O   1 
ATOM   1099 N N   . LYS B 1 66 ? 15.210  -13.912 -9.592  1.00 23.24  ? 730 LYS B N   1 
ATOM   1100 C CA  . LYS B 1 66 ? 16.258  -12.894 -9.579  1.00 22.66  ? 730 LYS B CA  1 
ATOM   1101 C C   . LYS B 1 66 ? 16.935  -12.794 -8.212  1.00 21.78  ? 730 LYS B C   1 
ATOM   1102 O O   . LYS B 1 66 ? 16.287  -12.937 -7.177  1.00 22.42  ? 730 LYS B O   1 
ATOM   1103 C CB  . LYS B 1 66 ? 15.672  -11.532 -9.961  1.00 25.70  ? 730 LYS B CB  1 
ATOM   1104 C CG  . LYS B 1 66 ? 15.212  -11.441 -11.405 1.00 29.68  ? 730 LYS B CG  1 
ATOM   1105 C CD  . LYS B 1 66 ? 16.391  -11.579 -12.359 1.00 32.75  ? 730 LYS B CD  1 
ATOM   1106 C CE  . LYS B 1 66 ? 15.968  -11.367 -13.799 1.00 36.32  ? 730 LYS B CE  1 
ATOM   1107 N NZ  . LYS B 1 66 ? 17.129  -11.431 -14.732 1.00 38.74  ? 730 LYS B NZ  1 
ATOM   1108 N N   . PRO B 1 67 ? 18.255  -12.539 -8.194  1.00 25.32  ? 731 PRO B N   1 
ATOM   1109 C CA  . PRO B 1 67 ? 19.037  -12.417 -6.959  1.00 23.15  ? 731 PRO B CA  1 
ATOM   1110 C C   . PRO B 1 67 ? 18.836  -11.060 -6.289  1.00 20.39  ? 731 PRO B C   1 
ATOM   1111 O O   . PRO B 1 67 ? 18.318  -10.132 -6.908  1.00 19.30  ? 731 PRO B O   1 
ATOM   1112 C CB  . PRO B 1 67 ? 20.464  -12.602 -7.455  1.00 20.36  ? 731 PRO B CB  1 
ATOM   1113 C CG  . PRO B 1 67 ? 20.421  -11.859 -8.768  1.00 20.90  ? 731 PRO B CG  1 
ATOM   1114 C CD  . PRO B 1 67 ? 19.116  -12.348 -9.378  1.00 20.88  ? 731 PRO B CD  1 
ATOM   1115 N N   . LEU B 1 68 ? 19.245  -10.947 -5.026  1.00 20.00  ? 732 LEU B N   1 
ATOM   1116 C CA  . LEU B 1 68 ? 19.126  -9.687  -4.294  1.00 19.64  ? 732 LEU B CA  1 
ATOM   1117 C C   . LEU B 1 68 ? 19.752  -8.545  -5.084  1.00 18.19  ? 732 LEU B C   1 
ATOM   1118 O O   . LEU B 1 68 ? 19.211  -7.447  -5.126  1.00 18.26  ? 732 LEU B O   1 
ATOM   1119 C CB  . LEU B 1 68 ? 19.818  -9.780  -2.928  1.00 24.51  ? 732 LEU B CB  1 
ATOM   1120 C CG  . LEU B 1 68 ? 19.845  -8.488  -2.101  1.00 24.83  ? 732 LEU B CG  1 
ATOM   1121 C CD1 . LEU B 1 68 ? 18.432  -8.154  -1.633  1.00 22.95  ? 732 LEU B CD1 1 
ATOM   1122 C CD2 . LEU B 1 68 ? 20.774  -8.648  -0.897  1.00 24.78  ? 732 LEU B CD2 1 
ATOM   1123 N N   . SER B 1 69 ? 20.901  -8.802  -5.703  1.00 18.57  ? 733 SER B N   1 
ATOM   1124 C CA  . SER B 1 69 ? 21.571  -7.763  -6.478  1.00 18.23  ? 733 SER B CA  1 
ATOM   1125 C C   . SER B 1 69 ? 20.656  -7.122  -7.524  1.00 18.86  ? 733 SER B C   1 
ATOM   1126 O O   . SER B 1 69 ? 20.789  -5.934  -7.809  1.00 19.05  ? 733 SER B O   1 
ATOM   1127 C CB  . SER B 1 69 ? 22.843  -8.318  -7.145  1.00 21.68  ? 733 SER B CB  1 
ATOM   1128 O OG  . SER B 1 69 ? 22.576  -9.491  -7.891  1.00 18.10  ? 733 SER B OG  1 
ATOM   1129 N N   . GLU B 1 70 ? 19.730  -7.891  -8.093  1.00 17.56  ? 734 GLU B N   1 
ATOM   1130 C CA  . GLU B 1 70 ? 18.827  -7.312  -9.088  1.00 19.01  ? 734 GLU B CA  1 
ATOM   1131 C C   . GLU B 1 70 ? 17.885  -6.328  -8.403  1.00 19.13  ? 734 GLU B C   1 
ATOM   1132 O O   . GLU B 1 70 ? 17.618  -5.251  -8.933  1.00 20.06  ? 734 GLU B O   1 
ATOM   1133 C CB  . GLU B 1 70 ? 18.014  -8.394  -9.809  1.00 19.88  ? 734 GLU B CB  1 
ATOM   1134 C CG  . GLU B 1 70 ? 17.104  -7.826  -10.907 1.00 23.21  ? 734 GLU B CG  1 
ATOM   1135 C CD  . GLU B 1 70 ? 17.884  -7.172  -12.045 1.00 24.61  ? 734 GLU B CD  1 
ATOM   1136 O OE1 . GLU B 1 70 ? 17.471  -6.085  -12.511 1.00 26.04  ? 734 GLU B OE1 1 
ATOM   1137 O OE2 . GLU B 1 70 ? 18.904  -7.749  -12.480 1.00 25.51  ? 734 GLU B OE2 1 
ATOM   1138 N N   . ALA B 1 71 ? 17.389  -6.695  -7.222  1.00 22.41  ? 735 ALA B N   1 
ATOM   1139 C CA  . ALA B 1 71 ? 16.486  -5.818  -6.476  1.00 20.85  ? 735 ALA B CA  1 
ATOM   1140 C C   . ALA B 1 71 ? 17.197  -4.507  -6.142  1.00 20.19  ? 735 ALA B C   1 
ATOM   1141 O O   . ALA B 1 71 ? 16.604  -3.431  -6.222  1.00 19.43  ? 735 ALA B O   1 
ATOM   1142 C CB  . ALA B 1 71 ? 16.013  -6.505  -5.185  1.00 15.74  ? 735 ALA B CB  1 
ATOM   1143 N N   . ILE B 1 72 ? 18.470  -4.603  -5.757  1.00 16.42  ? 736 ILE B N   1 
ATOM   1144 C CA  . ILE B 1 72 ? 19.250  -3.417  -5.431  1.00 18.51  ? 736 ILE B CA  1 
ATOM   1145 C C   . ILE B 1 72 ? 19.300  -2.518  -6.664  1.00 20.50  ? 736 ILE B C   1 
ATOM   1146 O O   . ILE B 1 72 ? 19.079  -1.308  -6.576  1.00 19.75  ? 736 ILE B O   1 
ATOM   1147 C CB  . ILE B 1 72 ? 20.695  -3.792  -5.002  1.00 20.72  ? 736 ILE B CB  1 
ATOM   1148 C CG1 . ILE B 1 72 ? 20.650  -4.670  -3.749  1.00 21.00  ? 736 ILE B CG1 1 
ATOM   1149 C CG2 . ILE B 1 72 ? 21.506  -2.528  -4.743  1.00 19.15  ? 736 ILE B CG2 1 
ATOM   1150 C CD1 . ILE B 1 72 ? 22.015  -5.222  -3.312  1.00 20.26  ? 736 ILE B CD1 1 
ATOM   1151 N N   . HIS B 1 73 ? 19.580  -3.125  -7.814  1.00 20.80  ? 737 HIS B N   1 
ATOM   1152 C CA  . HIS B 1 73 ? 19.650  -2.399  -9.075  1.00 22.62  ? 737 HIS B CA  1 
ATOM   1153 C C   . HIS B 1 73 ? 18.341  -1.678  -9.388  1.00 21.77  ? 737 HIS B C   1 
ATOM   1154 O O   . HIS B 1 73 ? 18.345  -0.491  -9.717  1.00 21.80  ? 737 HIS B O   1 
ATOM   1155 C CB  . HIS B 1 73 ? 19.992  -3.359  -10.220 1.00 24.67  ? 737 HIS B CB  1 
ATOM   1156 C CG  . HIS B 1 73 ? 19.734  -2.794  -11.583 1.00 30.00  ? 737 HIS B CG  1 
ATOM   1157 N ND1 . HIS B 1 73 ? 20.337  -1.641  -12.039 1.00 31.93  ? 737 HIS B ND1 1 
ATOM   1158 C CD2 . HIS B 1 73 ? 18.931  -3.219  -12.587 1.00 31.29  ? 737 HIS B CD2 1 
ATOM   1159 C CE1 . HIS B 1 73 ? 19.917  -1.381  -13.264 1.00 32.24  ? 737 HIS B CE1 1 
ATOM   1160 N NE2 . HIS B 1 73 ? 19.063  -2.323  -13.621 1.00 32.74  ? 737 HIS B NE2 1 
ATOM   1161 N N   . LEU B 1 74 ? 17.223  -2.390  -9.280  1.00 23.34  ? 738 LEU B N   1 
ATOM   1162 C CA  . LEU B 1 74 ? 15.922  -1.793  -9.568  1.00 23.55  ? 738 LEU B CA  1 
ATOM   1163 C C   . LEU B 1 74 ? 15.593  -0.629  -8.634  1.00 24.36  ? 738 LEU B C   1 
ATOM   1164 O O   . LEU B 1 74 ? 15.049  0.390   -9.068  1.00 24.56  ? 738 LEU B O   1 
ATOM   1165 C CB  . LEU B 1 74 ? 14.821  -2.858  -9.489  1.00 28.43  ? 738 LEU B CB  1 
ATOM   1166 C CG  . LEU B 1 74 ? 14.942  -4.029  -10.474 1.00 28.95  ? 738 LEU B CG  1 
ATOM   1167 C CD1 . LEU B 1 74 ? 13.796  -5.004  -10.252 1.00 28.21  ? 738 LEU B CD1 1 
ATOM   1168 C CD2 . LEU B 1 74 ? 14.937  -3.509  -11.911 1.00 27.24  ? 738 LEU B CD2 1 
ATOM   1169 N N   . LEU B 1 75 ? 15.928  -0.770  -7.353  1.00 19.10  ? 739 LEU B N   1 
ATOM   1170 C CA  . LEU B 1 75 ? 15.654  0.297   -6.393  1.00 19.61  ? 739 LEU B CA  1 
ATOM   1171 C C   . LEU B 1 75 ? 16.462  1.563   -6.694  1.00 22.23  ? 739 LEU B C   1 
ATOM   1172 O O   . LEU B 1 75 ? 15.949  2.679   -6.592  1.00 23.02  ? 739 LEU B O   1 
ATOM   1173 C CB  . LEU B 1 75 ? 15.941  -0.189  -4.964  1.00 24.38  ? 739 LEU B CB  1 
ATOM   1174 C CG  . LEU B 1 75 ? 14.923  -1.192  -4.411  1.00 22.66  ? 739 LEU B CG  1 
ATOM   1175 C CD1 . LEU B 1 75 ? 15.440  -1.845  -3.129  1.00 19.14  ? 739 LEU B CD1 1 
ATOM   1176 C CD2 . LEU B 1 75 ? 13.610  -0.470  -4.160  1.00 19.73  ? 739 LEU B CD2 1 
ATOM   1177 N N   . GLN B 1 76 ? 17.720  1.394   -7.081  1.00 21.77  ? 740 GLN B N   1 
ATOM   1178 C CA  . GLN B 1 76 ? 18.568  2.539   -7.382  1.00 25.42  ? 740 GLN B CA  1 
ATOM   1179 C C   . GLN B 1 76 ? 18.099  3.290   -8.632  1.00 28.55  ? 740 GLN B C   1 
ATOM   1180 O O   . GLN B 1 76 ? 18.327  4.494   -8.760  1.00 30.60  ? 740 GLN B O   1 
ATOM   1181 C CB  . GLN B 1 76 ? 20.020  2.082   -7.542  1.00 27.23  ? 740 GLN B CB  1 
ATOM   1182 C CG  . GLN B 1 76 ? 20.555  1.358   -6.311  1.00 27.48  ? 740 GLN B CG  1 
ATOM   1183 C CD  . GLN B 1 76 ? 21.980  0.873   -6.482  1.00 28.30  ? 740 GLN B CD  1 
ATOM   1184 O OE1 . GLN B 1 76 ? 22.365  0.416   -7.555  1.00 29.65  ? 740 GLN B OE1 1 
ATOM   1185 N NE2 . GLN B 1 76 ? 22.766  0.951   -5.414  1.00 27.24  ? 740 GLN B NE2 1 
ATOM   1186 N N   . MET B 1 77 ? 17.428  2.586   -9.539  1.00 24.92  ? 741 MET B N   1 
ATOM   1187 C CA  . MET B 1 77 ? 16.941  3.200   -10.775 1.00 27.63  ? 741 MET B CA  1 
ATOM   1188 C C   . MET B 1 77 ? 15.441  3.509   -10.741 1.00 28.39  ? 741 MET B C   1 
ATOM   1189 O O   . MET B 1 77 ? 14.890  4.005   -11.723 1.00 28.62  ? 741 MET B O   1 
ATOM   1190 C CB  . MET B 1 77 ? 17.221  2.273   -11.961 1.00 47.93  ? 741 MET B CB  1 
ATOM   1191 C CG  . MET B 1 77 ? 18.683  1.913   -12.156 1.00 52.37  ? 741 MET B CG  1 
ATOM   1192 S SD  . MET B 1 77 ? 19.715  3.347   -12.512 1.00 59.01  ? 741 MET B SD  1 
ATOM   1193 C CE  . MET B 1 77 ? 20.427  3.667   -10.894 1.00 57.77  ? 741 MET B CE  1 
ATOM   1194 N N   . ALA B 1 78 ? 14.794  3.234   -9.611  1.00 32.88  ? 742 ALA B N   1 
ATOM   1195 C CA  . ALA B 1 78 ? 13.350  3.434   -9.460  1.00 32.84  ? 742 ALA B CA  1 
ATOM   1196 C C   . ALA B 1 78 ? 12.797  4.853   -9.609  1.00 33.17  ? 742 ALA B C   1 
ATOM   1197 O O   . ALA B 1 78 ? 11.617  5.024   -9.920  1.00 33.94  ? 742 ALA B O   1 
ATOM   1198 C CB  . ALA B 1 78 ? 12.888  2.845   -8.126  1.00 17.42  ? 742 ALA B CB  1 
ATOM   1199 N N   . GLY B 1 79 ? 13.622  5.867   -9.375  1.00 27.98  ? 743 GLY B N   1 
ATOM   1200 C CA  . GLY B 1 79 ? 13.139  7.234   -9.499  1.00 27.79  ? 743 GLY B CA  1 
ATOM   1201 C C   . GLY B 1 79 ? 12.506  7.781   -8.230  1.00 28.06  ? 743 GLY B C   1 
ATOM   1202 O O   . GLY B 1 79 ? 12.765  7.281   -7.131  1.00 28.18  ? 743 GLY B O   1 
ATOM   1203 N N   . GLU B 1 80 ? 11.667  8.804   -8.382  1.00 30.46  ? 744 GLU B N   1 
ATOM   1204 C CA  . GLU B 1 80 ? 10.997  9.450   -7.252  1.00 30.11  ? 744 GLU B CA  1 
ATOM   1205 C C   . GLU B 1 80 ? 9.863   8.619   -6.650  1.00 27.38  ? 744 GLU B C   1 
ATOM   1206 O O   . GLU B 1 80 ? 9.566   8.735   -5.457  1.00 25.78  ? 744 GLU B O   1 
ATOM   1207 C CB  . GLU B 1 80 ? 10.435  10.808  -7.682  1.00 98.15  ? 744 GLU B CB  1 
ATOM   1208 C CG  . GLU B 1 80 ? 11.461  11.777  -8.250  1.00 99.69  ? 744 GLU B CG  1 
ATOM   1209 C CD  . GLU B 1 80 ? 12.541  12.144  -7.252  1.00 100.71 ? 744 GLU B CD  1 
ATOM   1210 O OE1 . GLU B 1 80 ? 13.341  11.256  -6.887  1.00 99.81  ? 744 GLU B OE1 1 
ATOM   1211 O OE2 . GLU B 1 80 ? 12.589  13.318  -6.829  1.00 102.17 ? 744 GLU B OE2 1 
ATOM   1212 N N   . THR B 1 81 ? 9.230   7.797   -7.480  1.00 33.38  ? 745 THR B N   1 
ATOM   1213 C CA  . THR B 1 81 ? 8.120   6.962   -7.033  1.00 31.09  ? 745 THR B CA  1 
ATOM   1214 C C   . THR B 1 81 ? 8.473   5.477   -7.113  1.00 28.76  ? 745 THR B C   1 
ATOM   1215 O O   . THR B 1 81 ? 8.776   4.954   -8.187  1.00 28.48  ? 745 THR B O   1 
ATOM   1216 C CB  . THR B 1 81 ? 6.869   7.219   -7.884  1.00 29.50  ? 745 THR B CB  1 
ATOM   1217 O OG1 . THR B 1 81 ? 6.599   8.626   -7.927  1.00 33.02  ? 745 THR B OG1 1 
ATOM   1218 C CG2 . THR B 1 81 ? 5.677   6.506   -7.288  1.00 27.47  ? 745 THR B CG2 1 
ATOM   1219 N N   . VAL B 1 82 ? 8.427   4.800   -5.971  1.00 23.75  ? 746 VAL B N   1 
ATOM   1220 C CA  . VAL B 1 82 ? 8.758   3.383   -5.915  1.00 20.41  ? 746 VAL B CA  1 
ATOM   1221 C C   . VAL B 1 82 ? 7.515   2.537   -5.667  1.00 19.75  ? 746 VAL B C   1 
ATOM   1222 O O   . VAL B 1 82 ? 6.812   2.735   -4.676  1.00 20.07  ? 746 VAL B O   1 
ATOM   1223 C CB  . VAL B 1 82 ? 9.788   3.102   -4.799  1.00 30.36  ? 746 VAL B CB  1 
ATOM   1224 C CG1 . VAL B 1 82 ? 10.134  1.621   -4.768  1.00 29.10  ? 746 VAL B CG1 1 
ATOM   1225 C CG2 . VAL B 1 82 ? 11.039  3.941   -5.030  1.00 28.64  ? 746 VAL B CG2 1 
ATOM   1226 N N   . THR B 1 83 ? 7.252   1.602   -6.577  1.00 20.96  ? 747 THR B N   1 
ATOM   1227 C CA  . THR B 1 83 ? 6.097   0.715   -6.479  1.00 17.40  ? 747 THR B CA  1 
ATOM   1228 C C   . THR B 1 83 ? 6.544   -0.699  -6.125  1.00 18.12  ? 747 THR B C   1 
ATOM   1229 O O   . THR B 1 83 ? 7.285   -1.338  -6.874  1.00 18.92  ? 747 THR B O   1 
ATOM   1230 C CB  . THR B 1 83 ? 5.316   0.684   -7.809  1.00 26.00  ? 747 THR B CB  1 
ATOM   1231 O OG1 . THR B 1 83 ? 4.891   2.011   -8.145  1.00 28.05  ? 747 THR B OG1 1 
ATOM   1232 C CG2 . THR B 1 83 ? 4.099   -0.205  -7.692  1.00 25.45  ? 747 THR B CG2 1 
ATOM   1233 N N   . LEU B 1 84 ? 6.082   -1.187  -4.978  1.00 20.74  ? 748 LEU B N   1 
ATOM   1234 C CA  . LEU B 1 84 ? 6.442   -2.516  -4.506  1.00 20.05  ? 748 LEU B CA  1 
ATOM   1235 C C   . LEU B 1 84 ? 5.256   -3.471  -4.500  1.00 20.56  ? 748 LEU B C   1 
ATOM   1236 O O   . LEU B 1 84 ? 4.219   -3.178  -3.898  1.00 19.13  ? 748 LEU B O   1 
ATOM   1237 C CB  . LEU B 1 84 ? 6.998   -2.435  -3.083  1.00 24.72  ? 748 LEU B CB  1 
ATOM   1238 C CG  . LEU B 1 84 ? 8.142   -1.458  -2.817  1.00 22.54  ? 748 LEU B CG  1 
ATOM   1239 C CD1 . LEU B 1 84 ? 8.415   -1.403  -1.326  1.00 18.05  ? 748 LEU B CD1 1 
ATOM   1240 C CD2 . LEU B 1 84 ? 9.388   -1.887  -3.586  1.00 21.43  ? 748 LEU B CD2 1 
ATOM   1241 N N   . LYS B 1 85 ? 5.410   -4.603  -5.181  1.00 18.83  ? 749 LYS B N   1 
ATOM   1242 C CA  . LYS B 1 85 ? 4.372   -5.629  -5.202  1.00 19.98  ? 749 LYS B CA  1 
ATOM   1243 C C   . LYS B 1 85 ? 4.791   -6.544  -4.067  1.00 21.59  ? 749 LYS B C   1 
ATOM   1244 O O   . LYS B 1 85 ? 5.879   -7.127  -4.093  1.00 22.27  ? 749 LYS B O   1 
ATOM   1245 C CB  . LYS B 1 85 ? 4.378   -6.376  -6.530  1.00 19.68  ? 749 LYS B CB  1 
ATOM   1246 C CG  . LYS B 1 85 ? 3.256   -7.389  -6.687  1.00 21.12  ? 749 LYS B CG  1 
ATOM   1247 C CD  . LYS B 1 85 ? 3.287   -7.958  -8.098  1.00 24.17  ? 749 LYS B CD  1 
ATOM   1248 C CE  . LYS B 1 85 ? 2.165   -8.942  -8.348  1.00 26.91  ? 749 LYS B CE  1 
ATOM   1249 N NZ  . LYS B 1 85 ? 2.257   -9.481  -9.742  1.00 27.56  ? 749 LYS B NZ  1 
ATOM   1250 N N   . ILE B 1 86 ? 3.921   -6.674  -3.073  1.00 17.34  ? 750 ILE B N   1 
ATOM   1251 C CA  . ILE B 1 86 ? 4.229   -7.451  -1.882  1.00 18.29  ? 750 ILE B CA  1 
ATOM   1252 C C   . ILE B 1 86 ? 3.337   -8.660  -1.606  1.00 19.39  ? 750 ILE B C   1 
ATOM   1253 O O   . ILE B 1 86 ? 2.114   -8.596  -1.757  1.00 19.84  ? 750 ILE B O   1 
ATOM   1254 C CB  . ILE B 1 86 ? 4.171   -6.517  -0.647  1.00 20.79  ? 750 ILE B CB  1 
ATOM   1255 C CG1 . ILE B 1 86 ? 5.136   -5.342  -0.842  1.00 21.27  ? 750 ILE B CG1 1 
ATOM   1256 C CG2 . ILE B 1 86 ? 4.480   -7.294  0.622   1.00 20.58  ? 750 ILE B CG2 1 
ATOM   1257 C CD1 . ILE B 1 86 ? 4.973   -4.230  0.172   1.00 22.22  ? 750 ILE B CD1 1 
ATOM   1258 N N   . LYS B 1 87 ? 3.966   -9.757  -1.181  1.00 19.81  ? 751 LYS B N   1 
ATOM   1259 C CA  . LYS B 1 87 ? 3.239   -10.972 -0.829  1.00 22.46  ? 751 LYS B CA  1 
ATOM   1260 C C   . LYS B 1 87 ? 3.336   -11.127 0.687   1.00 24.39  ? 751 LYS B C   1 
ATOM   1261 O O   . LYS B 1 87 ? 4.431   -11.092 1.255   1.00 23.35  ? 751 LYS B O   1 
ATOM   1262 C CB  . LYS B 1 87 ? 3.851   -12.198 -1.513  1.00 21.44  ? 751 LYS B CB  1 
ATOM   1263 C CG  . LYS B 1 87 ? 3.143   -13.514 -1.172  1.00 25.10  ? 751 LYS B CG  1 
ATOM   1264 C CD  . LYS B 1 87 ? 3.771   -14.693 -1.911  1.00 28.58  ? 751 LYS B CD  1 
ATOM   1265 C CE  . LYS B 1 87 ? 3.038   -15.993 -1.618  1.00 30.25  ? 751 LYS B CE  1 
ATOM   1266 N NZ  . LYS B 1 87 ? 3.633   -17.143 -2.361  1.00 32.96  ? 751 LYS B NZ  1 
ATOM   1267 N N   . LYS B 1 88 ? 2.191   -11.278 1.348   1.00 17.56  ? 752 LYS B N   1 
ATOM   1268 C CA  . LYS B 1 88 ? 2.183   -11.437 2.795   1.00 22.13  ? 752 LYS B CA  1 
ATOM   1269 C C   . LYS B 1 88 ? 2.881   -12.737 3.200   1.00 26.02  ? 752 LYS B C   1 
ATOM   1270 O O   . LYS B 1 88 ? 2.767   -13.751 2.510   1.00 25.91  ? 752 LYS B O   1 
ATOM   1271 C CB  . LYS B 1 88 ? 0.744   -11.436 3.316   1.00 22.34  ? 752 LYS B CB  1 
ATOM   1272 C CG  . LYS B 1 88 ? -0.032  -10.166 2.990   1.00 22.25  ? 752 LYS B CG  1 
ATOM   1273 C CD  . LYS B 1 88 ? 0.646   -8.934  3.571   1.00 22.14  ? 752 LYS B CD  1 
ATOM   1274 C CE  . LYS B 1 88 ? 0.661   -8.952  5.091   1.00 22.31  ? 752 LYS B CE  1 
ATOM   1275 N NZ  . LYS B 1 88 ? 1.332   -7.741  5.640   1.00 22.41  ? 752 LYS B NZ  1 
ATOM   1276 N N   . GLN B 1 89 ? 3.602   -12.700 4.315   1.00 27.65  ? 753 GLN B N   1 
ATOM   1277 C CA  . GLN B 1 89 ? 4.310   -13.879 4.804   1.00 31.87  ? 753 GLN B CA  1 
ATOM   1278 C C   . GLN B 1 89 ? 3.344   -14.885 5.421   1.00 34.01  ? 753 GLN B C   1 
ATOM   1279 O O   . GLN B 1 89 ? 2.144   -14.555 5.542   1.00 34.32  ? 753 GLN B O   1 
ATOM   1280 C CB  . GLN B 1 89 ? 5.360   -13.478 5.842   1.00 86.01  ? 753 GLN B CB  1 
ATOM   1281 C CG  . GLN B 1 89 ? 4.795   -12.750 7.048   1.00 88.41  ? 753 GLN B CG  1 
ATOM   1282 C CD  . GLN B 1 89 ? 5.845   -12.470 8.106   1.00 89.98  ? 753 GLN B CD  1 
ATOM   1283 O OE1 . GLN B 1 89 ? 5.574   -11.800 9.102   1.00 90.42  ? 753 GLN B OE1 1 
ATOM   1284 N NE2 . GLN B 1 89 ? 7.050   -12.986 7.897   1.00 89.74  ? 753 GLN B NE2 1 
ATOM   1285 N N   . ALA C 2 1  ? -22.655 18.602  8.904   1.00 20.41  ? 1   ALA C N   1 
ATOM   1286 C CA  . ALA C 2 1  ? -23.558 17.777  8.052   1.00 17.84  ? 1   ALA C CA  1 
ATOM   1287 C C   . ALA C 2 1  ? -23.673 16.355  8.596   1.00 17.20  ? 1   ALA C C   1 
ATOM   1288 O O   . ALA C 2 1  ? -22.890 15.941  9.456   1.00 16.58  ? 1   ALA C O   1 
ATOM   1289 C CB  . ALA C 2 1  ? -23.031 17.748  6.617   1.00 24.47  ? 1   ALA C CB  1 
ATOM   1290 N N   . THR C 2 2  ? -24.651 15.609  8.092   1.00 15.34  ? 2   THR C N   1 
ATOM   1291 C CA  . THR C 2 2  ? -24.855 14.230  8.533   1.00 13.98  ? 2   THR C CA  1 
ATOM   1292 C C   . THR C 2 2  ? -23.690 13.338  8.111   1.00 12.72  ? 2   THR C C   1 
ATOM   1293 O O   . THR C 2 2  ? -23.247 13.376  6.960   1.00 14.18  ? 2   THR C O   1 
ATOM   1294 C CB  . THR C 2 2  ? -26.165 13.659  7.966   1.00 19.71  ? 2   THR C CB  1 
ATOM   1295 O OG1 . THR C 2 2  ? -27.266 14.424  8.475   1.00 22.45  ? 2   THR C OG1 1 
ATOM   1296 C CG2 . THR C 2 2  ? -26.334 12.200  8.370   1.00 18.27  ? 2   THR C CG2 1 
ATOM   1297 N N   . VAL C 2 3  ? -23.199 12.548  9.065   1.00 13.48  ? 3   VAL C N   1 
ATOM   1298 C CA  . VAL C 2 3  ? -22.081 11.634  8.842   1.00 12.48  ? 3   VAL C CA  1 
ATOM   1299 C C   . VAL C 2 3  ? -22.650 10.242  8.604   1.00 15.25  ? 3   VAL C C   1 
ATOM   1300 O O   . VAL C 2 3  ? -23.376 9.712   9.444   1.00 17.67  ? 3   VAL C O   1 
ATOM   1301 C CB  . VAL C 2 3  ? -21.140 11.578  10.070  1.00 19.35  ? 3   VAL C CB  1 
ATOM   1302 C CG1 . VAL C 2 3  ? -19.950 10.652  9.778   1.00 17.44  ? 3   VAL C CG1 1 
ATOM   1303 C CG2 . VAL C 2 3  ? -20.648 12.982  10.427  1.00 17.44  ? 3   VAL C CG2 1 
ATOM   1304 N N   . ARG C 2 4  ? -22.338 9.663   7.451   1.00 13.69  ? 4   ARG C N   1 
ATOM   1305 C CA  . ARG C 2 4  ? -22.823 8.334   7.130   1.00 14.86  ? 4   ARG C CA  1 
ATOM   1306 C C   . ARG C 2 4  ? -21.649 7.368   7.061   1.00 16.72  ? 4   ARG C C   1 
ATOM   1307 O O   . ARG C 2 4  ? -20.506 7.774   6.851   1.00 17.29  ? 4   ARG C O   1 
ATOM   1308 C CB  . ARG C 2 4  ? -23.586 8.365   5.806   1.00 14.46  ? 4   ARG C CB  1 
ATOM   1309 C CG  . ARG C 2 4  ? -24.808 9.285   5.860   1.00 15.95  ? 4   ARG C CG  1 
ATOM   1310 C CD  . ARG C 2 4  ? -25.676 9.186   4.620   1.00 20.31  ? 4   ARG C CD  1 
ATOM   1311 N NE  . ARG C 2 4  ? -26.829 10.079  4.726   1.00 26.49  ? 4   ARG C NE  1 
ATOM   1312 C CZ  . ARG C 2 4  ? -26.768 11.401  4.598   1.00 29.42  ? 4   ARG C CZ  1 
ATOM   1313 N NH1 . ARG C 2 4  ? -25.606 11.995  4.349   1.00 33.24  ? 4   ARG C NH1 1 
ATOM   1314 N NH2 . ARG C 2 4  ? -27.867 12.133  4.735   1.00 32.12  ? 4   ARG C NH2 1 
ATOM   1315 N N   . THR C 2 5  ? -21.937 6.089   7.266   1.00 11.10  ? 5   THR C N   1 
ATOM   1316 C CA  . THR C 2 5  ? -20.908 5.055   7.240   1.00 14.43  ? 5   THR C CA  1 
ATOM   1317 C C   . THR C 2 5  ? -21.237 4.067   6.122   1.00 15.58  ? 5   THR C C   1 
ATOM   1318 O O   . THR C 2 5  ? -22.395 3.693   5.925   1.00 15.13  ? 5   THR C O   1 
ATOM   1319 C CB  . THR C 2 5  ? -20.833 4.331   8.606   1.00 17.49  ? 5   THR C CB  1 
ATOM   1320 O OG1 . THR C 2 5  ? -20.471 5.281   9.621   1.00 19.68  ? 5   THR C OG1 1 
ATOM   1321 C CG2 . THR C 2 5  ? -19.794 3.231   8.576   1.00 16.49  ? 5   THR C CG2 1 
ATOM   1322 N N   . TYR C 2 6  ? -20.210 3.649   5.392   1.00 16.65  ? 6   TYR C N   1 
ATOM   1323 C CA  . TYR C 2 6  ? -20.398 2.748   4.259   1.00 16.30  ? 6   TYR C CA  1 
ATOM   1324 C C   . TYR C 2 6  ? -19.399 1.595   4.321   1.00 14.73  ? 6   TYR C C   1 
ATOM   1325 O O   . TYR C 2 6  ? -18.197 1.820   4.420   1.00 11.90  ? 6   TYR C O   1 
ATOM   1326 C CB  . TYR C 2 6  ? -20.196 3.545   2.964   1.00 12.44  ? 6   TYR C CB  1 
ATOM   1327 C CG  . TYR C 2 6  ? -20.542 2.795   1.696   1.00 16.02  ? 6   TYR C CG  1 
ATOM   1328 C CD1 . TYR C 2 6  ? -21.867 2.669   1.271   1.00 17.54  ? 6   TYR C CD1 1 
ATOM   1329 C CD2 . TYR C 2 6  ? -19.541 2.211   0.923   1.00 16.87  ? 6   TYR C CD2 1 
ATOM   1330 C CE1 . TYR C 2 6  ? -22.185 1.977   0.092   1.00 18.70  ? 6   TYR C CE1 1 
ATOM   1331 C CE2 . TYR C 2 6  ? -19.846 1.518   -0.244  1.00 18.43  ? 6   TYR C CE2 1 
ATOM   1332 C CZ  . TYR C 2 6  ? -21.163 1.407   -0.654  1.00 19.32  ? 6   TYR C CZ  1 
ATOM   1333 O OH  . TYR C 2 6  ? -21.445 0.716   -1.811  1.00 22.23  ? 6   TYR C OH  1 
ATOM   1334 N N   . SER C 2 7  ? -19.904 0.364   4.267   1.00 18.66  ? 7   SER C N   1 
ATOM   1335 C CA  . SER C 2 7  ? -19.053 -0.818  4.305   1.00 20.13  ? 7   SER C CA  1 
ATOM   1336 C C   . SER C 2 7  ? -18.684 -1.207  2.871   1.00 19.27  ? 7   SER C C   1 
ATOM   1337 O O   . SER C 2 7  ? -19.522 -1.146  1.971   1.00 17.83  ? 7   SER C O   1 
ATOM   1338 C CB  . SER C 2 7  ? -19.799 -1.967  4.992   1.00 22.79  ? 7   SER C CB  1 
ATOM   1339 O OG  . SER C 2 7  ? -18.935 -3.051  5.271   1.00 27.82  ? 7   SER C OG  1 
ATOM   1340 N N   . CYS C 2 8  ? -17.428 -1.589  2.654   1.00 18.08  ? 8   CYS C N   1 
ATOM   1341 C CA  . CYS C 2 8  ? -16.981 -1.975  1.315   1.00 19.20  ? 8   CYS C CA  1 
ATOM   1342 C C   . CYS C 2 8  ? -15.792 -2.933  1.351   1.00 20.06  ? 8   CYS C C   1 
ATOM   1343 O O   . CYS C 2 8  ? -15.231 -3.200  0.261   1.00 18.20  ? 8   CYS C O   1 
ATOM   1344 C CB  . CYS C 2 8  ? -16.608 -0.725  0.503   1.00 24.41  ? 8   CYS C CB  1 
ATOM   1345 S SG  . CYS C 2 8  ? -15.316 0.311   1.254   1.00 25.38  ? 8   CYS C SG  1 
ATOM   1346 O OXT . CYS C 2 8  ? -15.439 -3.413  2.449   1.00 24.29  ? 8   CYS C OXT 1 
ATOM   1347 N N   . ALA D 2 1  ? 23.681  -19.050 -0.588  1.00 57.72  ? 1   ALA D N   1 
ATOM   1348 C CA  . ALA D 2 1  ? 23.253  -19.256 0.824   1.00 57.54  ? 1   ALA D CA  1 
ATOM   1349 C C   . ALA D 2 1  ? 23.523  -18.005 1.650   1.00 56.52  ? 1   ALA D C   1 
ATOM   1350 O O   . ALA D 2 1  ? 22.782  -17.696 2.581   1.00 55.92  ? 1   ALA D O   1 
ATOM   1351 C CB  . ALA D 2 1  ? 23.991  -20.449 1.427   1.00 59.86  ? 1   ALA D CB  1 
ATOM   1352 N N   . THR D 2 2  ? 24.589  -17.288 1.303   1.00 37.19  ? 2   THR D N   1 
ATOM   1353 C CA  . THR D 2 2  ? 24.947  -16.071 2.018   1.00 34.70  ? 2   THR D CA  1 
ATOM   1354 C C   . THR D 2 2  ? 23.816  -15.056 1.913   1.00 31.71  ? 2   THR D C   1 
ATOM   1355 O O   . THR D 2 2  ? 23.398  -14.692 0.813   1.00 32.10  ? 2   THR D O   1 
ATOM   1356 C CB  . THR D 2 2  ? 26.236  -15.442 1.446   1.00 47.28  ? 2   THR D CB  1 
ATOM   1357 O OG1 . THR D 2 2  ? 27.325  -16.362 1.596   1.00 48.77  ? 2   THR D OG1 1 
ATOM   1358 C CG2 . THR D 2 2  ? 26.569  -14.148 2.177   1.00 46.87  ? 2   THR D CG2 1 
ATOM   1359 N N   . VAL D 2 3  ? 23.313  -14.618 3.064   1.00 34.73  ? 3   VAL D N   1 
ATOM   1360 C CA  . VAL D 2 3  ? 22.238  -13.638 3.096   1.00 31.73  ? 3   VAL D CA  1 
ATOM   1361 C C   . VAL D 2 3  ? 22.822  -12.243 3.291   1.00 29.14  ? 3   VAL D C   1 
ATOM   1362 O O   . VAL D 2 3  ? 23.620  -12.014 4.202   1.00 28.78  ? 3   VAL D O   1 
ATOM   1363 C CB  . VAL D 2 3  ? 21.238  -13.930 4.242   1.00 31.14  ? 3   VAL D CB  1 
ATOM   1364 C CG1 . VAL D 2 3  ? 20.173  -12.839 4.292   1.00 31.82  ? 3   VAL D CG1 1 
ATOM   1365 C CG2 . VAL D 2 3  ? 20.588  -15.288 4.034   1.00 30.11  ? 3   VAL D CG2 1 
ATOM   1366 N N   . ARG D 2 4  ? 22.434  -11.315 2.423   1.00 23.85  ? 4   ARG D N   1 
ATOM   1367 C CA  . ARG D 2 4  ? 22.914  -9.944  2.510   1.00 21.63  ? 4   ARG D CA  1 
ATOM   1368 C C   . ARG D 2 4  ? 21.737  -8.989  2.675   1.00 20.76  ? 4   ARG D C   1 
ATOM   1369 O O   . ARG D 2 4  ? 20.591  -9.341  2.398   1.00 20.54  ? 4   ARG D O   1 
ATOM   1370 C CB  . ARG D 2 4  ? 23.698  -9.567  1.247   1.00 30.89  ? 4   ARG D CB  1 
ATOM   1371 C CG  . ARG D 2 4  ? 24.926  -10.426 0.995   1.00 29.89  ? 4   ARG D CG  1 
ATOM   1372 C CD  . ARG D 2 4  ? 25.719  -9.946  -0.219  1.00 27.81  ? 4   ARG D CD  1 
ATOM   1373 N NE  . ARG D 2 4  ? 26.868  -10.809 -0.469  1.00 25.49  ? 4   ARG D NE  1 
ATOM   1374 C CZ  . ARG D 2 4  ? 26.786  -12.019 -1.009  1.00 25.95  ? 4   ARG D CZ  1 
ATOM   1375 N NH1 . ARG D 2 4  ? 25.608  -12.510 -1.371  1.00 25.60  ? 4   ARG D NH1 1 
ATOM   1376 N NH2 . ARG D 2 4  ? 27.880  -12.750 -1.171  1.00 26.71  ? 4   ARG D NH2 1 
ATOM   1377 N N   . THR D 2 5  ? 22.024  -7.780  3.138   1.00 21.65  ? 5   THR D N   1 
ATOM   1378 C CA  . THR D 2 5  ? 20.983  -6.781  3.318   1.00 21.56  ? 5   THR D CA  1 
ATOM   1379 C C   . THR D 2 5  ? 21.314  -5.527  2.526   1.00 21.51  ? 5   THR D C   1 
ATOM   1380 O O   . THR D 2 5  ? 22.471  -5.285  2.166   1.00 22.36  ? 5   THR D O   1 
ATOM   1381 C CB  . THR D 2 5  ? 20.831  -6.387  4.796   1.00 30.50  ? 5   THR D CB  1 
ATOM   1382 O OG1 . THR D 2 5  ? 22.048  -5.794  5.259   1.00 31.03  ? 5   THR D OG1 1 
ATOM   1383 C CG2 . THR D 2 5  ? 20.509  -7.605  5.642   1.00 31.26  ? 5   THR D CG2 1 
ATOM   1384 N N   . TYR D 2 6  ? 20.288  -4.735  2.247   1.00 20.99  ? 6   TYR D N   1 
ATOM   1385 C CA  . TYR D 2 6  ? 20.452  -3.483  1.521   1.00 20.97  ? 6   TYR D CA  1 
ATOM   1386 C C   . TYR D 2 6  ? 19.463  -2.485  2.109   1.00 22.00  ? 6   TYR D C   1 
ATOM   1387 O O   . TYR D 2 6  ? 18.267  -2.768  2.191   1.00 22.45  ? 6   TYR D O   1 
ATOM   1388 C CB  . TYR D 2 6  ? 20.166  -3.674  0.027   1.00 31.49  ? 6   TYR D CB  1 
ATOM   1389 C CG  . TYR D 2 6  ? 20.166  -2.380  -0.763  1.00 29.57  ? 6   TYR D CG  1 
ATOM   1390 C CD1 . TYR D 2 6  ? 21.333  -1.630  -0.924  1.00 27.65  ? 6   TYR D CD1 1 
ATOM   1391 C CD2 . TYR D 2 6  ? 18.985  -1.885  -1.323  1.00 28.39  ? 6   TYR D CD2 1 
ATOM   1392 C CE1 . TYR D 2 6  ? 21.323  -0.418  -1.624  1.00 26.93  ? 6   TYR D CE1 1 
ATOM   1393 C CE2 . TYR D 2 6  ? 18.965  -0.678  -2.020  1.00 28.32  ? 6   TYR D CE2 1 
ATOM   1394 C CZ  . TYR D 2 6  ? 20.132  0.048   -2.166  1.00 27.36  ? 6   TYR D CZ  1 
ATOM   1395 O OH  . TYR D 2 6  ? 20.100  1.243   -2.849  1.00 25.22  ? 6   TYR D OH  1 
ATOM   1396 N N   . SER D 2 7  ? 19.964  -1.328  2.533   1.00 26.54  ? 7   SER D N   1 
ATOM   1397 C CA  . SER D 2 7  ? 19.103  -0.299  3.104   1.00 27.92  ? 7   SER D CA  1 
ATOM   1398 C C   . SER D 2 7  ? 18.874  0.822   2.102   1.00 29.52  ? 7   SER D C   1 
ATOM   1399 O O   . SER D 2 7  ? 19.818  1.325   1.487   1.00 29.10  ? 7   SER D O   1 
ATOM   1400 C CB  . SER D 2 7  ? 19.718  0.261   4.384   1.00 34.18  ? 7   SER D CB  1 
ATOM   1401 O OG  . SER D 2 7  ? 19.785  -0.746  5.374   1.00 36.38  ? 7   SER D OG  1 
ATOM   1402 N N   . CYS D 2 8  ? 17.613  1.211   1.941   1.00 27.55  ? 8   CYS D N   1 
ATOM   1403 C CA  . CYS D 2 8  ? 17.250  2.264   0.998   1.00 30.61  ? 8   CYS D CA  1 
ATOM   1404 C C   . CYS D 2 8  ? 16.075  3.097   1.504   1.00 30.89  ? 8   CYS D C   1 
ATOM   1405 O O   . CYS D 2 8  ? 15.504  3.845   0.684   1.00 30.71  ? 8   CYS D O   1 
ATOM   1406 C CB  . CYS D 2 8  ? 16.878  1.640   -0.349  1.00 30.11  ? 8   CYS D CB  1 
ATOM   1407 S SG  . CYS D 2 8  ? 15.505  0.464   -0.236  1.00 34.67  ? 8   CYS D SG  1 
ATOM   1408 O OXT . CYS D 2 8  ? 15.747  2.997   2.702   1.00 28.42  ? 8   CYS D OXT 1 
HETATM 1409 O O   . HOH E 3 .  ? -15.319 15.168  0.876   1.00 12.07  ? 1   HOH A O   1 
HETATM 1410 O O   . HOH E 3 .  ? -11.133 12.742  1.678   1.00 23.93  ? 2   HOH A O   1 
HETATM 1411 O O   . HOH E 3 .  ? -17.507 14.977  2.015   1.00 16.24  ? 3   HOH A O   1 
HETATM 1412 O O   . HOH E 3 .  ? -13.188 14.382  0.292   1.00 20.85  ? 4   HOH A O   1 
HETATM 1413 O O   . HOH E 3 .  ? -6.599  -0.101  11.844  1.00 22.81  ? 6   HOH A O   1 
HETATM 1414 O O   . HOH E 3 .  ? -12.217 5.939   -11.795 1.00 24.25  ? 9   HOH A O   1 
HETATM 1415 O O   . HOH E 3 .  ? -10.237 -5.986  7.065   1.00 22.67  ? 14  HOH A O   1 
HETATM 1416 O O   . HOH E 3 .  ? -4.534  -3.144  8.145   1.00 25.92  ? 15  HOH A O   1 
HETATM 1417 O O   . HOH E 3 .  ? -16.714 13.469  4.265   1.00 21.48  ? 16  HOH A O   1 
HETATM 1418 O O   . HOH E 3 .  ? -16.389 -6.600  5.568   1.00 23.19  ? 17  HOH A O   1 
HETATM 1419 O O   . HOH E 3 .  ? -17.369 21.807  1.736   1.00 25.96  ? 19  HOH A O   1 
HETATM 1420 O O   . HOH E 3 .  ? -2.231  2.891   6.838   1.00 25.46  ? 20  HOH A O   1 
HETATM 1421 O O   . HOH E 3 .  ? -19.649 18.635  8.405   1.00 30.31  ? 21  HOH A O   1 
HETATM 1422 O O   . HOH E 3 .  ? 4.820   8.006   0.063   1.00 25.56  ? 24  HOH A O   1 
HETATM 1423 O O   . HOH E 3 .  ? -14.235 2.650   -9.492  1.00 21.74  ? 25  HOH A O   1 
HETATM 1424 O O   . HOH E 3 .  ? -6.682  6.072   -6.584  1.00 23.38  ? 27  HOH A O   1 
HETATM 1425 O O   . HOH E 3 .  ? -11.855 10.095  -12.822 1.00 28.63  ? 28  HOH A O   1 
HETATM 1426 O O   . HOH E 3 .  ? -12.494 -8.704  2.930   1.00 20.61  ? 38  HOH A O   1 
HETATM 1427 O O   . HOH E 3 .  ? -4.468  7.327   -7.262  1.00 33.37  ? 39  HOH A O   1 
HETATM 1428 O O   . HOH E 3 .  ? -11.846 -9.703  -0.310  1.00 31.59  ? 40  HOH A O   1 
HETATM 1429 O O   . HOH E 3 .  ? -23.586 7.374   -4.691  1.00 22.50  ? 41  HOH A O   1 
HETATM 1430 O O   . HOH E 3 .  ? -11.776 17.055  0.148   1.00 21.60  ? 42  HOH A O   1 
HETATM 1431 O O   . HOH E 3 .  ? -6.817  -4.268  12.712  1.00 30.23  ? 46  HOH A O   1 
HETATM 1432 O O   . HOH E 3 .  ? -7.099  5.982   -14.505 1.00 28.14  ? 49  HOH A O   1 
HETATM 1433 O O   . HOH E 3 .  ? -9.320  9.422   -13.213 1.00 35.17  ? 53  HOH A O   1 
HETATM 1434 O O   . HOH E 3 .  ? -14.205 -8.422  5.134   1.00 22.77  ? 56  HOH A O   1 
HETATM 1435 O O   . HOH E 3 .  ? -21.625 3.180   -9.257  1.00 27.21  ? 59  HOH A O   1 
HETATM 1436 O O   . HOH E 3 .  ? -11.698 16.470  -7.227  1.00 27.13  ? 60  HOH A O   1 
HETATM 1437 O O   . HOH E 3 .  ? -1.293  -3.677  10.125  1.00 21.71  ? 61  HOH A O   1 
HETATM 1438 O O   . HOH E 3 .  ? -22.409 17.739  -1.935  1.00 26.00  ? 63  HOH A O   1 
HETATM 1439 O O   . HOH E 3 .  ? -20.577 23.443  1.042   1.00 28.79  ? 65  HOH A O   1 
HETATM 1440 O O   . HOH E 3 .  ? -24.144 5.689   -6.942  1.00 31.44  ? 66  HOH A O   1 
HETATM 1441 O O   . HOH E 3 .  ? -3.140  -5.741  10.387  1.00 31.81  ? 67  HOH A O   1 
HETATM 1442 O O   . HOH E 3 .  ? -24.666 15.554  -2.265  1.00 30.11  ? 68  HOH A O   1 
HETATM 1443 O O   . HOH E 3 .  ? -7.664  0.259   -9.891  1.00 32.05  ? 69  HOH A O   1 
HETATM 1444 O O   . HOH E 3 .  ? -22.621 12.542  -5.688  1.00 36.05  ? 70  HOH A O   1 
HETATM 1445 O O   . HOH E 3 .  ? -3.843  7.668   9.488   1.00 28.29  ? 73  HOH A O   1 
HETATM 1446 O O   . HOH E 3 .  ? -13.897 11.921  -8.695  1.00 36.42  ? 75  HOH A O   1 
HETATM 1447 O O   . HOH E 3 .  ? -18.465 18.393  -5.197  1.00 28.92  ? 77  HOH A O   1 
HETATM 1448 O O   . HOH E 3 .  ? -4.720  -3.699  10.979  1.00 29.60  ? 78  HOH A O   1 
HETATM 1449 O O   . HOH E 3 .  ? -8.026  -1.720  13.258  1.00 37.17  ? 81  HOH A O   1 
HETATM 1450 O O   . HOH E 3 .  ? -9.642  12.721  -10.649 1.00 25.66  ? 82  HOH A O   1 
HETATM 1451 O O   . HOH E 3 .  ? -8.539  10.778  10.574  1.00 31.69  ? 83  HOH A O   1 
HETATM 1452 O O   . HOH E 3 .  ? -12.931 20.155  -5.821  1.00 26.68  ? 84  HOH A O   1 
HETATM 1453 O O   . HOH E 3 .  ? -15.020 20.662  5.024   1.00 26.57  ? 85  HOH A O   1 
HETATM 1454 O O   . HOH E 3 .  ? -8.368  14.270  -2.493  1.00 33.77  ? 87  HOH A O   1 
HETATM 1455 O O   . HOH E 3 .  ? -13.436 4.977   13.875  1.00 45.30  ? 88  HOH A O   1 
HETATM 1456 O O   . HOH E 3 .  ? 3.892   11.800  0.832   1.00 43.58  ? 89  HOH A O   1 
HETATM 1457 O O   . HOH E 3 .  ? -10.767 -5.556  13.307  1.00 31.56  ? 91  HOH A O   1 
HETATM 1458 O O   . HOH E 3 .  ? -10.639 16.915  3.396   1.00 33.04  ? 93  HOH A O   1 
HETATM 1459 O O   . HOH E 3 .  ? -19.643 14.195  -6.614  1.00 44.33  ? 97  HOH A O   1 
HETATM 1460 O O   . HOH E 3 .  ? -20.112 8.093   12.586  1.00 33.58  ? 98  HOH A O   1 
HETATM 1461 O O   . HOH E 3 .  ? 0.032   13.047  6.652   1.00 37.07  ? 100 HOH A O   1 
HETATM 1462 O O   . HOH E 3 .  ? -15.089 -7.005  12.584  1.00 29.00  ? 102 HOH A O   1 
HETATM 1463 O O   . HOH E 3 .  ? -8.377  21.613  -6.856  1.00 33.66  ? 103 HOH A O   1 
HETATM 1464 O O   . HOH E 3 .  ? -0.069  8.455   -3.434  1.00 41.08  ? 104 HOH A O   1 
HETATM 1465 O O   . HOH E 3 .  ? -1.901  7.563   -6.637  1.00 34.30  ? 106 HOH A O   1 
HETATM 1466 O O   . HOH E 3 .  ? -15.333 20.720  -5.146  1.00 23.53  ? 107 HOH A O   1 
HETATM 1467 O O   . HOH E 3 .  ? -6.375  24.003  -4.434  1.00 34.58  ? 109 HOH A O   1 
HETATM 1468 O O   . HOH E 3 .  ? -15.316 -10.763 10.733  1.00 35.40  ? 113 HOH A O   1 
HETATM 1469 O O   . HOH E 3 .  ? -12.572 12.570  -11.672 1.00 46.97  ? 115 HOH A O   1 
HETATM 1470 O O   . HOH E 3 .  ? -12.164 20.011  5.979   1.00 31.92  ? 116 HOH A O   1 
HETATM 1471 O O   . HOH E 3 .  ? -1.879  -5.350  -6.092  1.00 35.25  ? 119 HOH A O   1 
HETATM 1472 O O   . HOH E 3 .  ? -4.684  3.625   12.601  1.00 42.29  ? 132 HOH A O   1 
HETATM 1473 O O   . HOH E 3 .  ? -13.383 0.925   14.504  1.00 37.63  ? 134 HOH A O   1 
HETATM 1474 O O   . HOH E 3 .  ? -1.781  -11.744 6.595   1.00 26.80  ? 135 HOH A O   1 
HETATM 1475 O O   . HOH E 3 .  ? -12.233 -1.735  13.331  1.00 29.47  ? 136 HOH A O   1 
HETATM 1476 O O   . HOH E 3 .  ? -23.959 18.467  3.162   1.00 45.68  ? 137 HOH A O   1 
HETATM 1477 O O   . HOH E 3 .  ? -6.416  13.287  -5.218  1.00 30.38  ? 138 HOH A O   1 
HETATM 1478 O O   . HOH E 3 .  ? -16.097 -3.065  10.527  1.00 31.95  ? 139 HOH A O   1 
HETATM 1479 O O   . HOH E 3 .  ? -4.750  6.711   11.672  1.00 45.12  ? 140 HOH A O   1 
HETATM 1480 O O   . HOH E 3 .  ? -20.679 10.682  -9.510  1.00 31.00  ? 143 HOH A O   1 
HETATM 1481 O O   . HOH E 3 .  ? -7.300  16.380  -6.626  1.00 40.42  ? 144 HOH A O   1 
HETATM 1482 O O   . HOH E 3 .  ? -6.626  -10.309 10.264  1.00 50.81  ? 149 HOH A O   1 
HETATM 1483 O O   . HOH E 3 .  ? -0.446  16.743  15.519  1.00 27.72  ? 151 HOH A O   1 
HETATM 1484 O O   . HOH E 3 .  ? -14.515 16.183  -11.192 1.00 48.99  ? 153 HOH A O   1 
HETATM 1485 O O   . HOH E 3 .  ? -5.335  10.635  -8.124  1.00 37.45  ? 156 HOH A O   1 
HETATM 1486 O O   . HOH E 3 .  ? -4.666  0.991   13.551  1.00 41.05  ? 157 HOH A O   1 
HETATM 1487 O O   . HOH E 3 .  ? -20.983 20.841  7.113   1.00 50.16  ? 159 HOH A O   1 
HETATM 1488 O O   . HOH E 3 .  ? -16.406 20.449  8.483   1.00 34.24  ? 162 HOH A O   1 
HETATM 1489 O O   . HOH E 3 .  ? -9.897  -14.349 6.695   1.00 46.94  ? 164 HOH A O   1 
HETATM 1490 O O   . HOH E 3 .  ? -9.203  15.686  -0.233  1.00 32.09  ? 165 HOH A O   1 
HETATM 1491 O O   . HOH E 3 .  ? -18.096 4.734   10.913  1.00 29.55  ? 166 HOH A O   1 
HETATM 1492 O O   . HOH E 3 .  ? -9.372  14.680  2.303   1.00 36.77  ? 172 HOH A O   1 
HETATM 1493 O O   . HOH E 3 .  ? -11.369 -1.119  -10.061 1.00 32.07  ? 175 HOH A O   1 
HETATM 1494 O O   . HOH E 3 .  ? -9.935  -3.934  -11.733 1.00 35.64  ? 180 HOH A O   1 
HETATM 1495 O O   . HOH E 3 .  ? -0.471  8.774   11.254  1.00 39.47  ? 185 HOH A O   1 
HETATM 1496 O O   . HOH E 3 .  ? -9.123  17.089  -8.339  1.00 34.59  ? 187 HOH A O   1 
HETATM 1497 O O   . HOH E 3 .  ? -5.908  15.528  -3.197  1.00 37.33  ? 194 HOH A O   1 
HETATM 1498 O O   . HOH E 3 .  ? -14.628 -3.644  13.457  1.00 31.81  ? 198 HOH A O   1 
HETATM 1499 O O   . HOH E 3 .  ? -4.105  -9.864  10.238  1.00 40.72  ? 200 HOH A O   1 
HETATM 1500 O O   . HOH E 3 .  ? -8.885  13.413  9.762   1.00 33.03  ? 201 HOH A O   1 
HETATM 1501 O O   . HOH E 3 .  ? -14.325 22.175  8.331   1.00 40.95  ? 204 HOH A O   1 
HETATM 1502 O O   . HOH E 3 .  ? -15.300 -2.955  8.092   1.00 41.94  ? 205 HOH A O   1 
HETATM 1503 O O   . HOH E 3 .  ? -22.312 9.970   -7.249  1.00 42.95  ? 209 HOH A O   1 
HETATM 1504 O O   . HOH E 3 .  ? -22.086 -2.412  -6.938  1.00 40.78  ? 210 HOH A O   1 
HETATM 1505 O O   . HOH E 3 .  ? -0.990  14.046  12.921  1.00 45.33  ? 211 HOH A O   1 
HETATM 1506 O O   . HOH E 3 .  ? -17.483 7.235   11.982  1.00 46.69  ? 214 HOH A O   1 
HETATM 1507 O O   . HOH E 3 .  ? -9.265  19.812  -8.675  1.00 48.28  ? 216 HOH A O   1 
HETATM 1508 O O   . HOH E 3 .  ? -12.061 -6.241  -12.860 1.00 44.93  ? 219 HOH A O   1 
HETATM 1509 O O   . HOH E 3 .  ? -1.707  4.289   11.111  1.00 48.89  ? 222 HOH A O   1 
HETATM 1510 O O   . HOH E 3 .  ? -17.315 2.221   11.497  1.00 43.30  ? 223 HOH A O   1 
HETATM 1511 O O   . HOH E 3 .  ? -16.403 22.764  4.143   1.00 41.24  ? 226 HOH A O   1 
HETATM 1512 O O   . HOH E 3 .  ? -14.053 -11.067 6.928   1.00 47.23  ? 227 HOH A O   1 
HETATM 1513 O O   . HOH E 3 .  ? -12.593 14.600  -9.090  1.00 42.09  ? 235 HOH A O   1 
HETATM 1514 O O   . HOH E 3 .  ? -4.630  14.109  7.248   1.00 46.40  ? 236 HOH A O   1 
HETATM 1515 O O   . HOH F 3 .  ? 6.165   -3.438  -8.774  1.00 22.00  ? 7   HOH B O   1 
HETATM 1516 O O   . HOH F 3 .  ? 10.769  3.453   7.825   1.00 24.32  ? 8   HOH B O   1 
HETATM 1517 O O   . HOH F 3 .  ? 11.892  -11.998 -13.250 1.00 28.86  ? 11  HOH B O   1 
HETATM 1518 O O   . HOH F 3 .  ? 13.670  0.499   -11.524 1.00 29.12  ? 13  HOH B O   1 
HETATM 1519 O O   . HOH F 3 .  ? -4.721  -7.431  -2.207  1.00 23.84  ? 22  HOH B O   1 
HETATM 1520 O O   . HOH F 3 .  ? 4.714   -5.363  3.777   1.00 28.16  ? 26  HOH B O   1 
HETATM 1521 O O   . HOH F 3 .  ? 4.839   0.365   8.026   1.00 28.29  ? 29  HOH B O   1 
HETATM 1522 O O   . HOH F 3 .  ? 11.890  -1.491  -11.888 1.00 23.51  ? 30  HOH B O   1 
HETATM 1523 O O   . HOH F 3 .  ? 6.970   -4.281  10.541  1.00 28.40  ? 31  HOH B O   1 
HETATM 1524 O O   . HOH F 3 .  ? 22.413  -9.283  -10.557 1.00 27.36  ? 32  HOH B O   1 
HETATM 1525 O O   . HOH F 3 .  ? 15.510  -14.355 -5.588  1.00 16.99  ? 34  HOH B O   1 
HETATM 1526 O O   . HOH F 3 .  ? 17.639  -14.416 -4.312  1.00 23.17  ? 37  HOH B O   1 
HETATM 1527 O O   . HOH F 3 .  ? 9.767   6.967   -10.331 1.00 27.11  ? 44  HOH B O   1 
HETATM 1528 O O   . HOH F 3 .  ? 16.911  -13.862 -1.876  1.00 25.03  ? 45  HOH B O   1 
HETATM 1529 O O   . HOH F 3 .  ? 13.239  -13.444 -5.794  1.00 45.89  ? 48  HOH B O   1 
HETATM 1530 O O   . HOH F 3 .  ? 6.655   3.686   -9.462  1.00 33.81  ? 50  HOH B O   1 
HETATM 1531 O O   . HOH F 3 .  ? 6.246   10.327  0.973   1.00 29.84  ? 52  HOH B O   1 
HETATM 1532 O O   . HOH F 3 .  ? 22.945  -11.319 -2.044  1.00 31.85  ? 54  HOH B O   1 
HETATM 1533 O O   . HOH F 3 .  ? 3.557   -3.595  -9.654  1.00 25.13  ? 55  HOH B O   1 
HETATM 1534 O O   . HOH F 3 .  ? 20.182  -10.050 -11.930 1.00 27.19  ? 62  HOH B O   1 
HETATM 1535 O O   . HOH F 3 .  ? 22.242  -15.297 -9.118  1.00 33.00  ? 74  HOH B O   1 
HETATM 1536 O O   . HOH F 3 .  ? 17.039  -2.205  -15.607 1.00 28.88  ? 76  HOH B O   1 
HETATM 1537 O O   . HOH F 3 .  ? 16.619  5.004   6.258   1.00 39.65  ? 79  HOH B O   1 
HETATM 1538 O O   . HOH F 3 .  ? 25.137  -0.780  -4.073  1.00 33.39  ? 80  HOH B O   1 
HETATM 1539 O O   . HOH F 3 .  ? 17.538  -6.268  8.303   1.00 30.15  ? 90  HOH B O   1 
HETATM 1540 O O   . HOH F 3 .  ? 23.115  -4.157  -8.242  1.00 47.31  ? 92  HOH B O   1 
HETATM 1541 O O   . HOH F 3 .  ? 11.699  9.854   1.838   1.00 29.11  ? 94  HOH B O   1 
HETATM 1542 O O   . HOH F 3 .  ? 8.647   -12.503 -7.809  1.00 30.69  ? 96  HOH B O   1 
HETATM 1543 O O   . HOH F 3 .  ? 2.448   2.679   -9.205  1.00 32.18  ? 99  HOH B O   1 
HETATM 1544 O O   . HOH F 3 .  ? 11.109  9.956   -10.931 1.00 26.51  ? 105 HOH B O   1 
HETATM 1545 O O   . HOH F 3 .  ? 15.094  -14.984 1.965   1.00 39.84  ? 108 HOH B O   1 
HETATM 1546 O O   . HOH F 3 .  ? 5.029   -0.103  10.738  1.00 42.10  ? 110 HOH B O   1 
HETATM 1547 O O   . HOH F 3 .  ? 15.751  2.396   13.084  1.00 30.73  ? 111 HOH B O   1 
HETATM 1548 O O   . HOH F 3 .  ? 13.573  8.575   10.901  1.00 39.51  ? 112 HOH B O   1 
HETATM 1549 O O   . HOH F 3 .  ? 12.514  7.345   4.989   1.00 25.27  ? 114 HOH B O   1 
HETATM 1550 O O   . HOH F 3 .  ? 1.036   -0.786  10.589  1.00 34.97  ? 117 HOH B O   1 
HETATM 1551 O O   . HOH F 3 .  ? 2.018   8.555   10.283  1.00 43.18  ? 120 HOH B O   1 
HETATM 1552 O O   . HOH F 3 .  ? 21.060  -6.182  -12.824 1.00 27.75  ? 121 HOH B O   1 
HETATM 1553 O O   . HOH F 3 .  ? 11.990  -16.004 -7.248  1.00 29.30  ? 123 HOH B O   1 
HETATM 1554 O O   . HOH F 3 .  ? 4.392   -0.234  -15.351 1.00 32.34  ? 125 HOH B O   1 
HETATM 1555 O O   . HOH F 3 .  ? 3.523   -9.960  7.668   1.00 40.90  ? 126 HOH B O   1 
HETATM 1556 O O   . HOH F 3 .  ? 16.175  6.322   -9.417  1.00 38.19  ? 128 HOH B O   1 
HETATM 1557 O O   . HOH F 3 .  ? 6.950   -12.860 -12.780 1.00 30.77  ? 129 HOH B O   1 
HETATM 1558 O O   . HOH F 3 .  ? 2.767   6.713   -10.564 1.00 35.10  ? 131 HOH B O   1 
HETATM 1559 O O   . HOH F 3 .  ? 7.335   -13.540 3.240   1.00 31.11  ? 133 HOH B O   1 
HETATM 1560 O O   . HOH F 3 .  ? 5.346   -19.165 -2.463  1.00 40.42  ? 141 HOH B O   1 
HETATM 1561 O O   . HOH F 3 .  ? 23.497  -11.719 -11.287 1.00 44.56  ? 142 HOH B O   1 
HETATM 1562 O O   . HOH F 3 .  ? 22.315  0.350   -10.540 1.00 33.90  ? 145 HOH B O   1 
HETATM 1563 O O   . HOH F 3 .  ? 13.514  -9.454  10.075  1.00 47.04  ? 146 HOH B O   1 
HETATM 1564 O O   . HOH F 3 .  ? -0.623  6.256   -8.606  1.00 33.82  ? 147 HOH B O   1 
HETATM 1565 O O   . HOH F 3 .  ? 9.635   10.798  11.216  1.00 40.63  ? 148 HOH B O   1 
HETATM 1566 O O   . HOH F 3 .  ? 5.634   -7.783  10.476  1.00 31.98  ? 150 HOH B O   1 
HETATM 1567 O O   . HOH F 3 .  ? 3.164   13.252  -1.398  1.00 38.25  ? 152 HOH B O   1 
HETATM 1568 O O   . HOH F 3 .  ? 4.291   0.566   -11.925 1.00 42.64  ? 158 HOH B O   1 
HETATM 1569 O O   . HOH F 3 .  ? 23.109  -6.788  -11.058 1.00 39.28  ? 160 HOH B O   1 
HETATM 1570 O O   . HOH F 3 .  ? 6.802   -16.945 -0.608  1.00 37.12  ? 161 HOH B O   1 
HETATM 1571 O O   . HOH F 3 .  ? -4.415  -17.893 2.331   1.00 47.62  ? 163 HOH B O   1 
HETATM 1572 O O   . HOH F 3 .  ? -8.648  -16.365 -3.128  1.00 38.20  ? 167 HOH B O   1 
HETATM 1573 O O   . HOH F 3 .  ? 15.929  0.522   6.738   1.00 33.30  ? 169 HOH B O   1 
HETATM 1574 O O   . HOH F 3 .  ? 11.144  -12.296 -3.880  1.00 28.78  ? 170 HOH B O   1 
HETATM 1575 O O   . HOH F 3 .  ? 14.397  6.518   6.681   1.00 39.66  ? 174 HOH B O   1 
HETATM 1576 O O   . HOH F 3 .  ? 5.609   -14.440 1.391   1.00 43.47  ? 178 HOH B O   1 
HETATM 1577 O O   . HOH F 3 .  ? 16.754  -13.008 3.473   1.00 40.76  ? 182 HOH B O   1 
HETATM 1578 O O   . HOH F 3 .  ? -0.138  1.793   -7.780  1.00 47.44  ? 184 HOH B O   1 
HETATM 1579 O O   . HOH F 3 .  ? 0.783   -12.055 6.970   1.00 39.34  ? 186 HOH B O   1 
HETATM 1580 O O   . HOH F 3 .  ? 15.152  -0.130  -14.185 1.00 41.39  ? 188 HOH B O   1 
HETATM 1581 O O   . HOH F 3 .  ? 25.586  -6.258  -12.464 1.00 30.90  ? 189 HOH B O   1 
HETATM 1582 O O   . HOH F 3 .  ? 10.430  -13.505 -6.153  1.00 48.11  ? 190 HOH B O   1 
HETATM 1583 O O   . HOH F 3 .  ? 9.526   -13.764 5.979   1.00 38.45  ? 191 HOH B O   1 
HETATM 1584 O O   . HOH F 3 .  ? 5.655   -7.747  -12.487 1.00 44.72  ? 192 HOH B O   1 
HETATM 1585 O O   . HOH F 3 .  ? 0.573   -14.772 0.948   1.00 33.88  ? 197 HOH B O   1 
HETATM 1586 O O   . HOH F 3 .  ? 18.340  -10.934 6.995   1.00 42.62  ? 199 HOH B O   1 
HETATM 1587 O O   . HOH F 3 .  ? -1.672  3.951   -9.175  1.00 44.13  ? 202 HOH B O   1 
HETATM 1588 O O   . HOH F 3 .  ? 19.926  -19.851 0.563   1.00 43.41  ? 206 HOH B O   1 
HETATM 1589 O O   . HOH F 3 .  ? 1.306   -4.908  -8.730  1.00 39.00  ? 207 HOH B O   1 
HETATM 1590 O O   . HOH F 3 .  ? 2.018   -7.966  8.261   1.00 46.15  ? 208 HOH B O   1 
HETATM 1591 O O   . HOH F 3 .  ? -0.291  -6.906  8.515   1.00 47.90  ? 212 HOH B O   1 
HETATM 1592 O O   . HOH F 3 .  ? 15.336  8.665   -2.980  1.00 38.85  ? 213 HOH B O   1 
HETATM 1593 O O   . HOH F 3 .  ? 4.788   -17.723 -5.000  1.00 47.41  ? 215 HOH B O   1 
HETATM 1594 O O   . HOH F 3 .  ? 2.012   -17.643 4.811   1.00 48.92  ? 217 HOH B O   1 
HETATM 1595 O O   . HOH F 3 .  ? 13.137  -2.747  11.933  1.00 42.54  ? 220 HOH B O   1 
HETATM 1596 O O   . HOH F 3 .  ? -5.690  -16.075 -2.409  1.00 38.99  ? 221 HOH B O   1 
HETATM 1597 O O   . HOH F 3 .  ? 15.661  -0.226  12.338  1.00 47.62  ? 224 HOH B O   1 
HETATM 1598 O O   . HOH F 3 .  ? 5.568   -13.374 -8.850  1.00 43.85  ? 228 HOH B O   1 
HETATM 1599 O O   . HOH F 3 .  ? 11.172  -16.611 -3.880  1.00 43.47  ? 229 HOH B O   1 
HETATM 1600 O O   . HOH F 3 .  ? 7.470   -18.109 -5.737  1.00 40.44  ? 230 HOH B O   1 
HETATM 1601 O O   . HOH F 3 .  ? 0.270   -11.278 -9.165  1.00 44.77  ? 231 HOH B O   1 
HETATM 1602 O O   . HOH F 3 .  ? 7.171   6.986   -11.592 1.00 39.19  ? 232 HOH B O   1 
HETATM 1603 O O   . HOH F 3 .  ? 20.244  5.619   -7.533  1.00 43.54  ? 233 HOH B O   1 
HETATM 1604 O O   . HOH F 3 .  ? 16.911  -16.854 -13.665 1.00 40.71  ? 234 HOH B O   1 
HETATM 1605 O O   . HOH F 3 .  ? 19.837  -4.309  9.076   1.00 47.65  ? 237 HOH B O   1 
HETATM 1606 O O   . HOH F 3 .  ? -3.953  -18.680 -2.967  1.00 48.37  ? 239 HOH B O   1 
HETATM 1607 O O   . HOH F 3 .  ? 7.157   6.127   12.444  1.00 46.01  ? 240 HOH B O   1 
HETATM 1608 O O   . HOH G 3 .  ? -25.851 9.231   10.419  1.00 19.44  ? 9   HOH C O   1 
HETATM 1609 O O   . HOH G 3 .  ? -17.118 -4.594  4.065   1.00 20.05  ? 10  HOH C O   1 
HETATM 1610 O O   . HOH G 3 .  ? -22.144 7.355   10.570  1.00 21.06  ? 11  HOH C O   1 
HETATM 1611 O O   . HOH G 3 .  ? -24.107 14.753  4.770   1.00 23.06  ? 12  HOH C O   1 
HETATM 1612 O O   . HOH G 3 .  ? -23.170 21.193  8.600   1.00 48.46  ? 13  HOH C O   1 
HETATM 1613 O O   . HOH G 3 .  ? -27.937 9.001   8.542   1.00 26.72  ? 14  HOH C O   1 
HETATM 1614 O O   . HOH G 3 .  ? -19.286 -5.358  2.321   1.00 22.46  ? 15  HOH C O   1 
HETATM 1615 O O   . HOH G 3 .  ? -19.193 -4.002  7.857   1.00 22.43  ? 16  HOH C O   1 
HETATM 1616 O O   . HOH G 3 .  ? -22.852 11.136  3.659   1.00 37.59  ? 17  HOH C O   1 
HETATM 1617 O O   . HOH G 3 .  ? -23.615 22.753  10.969  1.00 34.90  ? 18  HOH C O   1 
HETATM 1618 O O   . HOH G 3 .  ? -17.179 -3.280  -2.313  1.00 37.45  ? 19  HOH C O   1 
HETATM 1619 O O   . HOH G 3 .  ? -29.928 10.180  6.980   1.00 40.20  ? 20  HOH C O   1 
HETATM 1620 O O   . HOH G 3 .  ? -26.577 16.887  6.132   1.00 32.55  ? 21  HOH C O   1 
HETATM 1621 O O   . HOH G 3 .  ? -21.290 -4.784  6.876   1.00 39.51  ? 22  HOH C O   1 
HETATM 1622 O O   . HOH G 3 .  ? -26.994 15.023  3.619   1.00 33.73  ? 23  HOH C O   1 
HETATM 1623 O O   . HOH G 3 .  ? -24.326 0.403   -2.078  1.00 28.44  ? 24  HOH C O   1 
HETATM 1624 O O   . HOH G 3 .  ? -28.496 18.669  6.003   1.00 48.83  ? 25  HOH C O   1 
HETATM 1625 O O   . HOH G 3 .  ? -22.070 -5.203  9.775   1.00 44.96  ? 26  HOH C O   1 
HETATM 1626 O O   . HOH G 3 .  ? -26.440 19.277  4.533   1.00 39.22  ? 27  HOH C O   1 
HETATM 1627 O O   . HOH G 3 .  ? -19.280 -4.724  -0.490  1.00 36.11  ? 28  HOH C O   1 
HETATM 1628 O O   . HOH H 3 .  ? 24.058  -15.480 -1.711  1.00 27.47  ? 47  HOH D O   1 
HETATM 1629 O O   . HOH H 3 .  ? 22.433  1.817   1.504   1.00 28.78  ? 51  HOH D O   1 
HETATM 1630 O O   . HOH H 3 .  ? 22.931  -0.765  2.235   1.00 32.52  ? 57  HOH D O   1 
HETATM 1631 O O   . HOH H 3 .  ? 16.901  2.573   5.085   1.00 31.99  ? 58  HOH D O   1 
HETATM 1632 O O   . HOH H 3 .  ? 17.944  2.912   -3.639  1.00 25.00  ? 71  HOH D O   1 
HETATM 1633 O O   . HOH H 3 .  ? 24.977  -7.586  3.803   1.00 24.05  ? 72  HOH D O   1 
HETATM 1634 O O   . HOH H 3 .  ? 23.025  -12.404 0.130   1.00 36.02  ? 95  HOH D O   1 
HETATM 1635 O O   . HOH H 3 .  ? 29.607  -15.230 0.391   1.00 35.51  ? 101 HOH D O   1 
HETATM 1636 O O   . HOH H 3 .  ? 26.867  -15.303 -2.576  1.00 46.57  ? 122 HOH D O   1 
HETATM 1637 O O   . HOH H 3 .  ? 21.964  2.952   -3.254  1.00 30.83  ? 130 HOH D O   1 
HETATM 1638 O O   . HOH H 3 .  ? 24.364  -5.688  0.159   1.00 38.70  ? 155 HOH D O   1 
HETATM 1639 O O   . HOH H 3 .  ? 24.951  -3.680  -1.699  1.00 34.57  ? 177 HOH D O   1 
HETATM 1640 O O   . HOH H 3 .  ? 16.253  4.651   -1.874  1.00 47.43  ? 181 HOH D O   1 
HETATM 1641 O O   . HOH H 3 .  ? 26.465  -6.762  1.357   1.00 36.89  ? 183 HOH D O   1 
HETATM 1642 O O   . HOH H 3 .  ? 21.148  5.203   -4.375  1.00 40.22  ? 218 HOH D O   1 
HETATM 1643 O O   . HOH H 3 .  ? 26.382  -11.257 4.535   1.00 45.83  ? 225 HOH D O   1 
HETATM 1644 O O   . HOH H 3 .  ? 26.688  -18.111 -0.471  1.00 45.52  ? 238 HOH D O   1 
# 
